data_7FAJ
#
_entry.id   7FAJ
#
_cell.length_a   75.296
_cell.length_b   99.339
_cell.length_c   207.141
_cell.angle_alpha   90.000
_cell.angle_beta   90.000
_cell.angle_gamma   90.000
#
_symmetry.space_group_name_H-M   'P 21 21 2'
#
loop_
_entity.id
_entity.type
_entity.pdbx_description
1 polymer 'Histone-arginine methyltransferase CARM1'
2 non-polymer "N'-[[3-[4-(3,5-dimethyl-1,2-oxazol-4-yl)-5-methyl-6-phenylazanyl-pyrimidin-2-yl]phenyl]methyl]-N-methyl-ethane-1,2-diamine"
3 water water
#
_entity_poly.entity_id   1
_entity_poly.type   'polypeptide(L)'
_entity_poly.pdbx_seq_one_letter_code
;EESSAVQYFQFYGYLSQQQNMMQDYVRTGTYQRAILQNHTDFKDKIVLDVGCGSGILSFFAAQAGARKIYAVEASTMAQH
AEVLVKSNNLTDRIVVIPGKVEEVSLPEQVDIIISEPMGYMLFNERMLESYLHAKKYLKPSGNMFPTIGDVHLAPFTDEQ
LYMEQFTKANFWYQPSFHGVDLSALRGAAVDEYFRQPVVDTFDIRILMAKSVKYTVNFLEAKEGDLHRIEIPFKFHMLHS
GLVHGLAFWFDVAFIGSIMTVWLSTAPTEPLTHWYQVRCLFQSPLFAKAGDTLSGTCLLIANKRQSYDISIVAQVDQTGS
KSSNLLDLKNPFFRYT
;
_entity_poly.pdbx_strand_id   A,B,C,D
#
# COMPACT_ATOMS: atom_id res chain seq x y z
N SER A 3 -38.57 4.28 6.60
CA SER A 3 -38.12 5.42 5.80
C SER A 3 -36.86 6.02 6.40
N SER A 4 -37.02 6.64 7.55
CA SER A 4 -35.86 6.95 8.38
C SER A 4 -35.11 5.68 8.75
N ALA A 5 -35.84 4.57 8.94
CA ALA A 5 -35.20 3.30 9.29
C ALA A 5 -34.48 2.70 8.10
N VAL A 6 -34.98 2.96 6.89
CA VAL A 6 -34.26 2.58 5.67
C VAL A 6 -32.82 3.09 5.75
N GLN A 7 -32.67 4.39 6.02
CA GLN A 7 -31.35 4.99 6.11
C GLN A 7 -30.54 4.41 7.25
N TYR A 8 -31.20 4.13 8.39
CA TYR A 8 -30.48 3.62 9.55
C TYR A 8 -29.79 2.30 9.21
N PHE A 9 -30.50 1.40 8.55
CA PHE A 9 -29.93 0.10 8.26
C PHE A 9 -28.96 0.15 7.09
N GLN A 10 -29.12 1.13 6.18
CA GLN A 10 -28.13 1.27 5.11
C GLN A 10 -26.80 1.79 5.65
N PHE A 11 -26.86 2.74 6.60
CA PHE A 11 -25.66 3.21 7.28
C PHE A 11 -24.81 2.04 7.77
N TYR A 12 -25.43 0.99 8.30
CA TYR A 12 -24.70 -0.12 8.87
C TYR A 12 -24.34 -1.18 7.83
N GLY A 13 -24.84 -1.06 6.59
CA GLY A 13 -24.38 -1.89 5.51
C GLY A 13 -22.97 -1.60 5.01
N TYR A 14 -22.27 -0.60 5.55
CA TYR A 14 -20.94 -0.21 5.09
C TYR A 14 -19.84 -0.82 5.95
N LEU A 15 -18.95 -1.60 5.31
CA LEU A 15 -17.78 -2.15 6.00
C LEU A 15 -16.94 -1.04 6.65
N SER A 16 -16.95 0.17 6.08
CA SER A 16 -16.20 1.26 6.69
C SER A 16 -16.83 1.70 8.01
N GLN A 17 -18.15 1.54 8.16
CA GLN A 17 -18.72 1.88 9.45
C GLN A 17 -18.41 0.79 10.47
N GLN A 18 -18.45 -0.48 10.05
CA GLN A 18 -18.01 -1.58 10.92
C GLN A 18 -16.57 -1.39 11.35
N GLN A 19 -15.72 -0.94 10.43
CA GLN A 19 -14.30 -0.76 10.70
C GLN A 19 -14.07 0.37 11.71
N ASN A 20 -14.87 1.44 11.62
CA ASN A 20 -14.74 2.53 12.57
C ASN A 20 -14.94 2.04 14.00
N MET A 21 -15.91 1.16 14.20
CA MET A 21 -16.18 0.60 15.52
C MET A 21 -15.14 -0.46 15.90
N MET A 22 -14.72 -1.27 14.92
CA MET A 22 -13.73 -2.29 15.21
C MET A 22 -12.41 -1.68 15.61
N GLN A 23 -12.03 -0.56 14.99
CA GLN A 23 -10.76 0.11 15.26
C GLN A 23 -10.75 0.83 16.60
N ASP A 24 -11.92 1.07 17.19
CA ASP A 24 -12.01 1.50 18.58
C ASP A 24 -11.49 0.37 19.46
N TYR A 25 -10.26 0.49 19.93
CA TYR A 25 -9.65 -0.61 20.67
C TYR A 25 -10.25 -0.76 22.07
N VAL A 26 -10.53 0.36 22.75
CA VAL A 26 -11.19 0.29 24.05
C VAL A 26 -12.52 -0.45 23.94
N ARG A 27 -13.31 -0.16 22.90
CA ARG A 27 -14.57 -0.87 22.71
C ARG A 27 -14.32 -2.34 22.42
N THR A 28 -13.56 -2.62 21.36
CA THR A 28 -13.43 -3.98 20.87
C THR A 28 -12.67 -4.85 21.86
N GLY A 29 -11.57 -4.33 22.40
CA GLY A 29 -10.80 -5.08 23.38
C GLY A 29 -11.57 -5.34 24.66
N THR A 30 -12.40 -4.38 25.10
CA THR A 30 -13.14 -4.60 26.34
C THR A 30 -14.20 -5.68 26.17
N TYR A 31 -14.90 -5.67 25.03
CA TYR A 31 -15.82 -6.76 24.73
C TYR A 31 -15.11 -8.12 24.70
N GLN A 32 -13.94 -8.19 24.04
CA GLN A 32 -13.18 -9.43 24.02
C GLN A 32 -12.83 -9.91 25.42
N ARG A 33 -12.30 -9.01 26.24
CA ARG A 33 -11.93 -9.35 27.61
C ARG A 33 -13.14 -9.71 28.46
N ALA A 34 -14.25 -8.99 28.30
CA ALA A 34 -15.45 -9.33 29.07
C ALA A 34 -15.91 -10.74 28.74
N ILE A 35 -15.87 -11.12 27.46
CA ILE A 35 -16.37 -12.42 27.08
C ILE A 35 -15.40 -13.52 27.46
N LEU A 36 -14.12 -13.35 27.09
CA LEU A 36 -13.10 -14.37 27.32
C LEU A 36 -12.90 -14.64 28.80
N GLN A 37 -12.64 -13.59 29.59
CA GLN A 37 -12.47 -13.73 31.03
C GLN A 37 -13.76 -14.13 31.77
N ASN A 38 -14.88 -14.32 31.07
CA ASN A 38 -16.06 -14.93 31.66
C ASN A 38 -16.44 -16.19 30.89
N HIS A 39 -15.42 -17.03 30.61
CA HIS A 39 -15.60 -18.16 29.69
C HIS A 39 -16.63 -19.15 30.19
N THR A 40 -16.84 -19.19 31.50
CA THR A 40 -17.84 -20.08 32.07
C THR A 40 -19.25 -19.63 31.70
N ASP A 41 -19.45 -18.34 31.44
CA ASP A 41 -20.73 -17.90 30.90
C ASP A 41 -20.93 -18.34 29.45
N PHE A 42 -19.86 -18.70 28.74
CA PHE A 42 -20.00 -19.01 27.32
C PHE A 42 -19.70 -20.47 26.96
N LYS A 43 -18.88 -21.17 27.74
CA LYS A 43 -18.51 -22.53 27.36
C LYS A 43 -19.73 -23.42 27.19
N ASP A 44 -19.91 -23.93 25.98
CA ASP A 44 -21.00 -24.85 25.63
C ASP A 44 -22.39 -24.20 25.75
N LYS A 45 -22.47 -22.88 25.81
CA LYS A 45 -23.77 -22.24 25.93
C LYS A 45 -24.35 -21.92 24.55
N ILE A 46 -25.63 -21.58 24.54
CA ILE A 46 -26.30 -21.02 23.37
C ILE A 46 -26.40 -19.52 23.57
N VAL A 47 -25.97 -18.75 22.57
CA VAL A 47 -25.85 -17.30 22.70
C VAL A 47 -26.48 -16.62 21.49
N LEU A 48 -27.14 -15.49 21.76
CA LEU A 48 -27.75 -14.64 20.75
C LEU A 48 -26.94 -13.34 20.66
N ASP A 49 -26.52 -12.99 19.44
CA ASP A 49 -25.76 -11.77 19.15
C ASP A 49 -26.70 -10.78 18.43
N VAL A 50 -27.17 -9.77 19.14
CA VAL A 50 -28.17 -8.85 18.60
C VAL A 50 -27.46 -7.75 17.81
N GLY A 51 -27.73 -7.69 16.51
CA GLY A 51 -27.14 -6.68 15.66
C GLY A 51 -25.64 -6.92 15.53
N CYS A 52 -25.30 -8.12 15.06
CA CYS A 52 -23.92 -8.61 15.08
C CYS A 52 -23.00 -7.88 14.10
N GLY A 53 -23.55 -7.12 13.15
CA GLY A 53 -22.74 -6.45 12.16
C GLY A 53 -21.79 -7.41 11.48
N SER A 54 -20.49 -7.12 11.52
CA SER A 54 -19.50 -8.00 10.91
C SER A 54 -19.39 -9.34 11.61
N GLY A 55 -19.95 -9.47 12.82
CA GLY A 55 -19.91 -10.70 13.56
C GLY A 55 -18.82 -10.79 14.61
N ILE A 56 -18.07 -9.72 14.85
CA ILE A 56 -16.90 -9.79 15.73
C ILE A 56 -17.27 -10.32 17.11
N LEU A 57 -18.45 -9.93 17.63
CA LEU A 57 -18.85 -10.42 18.95
C LEU A 57 -19.12 -11.92 18.92
N SER A 58 -19.73 -12.41 17.84
CA SER A 58 -20.02 -13.83 17.73
C SER A 58 -18.75 -14.67 17.71
N PHE A 59 -17.67 -14.17 17.09
CA PHE A 59 -16.39 -14.89 17.12
C PHE A 59 -15.80 -14.90 18.52
N PHE A 60 -15.91 -13.78 19.24
CA PHE A 60 -15.42 -13.74 20.62
C PHE A 60 -16.15 -14.76 21.49
N ALA A 61 -17.46 -14.93 21.29
CA ALA A 61 -18.17 -15.96 22.03
C ALA A 61 -17.70 -17.36 21.65
N ALA A 62 -17.30 -17.55 20.38
CA ALA A 62 -16.76 -18.84 19.94
C ALA A 62 -15.37 -19.09 20.53
N GLN A 63 -14.51 -18.07 20.56
CA GLN A 63 -13.23 -18.17 21.24
C GLN A 63 -13.39 -18.50 22.72
N ALA A 64 -14.55 -18.20 23.29
CA ALA A 64 -14.86 -18.49 24.67
C ALA A 64 -15.48 -19.87 24.86
N GLY A 65 -15.78 -20.59 23.79
CA GLY A 65 -16.27 -21.93 23.86
C GLY A 65 -17.76 -22.19 23.62
N ALA A 66 -18.50 -21.22 23.08
CA ALA A 66 -19.93 -21.39 22.94
C ALA A 66 -20.26 -22.49 21.94
N ARG A 67 -21.36 -23.19 22.20
CA ARG A 67 -21.73 -24.33 21.37
C ARG A 67 -22.51 -23.91 20.14
N LYS A 68 -23.41 -22.94 20.28
CA LYS A 68 -24.20 -22.43 19.17
C LYS A 68 -24.42 -20.94 19.36
N ILE A 69 -24.20 -20.18 18.29
CA ILE A 69 -24.31 -18.72 18.32
C ILE A 69 -25.24 -18.28 17.21
N TYR A 70 -26.36 -17.67 17.58
CA TYR A 70 -27.24 -17.06 16.59
C TYR A 70 -26.88 -15.58 16.50
N ALA A 71 -26.47 -15.17 15.30
CA ALA A 71 -26.05 -13.79 15.03
C ALA A 71 -27.11 -13.15 14.16
N VAL A 72 -27.88 -12.21 14.72
CA VAL A 72 -28.96 -11.55 14.02
C VAL A 72 -28.47 -10.21 13.52
N GLU A 73 -28.75 -9.89 12.25
CA GLU A 73 -28.28 -8.66 11.65
C GLU A 73 -29.25 -8.27 10.53
N ALA A 74 -29.72 -7.04 10.57
CA ALA A 74 -30.76 -6.56 9.67
C ALA A 74 -30.22 -5.87 8.43
N SER A 75 -28.99 -5.37 8.47
CA SER A 75 -28.45 -4.67 7.32
C SER A 75 -27.85 -5.68 6.33
N THR A 76 -27.44 -5.17 5.17
CA THR A 76 -26.75 -6.00 4.19
C THR A 76 -25.44 -6.55 4.73
N MET A 77 -24.95 -6.00 5.85
CA MET A 77 -23.77 -6.54 6.52
C MET A 77 -23.93 -8.01 6.90
N ALA A 78 -25.16 -8.51 7.00
CA ALA A 78 -25.35 -9.93 7.29
C ALA A 78 -24.69 -10.83 6.25
N GLN A 79 -24.67 -10.41 4.98
CA GLN A 79 -23.99 -11.19 3.95
C GLN A 79 -22.48 -11.21 4.18
N HIS A 80 -21.93 -10.14 4.73
CA HIS A 80 -20.48 -10.11 4.96
C HIS A 80 -20.10 -10.95 6.17
N ALA A 81 -20.95 -10.97 7.19
CA ALA A 81 -20.69 -11.82 8.34
C ALA A 81 -20.77 -13.30 7.96
N GLU A 82 -21.71 -13.65 7.09
CA GLU A 82 -21.79 -15.02 6.60
C GLU A 82 -20.48 -15.45 5.94
N VAL A 83 -19.95 -14.62 5.05
CA VAL A 83 -18.66 -14.89 4.43
C VAL A 83 -17.57 -15.11 5.49
N LEU A 84 -17.59 -14.28 6.54
CA LEU A 84 -16.58 -14.41 7.59
C LEU A 84 -16.71 -15.71 8.36
N VAL A 85 -17.95 -16.16 8.58
CA VAL A 85 -18.15 -17.38 9.34
C VAL A 85 -17.61 -18.58 8.56
N LYS A 86 -17.89 -18.63 7.25
CA LYS A 86 -17.39 -19.73 6.42
C LYS A 86 -15.87 -19.74 6.36
N SER A 87 -15.26 -18.58 6.05
CA SER A 87 -13.82 -18.52 5.87
C SER A 87 -13.06 -18.73 7.18
N ASN A 88 -13.70 -18.52 8.33
CA ASN A 88 -13.10 -18.87 9.61
C ASN A 88 -13.49 -20.27 10.09
N ASN A 89 -14.24 -21.03 9.27
CA ASN A 89 -14.54 -22.44 9.51
C ASN A 89 -15.46 -22.64 10.71
N LEU A 90 -16.37 -21.69 10.96
CA LEU A 90 -17.28 -21.76 12.09
C LEU A 90 -18.72 -21.96 11.68
N THR A 91 -18.98 -22.51 10.49
CA THR A 91 -20.37 -22.67 10.09
C THR A 91 -21.12 -23.65 10.99
N ASP A 92 -20.40 -24.43 11.80
CA ASP A 92 -21.07 -25.31 12.76
C ASP A 92 -21.59 -24.52 13.95
N ARG A 93 -20.78 -23.59 14.46
CA ARG A 93 -21.06 -22.93 15.73
C ARG A 93 -21.77 -21.58 15.59
N ILE A 94 -21.63 -20.88 14.47
CA ILE A 94 -22.24 -19.56 14.30
C ILE A 94 -23.22 -19.61 13.15
N VAL A 95 -24.45 -19.15 13.40
CA VAL A 95 -25.52 -19.14 12.42
C VAL A 95 -25.98 -17.69 12.25
N VAL A 96 -25.78 -17.14 11.06
CA VAL A 96 -26.23 -15.78 10.79
C VAL A 96 -27.69 -15.80 10.40
N ILE A 97 -28.46 -14.91 11.01
CA ILE A 97 -29.90 -14.83 10.76
C ILE A 97 -30.21 -13.43 10.26
N PRO A 98 -30.57 -13.27 8.99
CA PRO A 98 -30.79 -11.92 8.46
C PRO A 98 -32.16 -11.40 8.89
N GLY A 99 -32.19 -10.16 9.38
CA GLY A 99 -33.42 -9.51 9.73
C GLY A 99 -33.33 -8.87 11.09
N LYS A 100 -34.42 -8.19 11.46
CA LYS A 100 -34.52 -7.54 12.76
C LYS A 100 -34.74 -8.57 13.85
N VAL A 101 -34.27 -8.26 15.06
CA VAL A 101 -34.47 -9.19 16.17
C VAL A 101 -35.95 -9.34 16.49
N GLU A 102 -36.75 -8.32 16.18
CA GLU A 102 -38.19 -8.33 16.43
C GLU A 102 -38.96 -9.19 15.44
N GLU A 103 -38.35 -9.56 14.31
CA GLU A 103 -39.05 -10.27 13.25
C GLU A 103 -38.54 -11.66 12.96
N VAL A 104 -37.29 -11.98 13.33
CA VAL A 104 -36.72 -13.27 12.95
C VAL A 104 -37.31 -14.38 13.80
N SER A 105 -37.10 -15.62 13.38
CA SER A 105 -37.49 -16.82 14.11
C SER A 105 -36.25 -17.53 14.61
N LEU A 106 -36.08 -17.58 15.91
CA LEU A 106 -35.00 -18.40 16.44
C LEU A 106 -35.51 -19.80 16.74
N PRO A 107 -34.68 -20.83 16.54
CA PRO A 107 -35.13 -22.21 16.75
C PRO A 107 -35.09 -22.69 18.20
N GLU A 108 -34.42 -21.98 19.10
CA GLU A 108 -34.39 -22.38 20.50
C GLU A 108 -34.18 -21.14 21.35
N GLN A 109 -34.31 -21.32 22.67
CA GLN A 109 -33.98 -20.26 23.61
C GLN A 109 -32.48 -20.28 23.90
N VAL A 110 -31.97 -19.14 24.40
CA VAL A 110 -30.53 -18.95 24.53
C VAL A 110 -30.19 -18.72 26.00
N ASP A 111 -28.90 -18.92 26.32
CA ASP A 111 -28.39 -18.78 27.68
C ASP A 111 -27.84 -17.40 27.97
N ILE A 112 -27.47 -16.65 26.94
CA ILE A 112 -26.92 -15.31 27.14
C ILE A 112 -27.08 -14.55 25.83
N ILE A 113 -27.45 -13.27 25.97
CA ILE A 113 -27.54 -12.34 24.86
C ILE A 113 -26.35 -11.40 24.94
N ILE A 114 -25.70 -11.15 23.80
CA ILE A 114 -24.60 -10.20 23.71
C ILE A 114 -24.92 -9.18 22.61
N SER A 115 -24.48 -7.95 22.83
CA SER A 115 -24.79 -6.90 21.87
C SER A 115 -23.93 -5.71 22.21
N GLU A 116 -23.78 -4.84 21.23
CA GLU A 116 -23.21 -3.51 21.40
C GLU A 116 -24.31 -2.55 20.93
N PRO A 117 -25.25 -2.20 21.81
CA PRO A 117 -26.41 -1.44 21.37
C PRO A 117 -26.37 0.03 21.76
N MET A 118 -25.20 0.54 22.11
CA MET A 118 -25.07 1.90 22.62
C MET A 118 -24.82 2.88 21.48
N GLY A 119 -25.73 3.86 21.31
CA GLY A 119 -25.47 5.00 20.45
C GLY A 119 -24.74 6.07 21.21
N TYR A 120 -24.33 7.14 20.52
CA TYR A 120 -23.81 8.28 21.29
C TYR A 120 -24.89 8.78 22.23
N MET A 121 -24.44 9.29 23.38
CA MET A 121 -25.30 9.56 24.53
C MET A 121 -26.11 8.33 24.92
N LEU A 122 -25.56 7.14 24.62
CA LEU A 122 -26.12 5.85 24.97
C LEU A 122 -27.39 5.53 24.18
N PHE A 123 -28.37 6.44 24.24
CA PHE A 123 -29.74 6.14 23.83
C PHE A 123 -30.00 6.35 22.35
N ASN A 124 -29.17 7.12 21.64
CA ASN A 124 -29.39 7.31 20.21
C ASN A 124 -29.41 5.95 19.52
N GLU A 125 -30.23 5.87 18.46
CA GLU A 125 -30.44 4.71 17.60
C GLU A 125 -31.56 3.82 18.12
N ARG A 126 -31.89 3.96 19.42
CA ARG A 126 -32.95 3.15 20.04
C ARG A 126 -32.70 1.65 19.86
N MET A 127 -31.43 1.24 19.76
CA MET A 127 -31.12 -0.18 19.68
C MET A 127 -31.20 -0.89 21.04
N LEU A 128 -31.08 -0.16 22.15
CA LEU A 128 -31.37 -0.75 23.46
C LEU A 128 -32.75 -1.43 23.50
N GLU A 129 -33.73 -0.90 22.76
CA GLU A 129 -35.06 -1.52 22.77
C GLU A 129 -35.05 -2.85 22.04
N SER A 130 -34.27 -2.95 20.97
CA SER A 130 -34.14 -4.23 20.28
C SER A 130 -33.40 -5.23 21.15
N TYR A 131 -32.40 -4.76 21.87
CA TYR A 131 -31.68 -5.59 22.83
C TYR A 131 -32.63 -6.13 23.90
N LEU A 132 -33.40 -5.25 24.52
CA LEU A 132 -34.40 -5.65 25.52
C LEU A 132 -35.46 -6.56 24.91
N HIS A 133 -35.92 -6.24 23.70
CA HIS A 133 -36.91 -7.08 23.04
C HIS A 133 -36.40 -8.50 22.87
N ALA A 134 -35.10 -8.66 22.63
CA ALA A 134 -34.53 -9.98 22.41
C ALA A 134 -34.67 -10.89 23.62
N LYS A 135 -34.92 -10.34 24.81
CA LYS A 135 -35.05 -11.16 26.02
C LYS A 135 -36.19 -12.17 25.93
N LYS A 136 -37.08 -12.02 24.95
CA LYS A 136 -38.10 -13.03 24.70
C LYS A 136 -37.48 -14.38 24.30
N TYR A 137 -36.20 -14.38 23.89
CA TYR A 137 -35.45 -15.61 23.62
C TYR A 137 -34.56 -16.03 24.79
N LEU A 138 -34.47 -15.21 25.83
CA LEU A 138 -33.57 -15.50 26.95
C LEU A 138 -34.21 -16.50 27.90
N LYS A 139 -33.55 -17.64 28.11
CA LYS A 139 -33.95 -18.62 29.12
C LYS A 139 -34.08 -17.94 30.47
N PRO A 140 -34.98 -18.41 31.33
CA PRO A 140 -34.99 -17.89 32.72
C PRO A 140 -33.62 -18.09 33.36
N SER A 141 -33.14 -17.05 34.04
CA SER A 141 -31.79 -17.01 34.61
C SER A 141 -30.69 -16.96 33.55
N GLY A 142 -31.01 -16.55 32.32
CA GLY A 142 -29.97 -16.17 31.38
C GLY A 142 -29.33 -14.83 31.75
N ASN A 143 -28.21 -14.53 31.10
CA ASN A 143 -27.49 -13.28 31.34
C ASN A 143 -27.53 -12.39 30.11
N MET A 144 -27.24 -11.10 30.33
CA MET A 144 -27.11 -10.10 29.26
C MET A 144 -25.73 -9.50 29.32
N PHE A 145 -25.07 -9.40 28.17
CA PHE A 145 -23.74 -8.78 28.06
C PHE A 145 -23.82 -7.69 27.00
N PRO A 146 -23.91 -6.40 27.38
CA PRO A 146 -23.79 -5.85 28.74
C PRO A 146 -25.04 -6.02 29.59
N THR A 147 -24.82 -5.98 30.91
CA THR A 147 -25.83 -6.25 31.91
C THR A 147 -26.47 -4.97 32.45
N ILE A 148 -25.68 -3.91 32.55
CA ILE A 148 -26.03 -2.66 33.23
C ILE A 148 -25.54 -1.52 32.34
N GLY A 149 -26.30 -0.42 32.29
CA GLY A 149 -25.79 0.81 31.74
C GLY A 149 -26.03 2.01 32.65
N ASP A 150 -25.00 2.79 32.92
CA ASP A 150 -25.08 4.00 33.73
C ASP A 150 -24.92 5.20 32.81
N VAL A 151 -25.88 6.09 32.82
CA VAL A 151 -25.74 7.40 32.20
C VAL A 151 -25.30 8.38 33.27
N HIS A 152 -24.30 9.20 32.95
CA HIS A 152 -23.89 10.30 33.82
C HIS A 152 -24.18 11.66 33.19
N LEU A 153 -24.62 12.59 34.02
CA LEU A 153 -24.75 13.98 33.59
C LEU A 153 -24.18 14.91 34.65
N ALA A 154 -23.65 16.03 34.18
CA ALA A 154 -22.94 16.94 35.05
C ALA A 154 -23.02 18.33 34.43
N PRO A 155 -23.26 19.38 35.19
CA PRO A 155 -23.21 20.73 34.63
C PRO A 155 -21.78 21.07 34.22
N PHE A 156 -21.66 21.87 33.16
CA PHE A 156 -20.35 22.32 32.73
C PHE A 156 -20.38 23.82 32.50
N THR A 157 -19.20 24.43 32.56
CA THR A 157 -18.99 25.79 32.07
C THR A 157 -18.00 25.72 30.93
N ASP A 158 -18.36 26.33 29.79
CA ASP A 158 -17.51 26.41 28.60
C ASP A 158 -17.94 27.61 27.78
N GLU A 159 -17.42 28.79 28.14
CA GLU A 159 -17.88 30.03 27.53
C GLU A 159 -17.55 30.07 26.03
N GLN A 160 -16.42 29.51 25.63
CA GLN A 160 -16.05 29.54 24.22
C GLN A 160 -16.99 28.70 23.38
N LEU A 161 -17.40 27.53 23.88
CA LEU A 161 -18.38 26.71 23.17
C LEU A 161 -19.69 27.44 23.01
N TYR A 162 -20.13 28.14 24.06
CA TYR A 162 -21.38 28.87 24.02
C TYR A 162 -21.30 30.02 23.01
N MET A 163 -20.17 30.74 23.01
CA MET A 163 -20.07 31.92 22.15
C MET A 163 -19.94 31.52 20.70
N GLU A 164 -19.29 30.37 20.44
CA GLU A 164 -19.19 29.79 19.11
C GLU A 164 -20.56 29.68 18.42
N GLN A 165 -21.64 29.56 19.19
CA GLN A 165 -22.97 29.41 18.58
C GLN A 165 -23.47 30.71 18.00
N PHE A 166 -23.39 31.81 18.75
CA PHE A 166 -23.83 33.09 18.22
C PHE A 166 -22.89 33.58 17.15
N THR A 167 -21.63 33.19 17.23
CA THR A 167 -20.68 33.58 16.20
C THR A 167 -21.02 32.93 14.87
N LYS A 168 -21.47 31.67 14.89
CA LYS A 168 -21.87 31.04 13.64
C LYS A 168 -23.18 31.61 13.13
N ALA A 169 -24.13 31.88 14.02
CA ALA A 169 -25.42 32.36 13.56
C ALA A 169 -25.40 33.83 13.18
N ASN A 170 -24.38 34.58 13.59
CA ASN A 170 -24.33 35.98 13.23
C ASN A 170 -23.97 36.20 11.76
N PHE A 171 -23.66 35.13 11.02
CA PHE A 171 -23.67 35.23 9.56
C PHE A 171 -24.95 35.90 9.09
N TRP A 172 -26.08 35.58 9.73
CA TRP A 172 -27.36 36.08 9.28
C TRP A 172 -27.62 37.51 9.71
N TYR A 173 -26.79 38.09 10.59
CA TYR A 173 -27.01 39.47 11.04
C TYR A 173 -26.21 40.45 10.16
N GLN A 174 -26.63 40.51 8.90
CA GLN A 174 -26.06 41.41 7.89
C GLN A 174 -27.21 42.15 7.22
N PRO A 175 -27.31 43.48 7.34
CA PRO A 175 -28.36 44.20 6.62
C PRO A 175 -28.17 44.24 5.11
N SER A 176 -27.00 43.88 4.60
CA SER A 176 -26.79 43.93 3.15
C SER A 176 -25.78 42.84 2.75
N PHE A 177 -26.28 41.60 2.69
CA PHE A 177 -25.53 40.49 2.11
C PHE A 177 -25.84 40.50 0.62
N HIS A 178 -24.89 40.94 -0.19
CA HIS A 178 -25.16 41.20 -1.61
C HIS A 178 -26.44 42.01 -1.79
N GLY A 179 -26.65 42.99 -0.91
CA GLY A 179 -27.81 43.84 -0.96
C GLY A 179 -29.05 43.31 -0.27
N VAL A 180 -28.98 42.14 0.38
CA VAL A 180 -30.15 41.51 0.99
C VAL A 180 -29.99 41.59 2.50
N ASP A 181 -31.08 41.98 3.19
CA ASP A 181 -31.10 42.02 4.65
C ASP A 181 -31.40 40.63 5.15
N LEU A 182 -30.42 39.95 5.74
CA LEU A 182 -30.63 38.60 6.24
C LEU A 182 -31.08 38.55 7.69
N SER A 183 -31.08 39.68 8.39
CA SER A 183 -31.04 39.66 9.84
C SER A 183 -32.29 39.06 10.48
N ALA A 184 -33.44 39.05 9.80
CA ALA A 184 -34.63 38.45 10.37
C ALA A 184 -34.54 36.93 10.54
N LEU A 185 -33.48 36.28 10.06
CA LEU A 185 -33.32 34.84 10.22
C LEU A 185 -32.33 34.50 11.33
N ARG A 186 -31.70 35.52 11.92
CA ARG A 186 -30.65 35.27 12.90
C ARG A 186 -31.15 34.42 14.06
N GLY A 187 -32.35 34.73 14.56
CA GLY A 187 -32.91 33.98 15.68
C GLY A 187 -33.24 32.55 15.32
N ALA A 188 -33.76 32.33 14.12
CA ALA A 188 -33.94 30.97 13.65
C ALA A 188 -32.61 30.24 13.56
N ALA A 189 -31.53 30.94 13.20
CA ALA A 189 -30.24 30.27 13.06
C ALA A 189 -29.62 29.94 14.40
N VAL A 190 -29.68 30.88 15.35
CA VAL A 190 -29.38 30.59 16.75
C VAL A 190 -30.10 29.32 17.20
N ASP A 191 -31.44 29.33 17.08
CA ASP A 191 -32.26 28.18 17.48
C ASP A 191 -31.74 26.89 16.89
N GLU A 192 -31.43 26.89 15.59
CA GLU A 192 -30.98 25.66 14.95
C GLU A 192 -29.68 25.15 15.57
N TYR A 193 -28.75 26.05 15.91
CA TYR A 193 -27.50 25.57 16.50
C TYR A 193 -27.71 25.04 17.91
N PHE A 194 -28.51 25.73 18.73
CA PHE A 194 -28.75 25.24 20.08
C PHE A 194 -29.56 23.94 20.12
N ARG A 195 -30.26 23.57 19.04
CA ARG A 195 -30.98 22.29 19.03
C ARG A 195 -30.06 21.08 18.90
N GLN A 196 -28.78 21.28 18.60
CA GLN A 196 -27.87 20.19 18.30
C GLN A 196 -27.05 19.83 19.52
N PRO A 197 -27.11 18.60 19.99
CA PRO A 197 -26.10 18.16 20.97
C PRO A 197 -24.73 18.19 20.32
N VAL A 198 -23.73 18.52 21.13
CA VAL A 198 -22.35 18.66 20.67
C VAL A 198 -21.61 17.38 21.04
N VAL A 199 -21.29 16.58 20.03
CA VAL A 199 -20.53 15.35 20.23
C VAL A 199 -19.06 15.69 20.03
N ASP A 200 -18.32 15.78 21.14
CA ASP A 200 -16.88 15.65 21.14
C ASP A 200 -16.40 15.54 22.57
N THR A 201 -15.09 15.44 22.74
CA THR A 201 -14.54 15.26 24.07
C THR A 201 -14.20 16.61 24.68
N PHE A 202 -13.83 16.60 25.96
CA PHE A 202 -13.60 17.87 26.63
C PHE A 202 -12.71 17.68 27.84
N ASP A 203 -12.13 18.80 28.28
CA ASP A 203 -11.35 18.83 29.51
C ASP A 203 -12.27 18.74 30.71
N ILE A 204 -11.96 17.83 31.65
CA ILE A 204 -12.85 17.63 32.80
C ILE A 204 -12.89 18.85 33.72
N ARG A 205 -12.03 19.83 33.51
CA ARG A 205 -12.08 21.06 34.31
C ARG A 205 -13.25 21.98 33.94
N ILE A 206 -14.03 21.65 32.91
CA ILE A 206 -15.29 22.38 32.68
C ILE A 206 -16.43 21.91 33.59
N LEU A 207 -16.33 20.70 34.16
CA LEU A 207 -17.39 20.17 35.01
C LEU A 207 -17.44 20.93 36.34
N MET A 208 -18.65 21.17 36.84
CA MET A 208 -18.83 22.02 38.01
C MET A 208 -19.45 21.32 39.21
N ALA A 209 -19.85 20.06 39.07
CA ALA A 209 -20.48 19.30 40.15
C ALA A 209 -20.28 17.84 39.86
N LYS A 210 -20.31 17.02 40.91
CA LYS A 210 -20.25 15.59 40.71
C LYS A 210 -21.43 15.16 39.85
N SER A 211 -21.21 14.16 39.01
CA SER A 211 -22.22 13.72 38.07
C SER A 211 -23.41 13.08 38.80
N VAL A 212 -24.56 13.09 38.14
CA VAL A 212 -25.72 12.30 38.53
C VAL A 212 -25.73 11.05 37.67
N LYS A 213 -26.04 9.91 38.28
CA LYS A 213 -26.01 8.62 37.61
C LYS A 213 -27.43 8.09 37.47
N TYR A 214 -27.84 7.77 36.25
CA TYR A 214 -29.11 7.14 35.98
C TYR A 214 -28.82 5.76 35.38
N THR A 215 -29.35 4.71 36.01
CA THR A 215 -28.99 3.32 35.71
C THR A 215 -30.13 2.62 35.00
N VAL A 216 -29.82 1.93 33.92
CA VAL A 216 -30.74 1.00 33.28
C VAL A 216 -30.20 -0.40 33.51
N ASN A 217 -31.04 -1.27 34.07
CA ASN A 217 -30.68 -2.66 34.32
C ASN A 217 -31.24 -3.48 33.16
N PHE A 218 -30.36 -4.03 32.32
CA PHE A 218 -30.86 -4.68 31.11
C PHE A 218 -31.57 -5.98 31.41
N LEU A 219 -31.18 -6.65 32.50
CA LEU A 219 -31.89 -7.86 32.91
C LEU A 219 -33.32 -7.54 33.34
N GLU A 220 -33.55 -6.37 33.94
CA GLU A 220 -34.85 -6.04 34.50
C GLU A 220 -35.72 -5.16 33.60
N ALA A 221 -35.13 -4.30 32.79
CA ALA A 221 -35.91 -3.30 32.08
C ALA A 221 -36.80 -3.94 31.03
N LYS A 222 -37.90 -3.25 30.71
CA LYS A 222 -38.76 -3.65 29.61
C LYS A 222 -38.58 -2.67 28.45
N GLU A 223 -38.94 -3.13 27.26
CA GLU A 223 -38.78 -2.31 26.06
C GLU A 223 -39.51 -0.98 26.22
N GLY A 224 -40.74 -1.04 26.75
CA GLY A 224 -41.51 0.17 26.95
C GLY A 224 -40.89 1.16 27.89
N ASP A 225 -40.00 0.72 28.79
CA ASP A 225 -39.39 1.62 29.77
C ASP A 225 -38.48 2.65 29.13
N LEU A 226 -38.00 2.41 27.92
CA LEU A 226 -37.11 3.33 27.24
C LEU A 226 -37.85 4.32 26.34
N HIS A 227 -39.17 4.22 26.20
CA HIS A 227 -39.88 5.21 25.41
C HIS A 227 -39.87 6.59 26.05
N ARG A 228 -39.72 6.64 27.37
CA ARG A 228 -39.75 7.91 28.09
C ARG A 228 -38.80 7.76 29.26
N ILE A 229 -37.77 8.58 29.29
CA ILE A 229 -36.73 8.48 30.29
C ILE A 229 -36.66 9.81 31.00
N GLU A 230 -37.16 9.84 32.23
CA GLU A 230 -37.12 11.01 33.07
C GLU A 230 -35.91 10.91 33.98
N ILE A 231 -34.99 11.84 33.85
CA ILE A 231 -33.79 11.86 34.69
C ILE A 231 -33.84 13.12 35.54
N PRO A 232 -34.41 13.08 36.74
CA PRO A 232 -34.33 14.24 37.63
C PRO A 232 -32.89 14.44 38.09
N PHE A 233 -32.57 15.67 38.47
CA PHE A 233 -31.24 15.90 39.00
C PHE A 233 -31.27 17.04 39.98
N LYS A 234 -30.37 16.96 40.95
CA LYS A 234 -30.07 18.08 41.84
C LYS A 234 -28.56 18.07 42.01
N PHE A 235 -27.89 19.12 41.55
CA PHE A 235 -26.44 19.20 41.63
C PHE A 235 -26.07 20.18 42.73
N HIS A 236 -25.16 19.77 43.61
CA HIS A 236 -24.52 20.73 44.50
C HIS A 236 -23.27 21.26 43.80
N MET A 237 -23.27 22.55 43.52
CA MET A 237 -22.21 23.16 42.72
C MET A 237 -20.92 23.27 43.51
N LEU A 238 -19.87 22.59 43.02
CA LEU A 238 -18.53 22.68 43.60
C LEU A 238 -17.78 23.93 43.17
N HIS A 239 -18.16 24.57 42.06
CA HIS A 239 -17.50 25.79 41.62
C HIS A 239 -18.53 26.82 41.22
N SER A 240 -18.16 28.08 41.35
CA SER A 240 -18.97 29.16 40.82
C SER A 240 -18.65 29.34 39.33
N GLY A 241 -19.63 29.82 38.59
CA GLY A 241 -19.45 30.11 37.18
C GLY A 241 -20.78 30.15 36.47
N LEU A 242 -20.70 30.42 35.17
CA LEU A 242 -21.88 30.35 34.31
C LEU A 242 -22.04 28.92 33.84
N VAL A 243 -23.19 28.33 34.13
CA VAL A 243 -23.49 26.99 33.65
C VAL A 243 -24.03 27.11 32.23
N HIS A 244 -23.34 26.50 31.28
CA HIS A 244 -23.77 26.58 29.88
C HIS A 244 -24.55 25.37 29.42
N GLY A 245 -24.54 24.27 30.18
CA GLY A 245 -25.39 23.14 29.87
C GLY A 245 -24.97 21.91 30.66
N LEU A 246 -25.42 20.76 30.19
CA LEU A 246 -25.12 19.48 30.81
C LEU A 246 -24.27 18.64 29.86
N ALA A 247 -23.26 17.99 30.42
CA ALA A 247 -22.43 16.98 29.75
C ALA A 247 -22.95 15.58 30.07
N PHE A 248 -22.87 14.69 29.09
CA PHE A 248 -23.35 13.32 29.23
C PHE A 248 -22.25 12.36 28.83
N TRP A 249 -22.13 11.27 29.58
CA TRP A 249 -21.36 10.10 29.15
C TRP A 249 -22.03 8.88 29.75
N PHE A 250 -21.56 7.70 29.36
CA PHE A 250 -22.13 6.46 29.86
C PHE A 250 -21.07 5.40 30.07
N ASP A 251 -21.34 4.52 31.04
CA ASP A 251 -20.60 3.28 31.26
C ASP A 251 -21.58 2.12 31.15
N VAL A 252 -21.06 0.98 30.72
CA VAL A 252 -21.81 -0.28 30.76
C VAL A 252 -20.95 -1.30 31.51
N ALA A 253 -21.61 -2.28 32.12
CA ALA A 253 -20.97 -3.31 32.92
C ALA A 253 -21.36 -4.67 32.37
N PHE A 254 -20.38 -5.57 32.22
CA PHE A 254 -20.63 -6.96 31.89
C PHE A 254 -20.44 -7.74 33.20
N ILE A 255 -21.54 -8.18 33.81
CA ILE A 255 -21.50 -8.81 35.12
C ILE A 255 -21.53 -10.32 34.86
N GLY A 256 -20.33 -10.93 34.78
CA GLY A 256 -20.22 -12.34 34.52
C GLY A 256 -20.07 -13.15 35.81
N SER A 257 -20.13 -14.47 35.65
CA SER A 257 -19.90 -15.35 36.80
C SER A 257 -18.49 -15.17 37.36
N ILE A 258 -17.49 -14.97 36.50
CA ILE A 258 -16.12 -14.87 36.98
C ILE A 258 -15.76 -13.46 37.41
N MET A 259 -16.21 -12.43 36.68
CA MET A 259 -15.82 -11.07 37.01
C MET A 259 -16.71 -10.06 36.30
N THR A 260 -16.65 -8.83 36.79
CA THR A 260 -17.38 -7.71 36.20
C THR A 260 -16.38 -6.84 35.47
N VAL A 261 -16.61 -6.64 34.17
CA VAL A 261 -15.77 -5.80 33.33
C VAL A 261 -16.59 -4.57 32.92
N TRP A 262 -15.98 -3.40 33.05
CA TRP A 262 -16.61 -2.13 32.73
C TRP A 262 -16.08 -1.59 31.41
N LEU A 263 -16.99 -1.00 30.61
CA LEU A 263 -16.64 -0.17 29.45
C LEU A 263 -17.15 1.23 29.75
N SER A 264 -16.24 2.19 29.80
CA SER A 264 -16.55 3.56 30.17
C SER A 264 -16.28 4.51 29.00
N THR A 265 -17.18 5.49 28.81
CA THR A 265 -16.90 6.59 27.89
C THR A 265 -16.74 7.89 28.64
N ALA A 266 -16.45 7.78 29.94
CA ALA A 266 -16.24 8.94 30.78
C ALA A 266 -15.10 9.79 30.26
N PRO A 267 -15.18 11.12 30.44
CA PRO A 267 -14.08 11.99 30.00
C PRO A 267 -12.80 11.81 30.81
N THR A 268 -12.84 11.07 31.91
CA THR A 268 -11.63 10.75 32.68
C THR A 268 -10.98 9.45 32.24
N GLU A 269 -11.43 8.87 31.14
CA GLU A 269 -11.05 7.55 30.69
C GLU A 269 -10.53 7.69 29.27
N PRO A 270 -9.75 6.71 28.78
CA PRO A 270 -9.27 6.78 27.40
C PRO A 270 -10.42 7.00 26.41
N LEU A 271 -10.19 7.90 25.46
CA LEU A 271 -11.22 8.30 24.51
C LEU A 271 -11.70 7.10 23.69
N THR A 272 -13.00 7.07 23.41
CA THR A 272 -13.62 6.05 22.58
C THR A 272 -14.32 6.71 21.42
N HIS A 273 -14.79 5.90 20.48
CA HIS A 273 -15.44 6.53 19.34
C HIS A 273 -16.81 7.12 19.69
N TRP A 274 -17.28 6.96 20.94
CA TRP A 274 -18.52 7.60 21.40
C TRP A 274 -18.27 9.03 21.84
N TYR A 275 -17.02 9.37 22.15
CA TYR A 275 -16.63 10.69 22.65
C TYR A 275 -17.46 10.97 23.91
N GLN A 276 -18.03 12.16 24.06
CA GLN A 276 -18.98 12.52 25.08
C GLN A 276 -19.98 13.46 24.41
N VAL A 277 -21.04 13.81 25.12
CA VAL A 277 -22.10 14.65 24.53
C VAL A 277 -22.41 15.80 25.47
N ARG A 278 -22.57 17.00 24.91
CA ARG A 278 -22.93 18.17 25.71
C ARG A 278 -24.16 18.84 25.10
N CYS A 279 -25.09 19.24 25.97
CA CYS A 279 -26.29 19.95 25.55
C CYS A 279 -26.26 21.34 26.15
N LEU A 280 -26.25 22.36 25.29
CA LEU A 280 -26.22 23.73 25.78
C LEU A 280 -27.60 24.16 26.30
N PHE A 281 -27.58 25.08 27.24
CA PHE A 281 -28.79 25.76 27.67
C PHE A 281 -29.03 26.97 26.79
N GLN A 282 -30.32 27.35 26.65
CA GLN A 282 -30.69 28.61 26.01
C GLN A 282 -29.78 29.72 26.45
N SER A 283 -29.91 30.04 27.70
CA SER A 283 -29.19 31.08 28.38
C SER A 283 -28.49 30.44 29.58
N PRO A 284 -27.26 30.82 29.83
CA PRO A 284 -26.54 30.21 30.94
C PRO A 284 -27.14 30.64 32.26
N LEU A 285 -26.88 29.83 33.28
CA LEU A 285 -27.34 30.10 34.63
C LEU A 285 -26.15 30.41 35.52
N PHE A 286 -26.23 31.52 36.25
CA PHE A 286 -25.22 31.89 37.23
C PHE A 286 -25.41 31.06 38.49
N ALA A 287 -24.35 30.42 38.96
CA ALA A 287 -24.41 29.65 40.19
C ALA A 287 -23.16 29.86 41.02
N LYS A 288 -23.33 30.10 42.33
CA LYS A 288 -22.24 30.14 43.29
C LYS A 288 -21.86 28.72 43.69
N ALA A 289 -20.61 28.53 44.08
CA ALA A 289 -20.26 27.30 44.77
C ALA A 289 -21.13 27.19 46.01
N GLY A 290 -21.64 25.99 46.28
CA GLY A 290 -22.61 25.80 47.34
C GLY A 290 -24.06 25.88 46.90
N ASP A 291 -24.36 26.55 45.78
CA ASP A 291 -25.72 26.55 45.24
C ASP A 291 -26.10 25.14 44.82
N THR A 292 -27.41 24.93 44.67
CA THR A 292 -27.91 23.70 44.08
C THR A 292 -28.60 24.02 42.77
N LEU A 293 -28.34 23.20 41.76
CA LEU A 293 -28.91 23.35 40.43
C LEU A 293 -29.80 22.15 40.20
N SER A 294 -31.11 22.38 40.14
CA SER A 294 -32.05 21.28 40.06
C SER A 294 -32.82 21.37 38.76
N GLY A 295 -33.30 20.22 38.31
CA GLY A 295 -34.15 20.18 37.14
C GLY A 295 -34.37 18.76 36.68
N THR A 296 -34.75 18.63 35.42
CA THR A 296 -35.11 17.35 34.85
C THR A 296 -34.56 17.32 33.44
N CYS A 297 -34.02 16.17 33.06
CA CYS A 297 -33.65 15.87 31.68
C CYS A 297 -34.61 14.79 31.20
N LEU A 298 -35.52 15.15 30.30
CA LEU A 298 -36.54 14.23 29.79
C LEU A 298 -36.22 13.80 28.37
N LEU A 299 -36.17 12.49 28.14
CA LEU A 299 -35.89 11.92 26.83
C LEU A 299 -37.14 11.24 26.33
N ILE A 300 -37.65 11.70 25.18
CA ILE A 300 -38.89 11.22 24.61
C ILE A 300 -38.54 10.55 23.30
N ALA A 301 -38.74 9.23 23.23
CA ALA A 301 -38.47 8.50 21.99
C ALA A 301 -39.22 9.15 20.83
N ASN A 302 -38.61 9.17 19.65
CA ASN A 302 -39.29 9.68 18.46
C ASN A 302 -39.21 8.63 17.34
N LYS A 303 -39.77 8.97 16.19
CA LYS A 303 -39.85 8.04 15.08
C LYS A 303 -38.65 8.13 14.13
N ARG A 304 -37.61 8.85 14.51
CA ARG A 304 -36.36 8.88 13.75
C ARG A 304 -35.26 8.07 14.43
N GLN A 305 -35.64 6.97 15.08
CA GLN A 305 -34.70 6.09 15.80
C GLN A 305 -33.87 6.88 16.82
N SER A 306 -34.49 7.85 17.49
CA SER A 306 -33.73 8.70 18.41
C SER A 306 -34.68 9.29 19.45
N TYR A 307 -34.27 10.40 20.07
CA TYR A 307 -35.00 11.00 21.17
C TYR A 307 -35.06 12.52 21.00
N ASP A 308 -36.18 13.10 21.41
CA ASP A 308 -36.22 14.54 21.68
C ASP A 308 -35.78 14.73 23.13
N ILE A 309 -34.90 15.69 23.37
CA ILE A 309 -34.31 15.92 24.68
C ILE A 309 -34.86 17.22 25.23
N SER A 310 -35.48 17.17 26.40
CA SER A 310 -35.96 18.36 27.08
C SER A 310 -35.19 18.52 28.37
N ILE A 311 -34.51 19.64 28.52
CA ILE A 311 -33.77 19.92 29.73
C ILE A 311 -34.30 21.21 30.31
N VAL A 312 -34.75 21.15 31.55
CA VAL A 312 -35.13 22.32 32.34
C VAL A 312 -34.22 22.33 33.56
N ALA A 313 -33.70 23.51 33.91
CA ALA A 313 -32.87 23.61 35.09
C ALA A 313 -33.11 24.95 35.75
N GLN A 314 -32.83 25.01 37.05
CA GLN A 314 -32.90 26.25 37.81
C GLN A 314 -31.87 26.21 38.94
N VAL A 315 -31.33 27.37 39.26
CA VAL A 315 -30.55 27.55 40.47
C VAL A 315 -31.54 27.84 41.60
N ASP A 316 -31.62 26.93 42.57
CA ASP A 316 -32.65 27.04 43.60
C ASP A 316 -32.49 28.31 44.41
N GLN A 317 -31.25 28.69 44.71
CA GLN A 317 -31.00 29.83 45.60
C GLN A 317 -31.44 31.16 45.00
N THR A 318 -31.63 31.24 43.67
CA THR A 318 -31.99 32.51 43.03
C THR A 318 -33.19 32.43 42.11
N GLY A 319 -33.61 31.24 41.69
CA GLY A 319 -34.78 31.11 40.85
C GLY A 319 -34.54 31.26 39.37
N SER A 320 -33.33 31.64 38.96
CA SER A 320 -33.03 31.75 37.54
C SER A 320 -33.08 30.37 36.90
N LYS A 321 -33.82 30.26 35.80
CA LYS A 321 -34.05 28.98 35.17
C LYS A 321 -33.74 29.07 33.68
N SER A 322 -33.51 27.90 33.10
CA SER A 322 -33.28 27.80 31.68
C SER A 322 -33.88 26.48 31.20
N SER A 323 -34.31 26.46 29.96
CA SER A 323 -34.65 25.21 29.31
C SER A 323 -33.71 24.95 28.12
N ASN A 324 -34.06 23.92 27.36
CA ASN A 324 -33.64 23.76 25.98
C ASN A 324 -34.33 22.51 25.46
N LEU A 325 -34.48 22.47 24.14
CA LEU A 325 -35.02 21.32 23.43
C LEU A 325 -34.00 20.95 22.38
N LEU A 326 -33.56 19.70 22.37
CA LEU A 326 -32.50 19.28 21.46
C LEU A 326 -32.95 18.09 20.64
N ASP A 327 -32.42 18.00 19.43
CA ASP A 327 -32.71 16.90 18.53
C ASP A 327 -31.51 15.96 18.48
N LEU A 328 -31.58 14.85 19.25
CA LEU A 328 -30.43 13.97 19.40
C LEU A 328 -30.03 13.29 18.09
N LYS A 329 -30.99 13.05 17.21
CA LYS A 329 -30.73 12.45 15.91
C LYS A 329 -29.81 13.31 15.04
N ASN A 330 -29.79 14.64 15.25
CA ASN A 330 -29.05 15.58 14.42
C ASN A 330 -28.06 16.38 15.26
N PRO A 331 -26.96 15.76 15.72
CA PRO A 331 -26.00 16.46 16.55
C PRO A 331 -24.93 17.17 15.72
N PHE A 332 -24.14 17.97 16.42
CA PHE A 332 -22.94 18.57 15.85
C PHE A 332 -21.76 17.70 16.25
N PHE A 333 -21.20 16.99 15.26
CA PHE A 333 -20.02 16.14 15.46
C PHE A 333 -18.77 17.03 15.44
N ARG A 334 -18.61 17.77 16.53
CA ARG A 334 -17.59 18.83 16.61
C ARG A 334 -16.19 18.27 16.47
N TYR A 335 -15.98 17.03 16.88
CA TYR A 335 -14.73 16.37 16.55
C TYR A 335 -14.68 16.22 15.02
N SER B 3 25.30 -28.64 -12.85
CA SER B 3 25.47 -27.92 -11.57
C SER B 3 25.21 -26.43 -11.73
N SER B 4 25.98 -25.81 -12.62
CA SER B 4 25.70 -24.44 -13.01
C SER B 4 24.29 -24.31 -13.59
N ALA B 5 23.81 -25.36 -14.27
CA ALA B 5 22.45 -25.33 -14.80
C ALA B 5 21.41 -25.40 -13.69
N VAL B 6 21.74 -26.03 -12.57
CA VAL B 6 20.85 -26.00 -11.41
C VAL B 6 20.60 -24.55 -11.01
N GLN B 7 21.67 -23.78 -10.85
CA GLN B 7 21.54 -22.41 -10.38
C GLN B 7 20.92 -21.50 -11.43
N TYR B 8 21.12 -21.80 -12.73
CA TYR B 8 20.53 -20.97 -13.77
C TYR B 8 19.00 -21.01 -13.73
N PHE B 9 18.43 -22.21 -13.66
CA PHE B 9 16.98 -22.33 -13.68
C PHE B 9 16.36 -21.91 -12.36
N GLN B 10 17.08 -22.06 -11.23
CA GLN B 10 16.56 -21.53 -9.97
C GLN B 10 16.42 -20.02 -10.02
N PHE B 11 17.38 -19.34 -10.66
CA PHE B 11 17.30 -17.89 -10.88
C PHE B 11 15.97 -17.48 -11.50
N TYR B 12 15.50 -18.24 -12.47
CA TYR B 12 14.26 -17.92 -13.17
C TYR B 12 13.01 -18.43 -12.47
N GLY B 13 13.15 -19.12 -11.34
CA GLY B 13 11.96 -19.50 -10.60
C GLY B 13 11.35 -18.40 -9.77
N TYR B 14 11.97 -17.22 -9.77
CA TYR B 14 11.56 -16.11 -8.92
C TYR B 14 10.64 -15.18 -9.69
N LEU B 15 9.49 -14.87 -9.08
CA LEU B 15 8.59 -13.88 -9.66
C LEU B 15 9.25 -12.51 -9.76
N SER B 16 10.12 -12.18 -8.81
CA SER B 16 10.82 -10.90 -8.86
C SER B 16 11.68 -10.76 -10.09
N GLN B 17 12.22 -11.87 -10.60
CA GLN B 17 13.02 -11.77 -11.81
C GLN B 17 12.15 -11.66 -13.07
N GLN B 18 11.02 -12.37 -13.12
CA GLN B 18 10.09 -12.14 -14.23
C GLN B 18 9.63 -10.69 -14.24
N GLN B 19 9.41 -10.13 -13.06
CA GLN B 19 8.94 -8.76 -12.91
C GLN B 19 9.96 -7.76 -13.43
N ASN B 20 11.25 -7.98 -13.14
CA ASN B 20 12.28 -7.08 -13.63
C ASN B 20 12.23 -6.98 -15.16
N MET B 21 12.02 -8.10 -15.84
CA MET B 21 11.93 -8.10 -17.29
C MET B 21 10.60 -7.56 -17.79
N MET B 22 9.50 -7.90 -17.12
CA MET B 22 8.19 -7.41 -17.55
C MET B 22 8.09 -5.89 -17.39
N GLN B 23 8.67 -5.35 -16.31
CA GLN B 23 8.67 -3.90 -16.08
C GLN B 23 9.58 -3.14 -17.02
N ASP B 24 10.41 -3.82 -17.81
CA ASP B 24 11.17 -3.17 -18.87
C ASP B 24 10.17 -2.87 -19.98
N TYR B 25 9.74 -1.61 -20.07
CA TYR B 25 8.68 -1.26 -21.01
C TYR B 25 9.16 -1.38 -22.46
N VAL B 26 10.40 -0.97 -22.72
CA VAL B 26 10.99 -1.13 -24.06
C VAL B 26 10.91 -2.60 -24.48
N ARG B 27 11.30 -3.51 -23.60
CA ARG B 27 11.28 -4.94 -23.91
C ARG B 27 9.86 -5.44 -24.13
N THR B 28 9.04 -5.32 -23.08
CA THR B 28 7.70 -5.86 -23.10
C THR B 28 6.82 -5.18 -24.15
N GLY B 29 6.87 -3.84 -24.21
CA GLY B 29 6.04 -3.13 -25.18
C GLY B 29 6.44 -3.42 -26.61
N THR B 30 7.74 -3.55 -26.88
CA THR B 30 8.17 -3.82 -28.26
C THR B 30 7.75 -5.21 -28.71
N TYR B 31 7.94 -6.22 -27.85
CA TYR B 31 7.45 -7.56 -28.18
C TYR B 31 5.95 -7.55 -28.49
N GLN B 32 5.15 -6.81 -27.69
CA GLN B 32 3.71 -6.74 -27.93
C GLN B 32 3.39 -6.06 -29.26
N ARG B 33 4.02 -4.92 -29.55
CA ARG B 33 3.81 -4.27 -30.84
C ARG B 33 4.19 -5.22 -31.98
N ALA B 34 5.36 -5.86 -31.86
CA ALA B 34 5.84 -6.77 -32.89
C ALA B 34 4.79 -7.83 -33.22
N ILE B 35 4.22 -8.44 -32.17
CA ILE B 35 3.30 -9.57 -32.36
C ILE B 35 1.94 -9.09 -32.88
N LEU B 36 1.39 -8.03 -32.25
CA LEU B 36 0.04 -7.59 -32.60
C LEU B 36 0.00 -6.85 -33.94
N GLN B 37 1.05 -6.08 -34.27
CA GLN B 37 1.09 -5.46 -35.60
C GLN B 37 1.26 -6.46 -36.72
N ASN B 38 1.76 -7.66 -36.42
CA ASN B 38 1.85 -8.72 -37.42
C ASN B 38 0.85 -9.83 -37.14
N HIS B 39 -0.42 -9.46 -36.94
CA HIS B 39 -1.44 -10.41 -36.50
C HIS B 39 -1.61 -11.55 -37.50
N THR B 40 -1.47 -11.26 -38.79
CA THR B 40 -1.60 -12.30 -39.80
C THR B 40 -0.55 -13.41 -39.63
N ASP B 41 0.58 -13.09 -38.99
CA ASP B 41 1.58 -14.12 -38.66
C ASP B 41 1.13 -15.03 -37.50
N PHE B 42 0.08 -14.66 -36.77
CA PHE B 42 -0.36 -15.43 -35.61
C PHE B 42 -1.81 -15.90 -35.70
N LYS B 43 -2.65 -15.22 -36.47
CA LYS B 43 -4.09 -15.50 -36.54
C LYS B 43 -4.36 -16.95 -36.94
N ASP B 44 -4.93 -17.73 -36.02
CA ASP B 44 -5.28 -19.15 -36.21
C ASP B 44 -4.08 -20.02 -36.53
N LYS B 45 -2.88 -19.54 -36.20
CA LYS B 45 -1.64 -20.28 -36.40
C LYS B 45 -1.26 -21.02 -35.10
N ILE B 46 -0.19 -21.81 -35.18
CA ILE B 46 0.30 -22.59 -34.05
C ILE B 46 1.66 -22.04 -33.65
N VAL B 47 1.84 -21.78 -32.35
CA VAL B 47 2.98 -21.04 -31.85
C VAL B 47 3.71 -21.85 -30.80
N LEU B 48 5.04 -21.75 -30.81
CA LEU B 48 5.92 -22.29 -29.77
C LEU B 48 6.61 -21.13 -29.07
N ASP B 49 6.42 -21.03 -27.75
CA ASP B 49 7.06 -20.01 -26.91
C ASP B 49 8.17 -20.68 -26.10
N VAL B 50 9.41 -20.38 -26.45
CA VAL B 50 10.57 -21.05 -25.84
C VAL B 50 11.03 -20.26 -24.63
N GLY B 51 11.03 -20.90 -23.46
CA GLY B 51 11.37 -20.22 -22.22
C GLY B 51 10.37 -19.15 -21.86
N CYS B 52 9.08 -19.53 -21.74
CA CYS B 52 7.99 -18.56 -21.61
C CYS B 52 7.95 -17.84 -20.25
N GLY B 53 8.66 -18.35 -19.23
CA GLY B 53 8.62 -17.70 -17.93
C GLY B 53 7.18 -17.56 -17.46
N SER B 54 6.79 -16.34 -17.08
CA SER B 54 5.42 -16.11 -16.61
C SER B 54 4.38 -16.30 -17.71
N GLY B 55 4.79 -16.30 -18.98
CA GLY B 55 3.90 -16.57 -20.09
C GLY B 55 3.47 -15.36 -20.88
N ILE B 56 4.05 -14.19 -20.60
CA ILE B 56 3.55 -12.94 -21.16
C ILE B 56 3.55 -12.97 -22.69
N LEU B 57 4.57 -13.59 -23.30
CA LEU B 57 4.62 -13.64 -24.75
C LEU B 57 3.54 -14.56 -25.32
N SER B 58 3.25 -15.67 -24.65
CA SER B 58 2.13 -16.51 -25.07
C SER B 58 0.80 -15.75 -25.03
N PHE B 59 0.57 -14.93 -23.99
CA PHE B 59 -0.68 -14.16 -23.96
C PHE B 59 -0.73 -13.17 -25.10
N PHE B 60 0.42 -12.59 -25.47
CA PHE B 60 0.47 -11.69 -26.61
C PHE B 60 0.07 -12.40 -27.89
N ALA B 61 0.54 -13.64 -28.08
CA ALA B 61 0.13 -14.40 -29.25
C ALA B 61 -1.35 -14.76 -29.19
N ALA B 62 -1.86 -15.13 -28.01
CA ALA B 62 -3.30 -15.28 -27.83
C ALA B 62 -4.05 -14.00 -28.19
N GLN B 63 -3.54 -12.85 -27.75
CA GLN B 63 -4.17 -11.57 -28.13
C GLN B 63 -4.14 -11.37 -29.64
N ALA B 64 -3.13 -11.91 -30.33
CA ALA B 64 -3.03 -11.76 -31.77
C ALA B 64 -3.84 -12.81 -32.53
N GLY B 65 -4.52 -13.72 -31.84
CA GLY B 65 -5.41 -14.67 -32.49
C GLY B 65 -4.87 -16.06 -32.75
N ALA B 66 -3.81 -16.47 -32.06
CA ALA B 66 -3.24 -17.79 -32.29
C ALA B 66 -4.26 -18.88 -31.95
N ARG B 67 -4.24 -19.95 -32.74
CA ARG B 67 -5.13 -21.09 -32.52
C ARG B 67 -4.67 -21.93 -31.35
N LYS B 68 -3.35 -22.15 -31.22
CA LYS B 68 -2.78 -22.96 -30.16
C LYS B 68 -1.36 -22.50 -29.88
N ILE B 69 -1.02 -22.34 -28.59
CA ILE B 69 0.31 -21.91 -28.19
C ILE B 69 0.87 -22.94 -27.21
N TYR B 70 2.01 -23.53 -27.56
CA TYR B 70 2.79 -24.33 -26.64
C TYR B 70 3.83 -23.43 -25.98
N ALA B 71 3.84 -23.44 -24.64
CA ALA B 71 4.70 -22.58 -23.84
C ALA B 71 5.61 -23.51 -23.04
N VAL B 72 6.87 -23.61 -23.45
CA VAL B 72 7.85 -24.46 -22.81
C VAL B 72 8.63 -23.64 -21.80
N GLU B 73 8.77 -24.16 -20.59
CA GLU B 73 9.46 -23.47 -19.51
C GLU B 73 10.06 -24.52 -18.59
N ALA B 74 11.37 -24.40 -18.32
CA ALA B 74 12.06 -25.43 -17.56
C ALA B 74 12.21 -25.10 -16.08
N SER B 75 12.01 -23.86 -15.68
CA SER B 75 12.06 -23.50 -14.28
C SER B 75 10.68 -23.72 -13.64
N THR B 76 10.65 -23.64 -12.31
CA THR B 76 9.41 -23.74 -11.56
C THR B 76 8.43 -22.62 -11.90
N MET B 77 8.89 -21.59 -12.61
CA MET B 77 7.97 -20.58 -13.14
C MET B 77 6.87 -21.19 -13.99
N ALA B 78 7.10 -22.40 -14.53
CA ALA B 78 6.08 -23.04 -15.35
C ALA B 78 4.75 -23.18 -14.61
N GLN B 79 4.80 -23.40 -13.29
CA GLN B 79 3.57 -23.60 -12.53
C GLN B 79 2.84 -22.28 -12.29
N HIS B 80 3.56 -21.16 -12.15
CA HIS B 80 2.89 -19.86 -12.08
C HIS B 80 2.27 -19.52 -13.44
N ALA B 81 2.88 -19.99 -14.52
CA ALA B 81 2.35 -19.74 -15.85
C ALA B 81 1.06 -20.53 -16.09
N GLU B 82 0.97 -21.77 -15.57
CA GLU B 82 -0.28 -22.52 -15.62
C GLU B 82 -1.41 -21.75 -14.93
N VAL B 83 -1.12 -21.19 -13.75
CA VAL B 83 -2.12 -20.45 -12.98
C VAL B 83 -2.61 -19.25 -13.79
N LEU B 84 -1.70 -18.54 -14.46
CA LEU B 84 -2.11 -17.40 -15.27
C LEU B 84 -2.95 -17.85 -16.46
N VAL B 85 -2.64 -19.01 -17.05
CA VAL B 85 -3.45 -19.51 -18.16
C VAL B 85 -4.88 -19.79 -17.70
N LYS B 86 -5.04 -20.53 -16.60
CA LYS B 86 -6.37 -20.84 -16.08
C LYS B 86 -7.12 -19.56 -15.70
N SER B 87 -6.49 -18.70 -14.92
CA SER B 87 -7.15 -17.50 -14.45
C SER B 87 -7.41 -16.48 -15.55
N ASN B 88 -6.88 -16.67 -16.76
CA ASN B 88 -7.16 -15.80 -17.89
C ASN B 88 -8.08 -16.46 -18.92
N ASN B 89 -8.64 -17.63 -18.59
CA ASN B 89 -9.61 -18.33 -19.44
C ASN B 89 -9.01 -18.71 -20.80
N LEU B 90 -7.76 -19.18 -20.81
CA LEU B 90 -7.08 -19.53 -22.05
C LEU B 90 -6.59 -20.97 -22.06
N THR B 91 -7.19 -21.84 -21.24
CA THR B 91 -6.78 -23.24 -21.20
C THR B 91 -7.06 -23.97 -22.51
N ASP B 92 -8.02 -23.49 -23.30
CA ASP B 92 -8.27 -24.07 -24.61
C ASP B 92 -7.19 -23.74 -25.63
N ARG B 93 -6.39 -22.69 -25.39
CA ARG B 93 -5.45 -22.21 -26.39
C ARG B 93 -3.98 -22.20 -25.97
N ILE B 94 -3.67 -22.12 -24.69
CA ILE B 94 -2.27 -22.12 -24.23
C ILE B 94 -2.03 -23.40 -23.45
N VAL B 95 -1.04 -24.18 -23.89
CA VAL B 95 -0.61 -25.39 -23.21
C VAL B 95 0.80 -25.13 -22.68
N VAL B 96 0.94 -25.16 -21.35
CA VAL B 96 2.24 -25.00 -20.72
C VAL B 96 2.88 -26.38 -20.62
N ILE B 97 4.08 -26.51 -21.16
CA ILE B 97 4.82 -27.76 -21.12
C ILE B 97 6.07 -27.56 -20.28
N PRO B 98 6.16 -28.15 -19.08
CA PRO B 98 7.36 -27.97 -18.26
C PRO B 98 8.53 -28.75 -18.83
N GLY B 99 9.72 -28.15 -18.77
CA GLY B 99 10.94 -28.79 -19.17
C GLY B 99 11.72 -27.98 -20.18
N LYS B 100 12.93 -28.46 -20.46
CA LYS B 100 13.77 -27.83 -21.47
C LYS B 100 13.27 -28.19 -22.86
N VAL B 101 13.37 -27.23 -23.78
CA VAL B 101 12.91 -27.45 -25.15
C VAL B 101 13.69 -28.58 -25.82
N GLU B 102 14.88 -28.89 -25.34
CA GLU B 102 15.65 -29.98 -25.93
C GLU B 102 15.07 -31.33 -25.55
N GLU B 103 14.33 -31.42 -24.45
CA GLU B 103 13.84 -32.68 -23.91
C GLU B 103 12.33 -32.89 -24.07
N VAL B 104 11.52 -31.83 -23.96
CA VAL B 104 10.06 -31.97 -24.04
C VAL B 104 9.63 -32.57 -25.38
N SER B 105 8.37 -32.99 -25.46
CA SER B 105 7.81 -33.53 -26.70
C SER B 105 6.58 -32.69 -27.06
N LEU B 106 6.66 -31.98 -28.20
CA LEU B 106 5.51 -31.29 -28.78
C LEU B 106 4.70 -32.27 -29.62
N PRO B 107 3.36 -32.14 -29.59
CA PRO B 107 2.53 -33.05 -30.39
C PRO B 107 2.34 -32.63 -31.85
N GLU B 108 2.91 -31.52 -32.30
CA GLU B 108 2.75 -31.09 -33.68
C GLU B 108 3.75 -29.99 -34.00
N GLN B 109 4.00 -29.81 -35.30
CA GLN B 109 4.80 -28.68 -35.76
C GLN B 109 4.04 -27.36 -35.51
N VAL B 110 4.78 -26.26 -35.59
CA VAL B 110 4.25 -24.93 -35.32
C VAL B 110 4.55 -24.04 -36.51
N ASP B 111 3.77 -22.96 -36.63
CA ASP B 111 4.01 -22.00 -37.71
C ASP B 111 5.08 -20.97 -37.34
N ILE B 112 5.27 -20.70 -36.06
CA ILE B 112 6.13 -19.58 -35.67
C ILE B 112 6.61 -19.83 -34.24
N ILE B 113 7.91 -19.60 -34.03
CA ILE B 113 8.53 -19.67 -32.72
C ILE B 113 8.70 -18.26 -32.20
N ILE B 114 8.32 -18.02 -30.95
CA ILE B 114 8.56 -16.75 -30.29
C ILE B 114 9.37 -17.02 -29.03
N SER B 115 10.23 -16.08 -28.67
CA SER B 115 11.05 -16.24 -27.48
C SER B 115 11.74 -14.91 -27.18
N GLU B 116 12.20 -14.77 -25.94
CA GLU B 116 13.10 -13.69 -25.57
C GLU B 116 14.37 -14.34 -25.02
N PRO B 117 15.32 -14.72 -25.90
CA PRO B 117 16.47 -15.49 -25.44
C PRO B 117 17.75 -14.67 -25.27
N MET B 118 17.65 -13.35 -25.17
CA MET B 118 18.83 -12.48 -25.16
C MET B 118 19.32 -12.27 -23.73
N GLY B 119 20.51 -12.81 -23.41
CA GLY B 119 21.21 -12.41 -22.20
C GLY B 119 21.86 -11.03 -22.37
N TYR B 120 22.49 -10.55 -21.30
CA TYR B 120 23.30 -9.35 -21.49
C TYR B 120 24.46 -9.70 -22.42
N MET B 121 24.88 -8.71 -23.21
CA MET B 121 25.78 -8.92 -24.33
C MET B 121 25.22 -9.94 -25.34
N LEU B 122 23.90 -10.15 -25.32
CA LEU B 122 23.15 -11.04 -26.22
C LEU B 122 23.39 -12.51 -25.92
N PHE B 123 24.65 -12.93 -25.89
CA PHE B 123 24.98 -14.35 -25.91
C PHE B 123 25.01 -14.99 -24.53
N ASN B 124 24.93 -14.19 -23.45
CA ASN B 124 25.40 -14.65 -22.15
C ASN B 124 24.70 -15.89 -21.63
N GLU B 125 23.42 -16.08 -21.88
CA GLU B 125 22.87 -17.27 -21.23
C GLU B 125 22.91 -18.53 -22.09
N ARG B 126 23.44 -18.44 -23.32
CA ARG B 126 23.40 -19.52 -24.30
C ARG B 126 21.96 -19.96 -24.60
N MET B 127 20.98 -19.12 -24.27
CA MET B 127 19.60 -19.43 -24.60
C MET B 127 19.33 -19.33 -26.10
N LEU B 128 20.15 -18.58 -26.84
CA LEU B 128 20.03 -18.60 -28.29
C LEU B 128 20.15 -20.01 -28.86
N GLU B 129 20.98 -20.86 -28.23
CA GLU B 129 21.10 -22.24 -28.72
C GLU B 129 19.80 -23.03 -28.51
N SER B 130 19.14 -22.84 -27.37
CA SER B 130 17.82 -23.44 -27.21
C SER B 130 16.83 -22.87 -28.22
N TYR B 131 16.88 -21.56 -28.46
CA TYR B 131 15.98 -20.95 -29.43
C TYR B 131 16.16 -21.57 -30.81
N LEU B 132 17.42 -21.82 -31.21
CA LEU B 132 17.69 -22.42 -32.52
C LEU B 132 17.31 -23.88 -32.54
N HIS B 133 17.66 -24.62 -31.48
CA HIS B 133 17.27 -26.03 -31.38
C HIS B 133 15.77 -26.22 -31.63
N ALA B 134 14.94 -25.33 -31.08
CA ALA B 134 13.49 -25.49 -31.18
C ALA B 134 13.00 -25.45 -32.63
N LYS B 135 13.84 -24.98 -33.58
CA LYS B 135 13.48 -25.02 -34.98
C LYS B 135 13.15 -26.42 -35.48
N LYS B 136 13.54 -27.46 -34.74
CA LYS B 136 13.13 -28.81 -35.12
C LYS B 136 11.62 -28.97 -35.12
N TYR B 137 10.89 -28.12 -34.38
CA TYR B 137 9.44 -28.16 -34.39
C TYR B 137 8.83 -27.19 -35.37
N LEU B 138 9.64 -26.46 -36.12
CA LEU B 138 9.13 -25.41 -36.99
C LEU B 138 8.83 -25.96 -38.38
N LYS B 139 7.65 -25.64 -38.90
CA LYS B 139 7.29 -26.03 -40.25
C LYS B 139 8.25 -25.41 -41.26
N PRO B 140 8.51 -26.07 -42.38
CA PRO B 140 9.23 -25.40 -43.48
C PRO B 140 8.45 -24.18 -43.93
N SER B 141 9.15 -23.04 -43.99
CA SER B 141 8.55 -21.72 -44.21
C SER B 141 7.80 -21.20 -42.98
N GLY B 142 8.23 -21.58 -41.77
CA GLY B 142 7.81 -20.91 -40.57
C GLY B 142 8.61 -19.63 -40.32
N ASN B 143 8.28 -18.94 -39.23
CA ASN B 143 8.99 -17.72 -38.86
C ASN B 143 9.56 -17.83 -37.45
N MET B 144 10.50 -16.92 -37.14
CA MET B 144 11.10 -16.78 -35.82
C MET B 144 10.92 -15.34 -35.37
N PHE B 145 10.51 -15.16 -34.13
CA PHE B 145 10.30 -13.83 -33.53
C PHE B 145 11.08 -13.79 -32.22
N PRO B 146 12.29 -13.19 -32.20
CA PRO B 146 12.93 -12.41 -33.27
C PRO B 146 13.52 -13.23 -34.43
N THR B 147 13.65 -12.58 -35.58
CA THR B 147 14.12 -13.22 -36.80
C THR B 147 15.63 -13.10 -36.94
N ILE B 148 16.20 -11.94 -36.64
CA ILE B 148 17.64 -11.72 -36.65
C ILE B 148 18.06 -11.00 -35.37
N GLY B 149 19.33 -11.15 -35.03
CA GLY B 149 19.95 -10.38 -33.97
C GLY B 149 21.30 -9.84 -34.37
N ASP B 150 21.54 -8.56 -34.12
CA ASP B 150 22.79 -7.88 -34.45
C ASP B 150 23.55 -7.56 -33.17
N VAL B 151 24.78 -8.03 -33.06
CA VAL B 151 25.71 -7.57 -32.04
C VAL B 151 26.49 -6.39 -32.59
N HIS B 152 26.64 -5.35 -31.78
CA HIS B 152 27.45 -4.20 -32.14
C HIS B 152 28.65 -4.09 -31.21
N LEU B 153 29.81 -3.81 -31.81
CA LEU B 153 31.06 -3.57 -31.10
C LEU B 153 31.60 -2.22 -31.55
N ALA B 154 32.02 -1.41 -30.58
CA ALA B 154 32.59 -0.11 -30.83
C ALA B 154 33.69 0.10 -29.81
N PRO B 155 34.84 0.63 -30.22
CA PRO B 155 35.88 0.98 -29.24
C PRO B 155 35.47 2.22 -28.48
N PHE B 156 35.88 2.29 -27.22
CA PHE B 156 35.53 3.43 -26.40
C PHE B 156 36.77 3.98 -25.69
N THR B 157 36.67 5.24 -25.29
CA THR B 157 37.64 5.87 -24.41
C THR B 157 36.92 6.23 -23.11
N ASP B 158 37.46 5.74 -22.00
CA ASP B 158 36.89 6.00 -20.68
C ASP B 158 38.01 5.93 -19.67
N GLU B 159 38.71 7.04 -19.50
CA GLU B 159 39.92 7.08 -18.69
C GLU B 159 39.60 6.82 -17.22
N GLN B 160 38.42 7.24 -16.76
CA GLN B 160 38.07 7.06 -15.36
C GLN B 160 37.69 5.61 -15.06
N LEU B 161 37.03 4.93 -16.02
CA LEU B 161 36.73 3.51 -15.84
C LEU B 161 38.02 2.69 -15.78
N TYR B 162 38.97 3.00 -16.65
CA TYR B 162 40.23 2.26 -16.65
C TYR B 162 40.98 2.46 -15.35
N MET B 163 41.09 3.72 -14.88
CA MET B 163 41.89 3.99 -13.70
C MET B 163 41.24 3.45 -12.44
N GLU B 164 39.91 3.33 -12.43
CA GLU B 164 39.17 2.81 -11.28
C GLU B 164 39.59 1.39 -10.92
N GLN B 165 39.97 0.58 -11.91
CA GLN B 165 40.46 -0.77 -11.65
C GLN B 165 41.69 -0.76 -10.74
N PHE B 166 42.68 0.09 -11.06
CA PHE B 166 43.88 0.13 -10.22
C PHE B 166 43.60 0.83 -8.90
N THR B 167 42.60 1.71 -8.84
CA THR B 167 42.24 2.32 -7.57
C THR B 167 41.61 1.30 -6.63
N LYS B 168 40.74 0.42 -7.15
CA LYS B 168 40.22 -0.64 -6.31
C LYS B 168 41.35 -1.61 -5.93
N ALA B 169 42.15 -2.04 -6.91
CA ALA B 169 43.17 -3.03 -6.63
C ALA B 169 44.23 -2.51 -5.67
N ASN B 170 44.42 -1.18 -5.60
CA ASN B 170 45.47 -0.63 -4.75
C ASN B 170 45.13 -0.66 -3.26
N PHE B 171 43.95 -1.16 -2.87
CA PHE B 171 43.77 -1.58 -1.48
C PHE B 171 44.86 -2.55 -1.05
N TRP B 172 45.26 -3.45 -1.95
CA TRP B 172 46.27 -4.45 -1.62
C TRP B 172 47.69 -3.89 -1.64
N TYR B 173 47.91 -2.67 -2.14
CA TYR B 173 49.26 -2.10 -2.17
C TYR B 173 49.54 -1.31 -0.89
N GLN B 174 49.64 -2.06 0.19
CA GLN B 174 49.74 -1.55 1.54
C GLN B 174 50.79 -2.35 2.30
N PRO B 175 51.87 -1.73 2.77
CA PRO B 175 52.92 -2.51 3.47
C PRO B 175 52.56 -2.87 4.91
N SER B 176 51.55 -2.23 5.51
CA SER B 176 51.22 -2.58 6.89
C SER B 176 49.72 -2.42 7.12
N PHE B 177 48.93 -3.29 6.48
CA PHE B 177 47.50 -3.41 6.80
C PHE B 177 47.36 -4.16 8.13
N HIS B 178 47.10 -3.42 9.22
CA HIS B 178 47.10 -3.99 10.57
C HIS B 178 48.36 -4.81 10.85
N GLY B 179 49.50 -4.34 10.34
CA GLY B 179 50.76 -5.03 10.52
C GLY B 179 51.11 -6.02 9.42
N VAL B 180 50.25 -6.24 8.43
CA VAL B 180 50.47 -7.23 7.39
C VAL B 180 50.77 -6.52 6.07
N ASP B 181 51.83 -6.97 5.39
CA ASP B 181 52.16 -6.50 4.06
C ASP B 181 51.26 -7.23 3.06
N LEU B 182 50.38 -6.48 2.40
CA LEU B 182 49.44 -7.06 1.45
C LEU B 182 49.90 -6.95 0.01
N SER B 183 51.06 -6.32 -0.23
CA SER B 183 51.36 -5.80 -1.55
C SER B 183 51.51 -6.90 -2.60
N ALA B 184 51.95 -8.09 -2.20
CA ALA B 184 52.15 -9.18 -3.15
C ALA B 184 50.87 -9.60 -3.88
N LEU B 185 49.68 -9.27 -3.36
CA LEU B 185 48.43 -9.67 -4.00
C LEU B 185 47.89 -8.62 -4.97
N ARG B 186 48.53 -7.46 -5.09
CA ARG B 186 47.94 -6.40 -5.90
C ARG B 186 47.84 -6.81 -7.37
N GLY B 187 48.86 -7.50 -7.88
CA GLY B 187 48.77 -8.01 -9.25
C GLY B 187 47.57 -8.92 -9.45
N ALA B 188 47.34 -9.84 -8.52
CA ALA B 188 46.22 -10.76 -8.62
C ALA B 188 44.88 -10.02 -8.57
N ALA B 189 44.79 -8.97 -7.74
CA ALA B 189 43.56 -8.19 -7.66
C ALA B 189 43.29 -7.40 -8.95
N VAL B 190 44.35 -6.87 -9.59
CA VAL B 190 44.18 -6.21 -10.89
C VAL B 190 43.60 -7.18 -11.91
N ASP B 191 44.17 -8.40 -11.99
CA ASP B 191 43.71 -9.38 -12.97
C ASP B 191 42.25 -9.72 -12.76
N GLU B 192 41.86 -9.91 -11.50
CA GLU B 192 40.46 -10.20 -11.17
C GLU B 192 39.52 -9.13 -11.74
N TYR B 193 39.81 -7.85 -11.51
CA TYR B 193 38.92 -6.81 -12.03
C TYR B 193 38.91 -6.78 -13.55
N PHE B 194 40.09 -6.92 -14.18
CA PHE B 194 40.12 -6.87 -15.65
C PHE B 194 39.43 -8.07 -16.30
N ARG B 195 39.28 -9.20 -15.60
CA ARG B 195 38.57 -10.36 -16.12
C ARG B 195 37.07 -10.12 -16.32
N GLN B 196 36.51 -9.03 -15.79
CA GLN B 196 35.06 -8.89 -15.63
C GLN B 196 34.50 -7.89 -16.63
N PRO B 197 33.59 -8.30 -17.51
CA PRO B 197 32.86 -7.30 -18.30
C PRO B 197 32.07 -6.38 -17.39
N VAL B 198 31.98 -5.12 -17.80
CA VAL B 198 31.30 -4.08 -17.03
C VAL B 198 29.93 -3.88 -17.64
N VAL B 199 28.90 -4.32 -16.92
CA VAL B 199 27.52 -4.12 -17.32
C VAL B 199 27.01 -2.82 -16.70
N ASP B 200 26.88 -1.78 -17.53
CA ASP B 200 25.93 -0.69 -17.31
C ASP B 200 25.95 0.21 -18.55
N THR B 201 25.28 1.36 -18.45
CA THR B 201 25.17 2.25 -19.58
C THR B 201 26.29 3.28 -19.55
N PHE B 202 26.30 4.15 -20.54
CA PHE B 202 27.37 5.14 -20.68
C PHE B 202 26.95 6.20 -21.68
N ASP B 203 27.63 7.34 -21.61
CA ASP B 203 27.42 8.42 -22.56
C ASP B 203 27.99 8.04 -23.92
N ILE B 204 27.21 8.27 -24.98
CA ILE B 204 27.61 7.90 -26.33
C ILE B 204 28.88 8.60 -26.78
N ARG B 205 29.33 9.63 -26.09
CA ARG B 205 30.51 10.36 -26.50
C ARG B 205 31.81 9.61 -26.22
N ILE B 206 31.79 8.56 -25.40
CA ILE B 206 32.98 7.74 -25.22
C ILE B 206 33.30 6.89 -26.45
N LEU B 207 32.37 6.77 -27.41
CA LEU B 207 32.59 5.93 -28.57
C LEU B 207 33.44 6.67 -29.60
N MET B 208 34.46 5.99 -30.13
CA MET B 208 35.45 6.60 -31.00
C MET B 208 35.41 6.09 -32.43
N ALA B 209 34.49 5.18 -32.75
CA ALA B 209 34.31 4.72 -34.11
C ALA B 209 32.88 4.21 -34.27
N LYS B 210 32.38 4.27 -35.51
CA LYS B 210 31.15 3.59 -35.86
C LYS B 210 31.26 2.12 -35.48
N SER B 211 30.14 1.51 -35.08
CA SER B 211 30.22 0.13 -34.62
C SER B 211 30.39 -0.82 -35.81
N VAL B 212 30.77 -2.04 -35.47
CA VAL B 212 30.80 -3.16 -36.40
C VAL B 212 29.66 -4.09 -36.01
N LYS B 213 28.96 -4.61 -37.00
CA LYS B 213 27.75 -5.38 -36.77
C LYS B 213 28.02 -6.83 -37.15
N TYR B 214 27.79 -7.74 -36.21
CA TYR B 214 27.85 -9.18 -36.46
C TYR B 214 26.42 -9.71 -36.35
N THR B 215 25.86 -10.12 -37.48
CA THR B 215 24.46 -10.50 -37.57
C THR B 215 24.30 -12.01 -37.44
N VAL B 216 23.30 -12.44 -36.67
CA VAL B 216 22.88 -13.84 -36.61
C VAL B 216 21.47 -13.93 -37.17
N ASN B 217 21.31 -14.73 -38.22
CA ASN B 217 20.01 -14.98 -38.80
C ASN B 217 19.40 -16.22 -38.16
N PHE B 218 18.36 -16.04 -37.35
CA PHE B 218 17.81 -17.16 -36.59
C PHE B 218 17.07 -18.15 -37.48
N LEU B 219 16.50 -17.69 -38.59
CA LEU B 219 15.89 -18.60 -39.56
C LEU B 219 16.91 -19.44 -40.32
N GLU B 220 18.16 -19.00 -40.40
CA GLU B 220 19.18 -19.74 -41.15
C GLU B 220 20.18 -20.48 -40.30
N ALA B 221 20.50 -19.97 -39.10
CA ALA B 221 21.64 -20.46 -38.37
C ALA B 221 21.35 -21.80 -37.71
N LYS B 222 22.41 -22.55 -37.47
CA LYS B 222 22.34 -23.80 -36.74
C LYS B 222 22.82 -23.58 -35.31
N GLU B 223 22.44 -24.51 -34.44
CA GLU B 223 22.84 -24.43 -33.05
C GLU B 223 24.37 -24.38 -32.92
N GLY B 224 25.07 -25.19 -33.71
CA GLY B 224 26.52 -25.24 -33.63
C GLY B 224 27.22 -23.99 -34.09
N ASP B 225 26.52 -23.09 -34.79
CA ASP B 225 27.12 -21.81 -35.18
C ASP B 225 27.45 -20.95 -33.97
N LEU B 226 26.81 -21.19 -32.82
CA LEU B 226 26.99 -20.36 -31.64
C LEU B 226 28.07 -20.90 -30.70
N HIS B 227 28.64 -22.07 -30.97
CA HIS B 227 29.64 -22.60 -30.04
C HIS B 227 30.93 -21.80 -30.10
N ARG B 228 31.21 -21.17 -31.24
CA ARG B 228 32.42 -20.40 -31.45
C ARG B 228 32.03 -19.23 -32.32
N ILE B 229 32.12 -18.01 -31.77
CA ILE B 229 31.66 -16.82 -32.46
C ILE B 229 32.87 -15.94 -32.69
N GLU B 230 33.33 -15.88 -33.92
CA GLU B 230 34.47 -15.07 -34.26
C GLU B 230 33.96 -13.81 -34.92
N ILE B 231 34.26 -12.68 -34.31
CA ILE B 231 33.88 -11.37 -34.83
C ILE B 231 35.15 -10.60 -35.13
N PRO B 232 35.62 -10.62 -36.37
CA PRO B 232 36.72 -9.72 -36.75
C PRO B 232 36.20 -8.30 -36.82
N PHE B 233 37.08 -7.36 -36.56
CA PHE B 233 36.69 -5.97 -36.66
C PHE B 233 37.83 -5.17 -37.26
N LYS B 234 37.47 -4.13 -37.98
CA LYS B 234 38.39 -3.09 -38.43
C LYS B 234 37.67 -1.77 -38.22
N PHE B 235 38.06 -1.02 -37.20
CA PHE B 235 37.38 0.23 -36.88
C PHE B 235 38.14 1.37 -37.55
N HIS B 236 37.40 2.20 -38.27
CA HIS B 236 37.93 3.45 -38.79
C HIS B 236 37.68 4.52 -37.74
N MET B 237 38.76 5.01 -37.13
CA MET B 237 38.65 5.88 -35.96
C MET B 237 38.10 7.25 -36.38
N LEU B 238 37.01 7.65 -35.75
CA LEU B 238 36.43 8.98 -35.97
C LEU B 238 36.99 10.02 -35.01
N HIS B 239 37.72 9.61 -33.98
CA HIS B 239 38.35 10.52 -33.04
C HIS B 239 39.74 10.02 -32.71
N SER B 240 40.59 10.93 -32.28
CA SER B 240 41.90 10.58 -31.74
C SER B 240 41.81 10.53 -30.21
N GLY B 241 42.47 9.54 -29.62
CA GLY B 241 42.42 9.37 -28.18
C GLY B 241 42.96 8.01 -27.79
N LEU B 242 42.94 7.76 -26.48
CA LEU B 242 43.28 6.44 -25.96
C LEU B 242 42.04 5.54 -26.01
N VAL B 243 42.21 4.33 -26.51
CA VAL B 243 41.13 3.33 -26.59
C VAL B 243 41.30 2.36 -25.43
N HIS B 244 40.33 2.34 -24.53
CA HIS B 244 40.45 1.51 -23.32
C HIS B 244 39.76 0.16 -23.44
N GLY B 245 38.92 -0.05 -24.44
CA GLY B 245 38.27 -1.34 -24.62
C GLY B 245 37.18 -1.26 -25.67
N LEU B 246 36.34 -2.29 -25.69
CA LEU B 246 35.25 -2.41 -26.64
C LEU B 246 33.92 -2.36 -25.91
N ALA B 247 32.98 -1.61 -26.46
CA ALA B 247 31.62 -1.54 -25.96
C ALA B 247 30.72 -2.42 -26.82
N PHE B 248 29.77 -3.10 -26.17
CA PHE B 248 28.90 -4.08 -26.83
C PHE B 248 27.46 -3.71 -26.55
N TRP B 249 26.61 -3.89 -27.56
CA TRP B 249 25.17 -3.85 -27.40
C TRP B 249 24.56 -4.66 -28.54
N PHE B 250 23.23 -4.76 -28.56
CA PHE B 250 22.60 -5.61 -29.55
C PHE B 250 21.21 -5.12 -29.90
N ASP B 251 20.78 -5.49 -31.10
CA ASP B 251 19.44 -5.26 -31.60
C ASP B 251 18.88 -6.59 -32.10
N VAL B 252 17.55 -6.76 -31.99
CA VAL B 252 16.88 -7.86 -32.67
C VAL B 252 15.77 -7.26 -33.53
N ALA B 253 15.41 -7.96 -34.60
CA ALA B 253 14.33 -7.54 -35.48
C ALA B 253 13.28 -8.63 -35.54
N PHE B 254 12.01 -8.21 -35.51
CA PHE B 254 10.88 -9.11 -35.71
C PHE B 254 10.39 -8.85 -37.12
N ILE B 255 10.76 -9.73 -38.05
CA ILE B 255 10.54 -9.50 -39.50
C ILE B 255 9.22 -10.19 -39.84
N GLY B 256 8.13 -9.39 -39.81
CA GLY B 256 6.80 -9.90 -40.01
C GLY B 256 6.29 -9.67 -41.42
N SER B 257 5.17 -10.33 -41.73
CA SER B 257 4.52 -10.15 -43.02
C SER B 257 4.03 -8.72 -43.20
N ILE B 258 3.62 -8.07 -42.12
CA ILE B 258 3.10 -6.70 -42.22
C ILE B 258 4.21 -5.68 -42.03
N MET B 259 5.12 -5.90 -41.09
CA MET B 259 6.14 -4.89 -40.85
C MET B 259 7.26 -5.50 -40.02
N THR B 260 8.35 -4.75 -39.93
CA THR B 260 9.53 -5.13 -39.18
C THR B 260 9.63 -4.21 -37.98
N VAL B 261 9.75 -4.80 -36.79
CA VAL B 261 9.85 -4.04 -35.56
C VAL B 261 11.19 -4.37 -34.92
N TRP B 262 11.91 -3.33 -34.50
CA TRP B 262 13.25 -3.44 -33.96
C TRP B 262 13.20 -3.24 -32.45
N LEU B 263 13.89 -4.11 -31.71
CA LEU B 263 14.17 -3.90 -30.29
C LEU B 263 15.66 -3.64 -30.16
N SER B 264 16.02 -2.45 -29.68
CA SER B 264 17.42 -2.03 -29.60
C SER B 264 17.85 -1.83 -28.15
N THR B 265 19.09 -2.23 -27.85
CA THR B 265 19.72 -1.92 -26.57
C THR B 265 20.91 -0.98 -26.76
N ALA B 266 20.92 -0.21 -27.84
CA ALA B 266 22.01 0.70 -28.11
C ALA B 266 22.04 1.83 -27.10
N PRO B 267 23.23 2.38 -26.82
CA PRO B 267 23.32 3.52 -25.89
C PRO B 267 22.78 4.82 -26.47
N THR B 268 22.38 4.84 -27.74
CA THR B 268 21.63 5.94 -28.33
C THR B 268 20.12 5.76 -28.22
N GLU B 269 19.68 4.61 -27.72
CA GLU B 269 18.27 4.30 -27.52
C GLU B 269 17.92 4.34 -26.05
N PRO B 270 16.64 4.54 -25.71
CA PRO B 270 16.21 4.47 -24.30
C PRO B 270 16.75 3.23 -23.59
N LEU B 271 17.11 3.41 -22.33
CA LEU B 271 17.77 2.37 -21.55
C LEU B 271 16.85 1.17 -21.34
N THR B 272 17.42 -0.02 -21.47
CA THR B 272 16.69 -1.25 -21.19
C THR B 272 17.34 -1.94 -20.01
N HIS B 273 16.67 -2.99 -19.52
CA HIS B 273 17.24 -3.72 -18.41
C HIS B 273 18.48 -4.52 -18.80
N TRP B 274 18.81 -4.61 -20.10
CA TRP B 274 20.08 -5.21 -20.57
C TRP B 274 21.27 -4.26 -20.42
N TYR B 275 21.02 -2.96 -20.31
CA TYR B 275 22.06 -1.93 -20.33
C TYR B 275 22.95 -2.13 -21.56
N GLN B 276 24.26 -1.97 -21.36
CA GLN B 276 25.28 -2.29 -22.36
C GLN B 276 26.45 -2.91 -21.60
N VAL B 277 27.42 -3.44 -22.35
CA VAL B 277 28.54 -4.17 -21.75
C VAL B 277 29.84 -3.60 -22.29
N ARG B 278 30.84 -3.48 -21.43
CA ARG B 278 32.17 -3.04 -21.83
C ARG B 278 33.24 -3.99 -21.36
N CYS B 279 34.17 -4.31 -22.26
CA CYS B 279 35.33 -5.15 -21.96
C CYS B 279 36.58 -4.31 -22.15
N LEU B 280 37.36 -4.20 -21.08
CA LEU B 280 38.59 -3.42 -21.13
C LEU B 280 39.71 -4.20 -21.79
N PHE B 281 40.54 -3.49 -22.57
CA PHE B 281 41.88 -3.97 -22.85
C PHE B 281 42.73 -3.88 -21.61
N GLN B 282 43.79 -4.68 -21.56
CA GLN B 282 44.71 -4.60 -20.44
C GLN B 282 45.50 -3.30 -20.49
N SER B 283 45.85 -2.83 -21.68
CA SER B 283 46.58 -1.59 -21.87
C SER B 283 45.89 -0.76 -22.94
N PRO B 284 45.78 0.54 -22.74
CA PRO B 284 45.14 1.38 -23.76
C PRO B 284 45.98 1.49 -25.02
N LEU B 285 45.32 1.90 -26.09
CA LEU B 285 45.91 2.05 -27.41
C LEU B 285 45.66 3.47 -27.89
N PHE B 286 46.72 4.19 -28.23
CA PHE B 286 46.55 5.49 -28.88
C PHE B 286 46.26 5.29 -30.36
N ALA B 287 45.19 5.93 -30.83
CA ALA B 287 44.82 5.92 -32.24
C ALA B 287 44.44 7.33 -32.65
N LYS B 288 44.84 7.72 -33.85
CA LYS B 288 44.47 9.01 -34.40
C LYS B 288 43.16 8.87 -35.17
N ALA B 289 42.40 9.96 -35.23
CA ALA B 289 41.27 10.02 -36.15
C ALA B 289 41.77 9.74 -37.57
N GLY B 290 41.30 8.64 -38.15
CA GLY B 290 41.78 8.19 -39.44
C GLY B 290 42.48 6.85 -39.44
N ASP B 291 43.20 6.53 -38.36
CA ASP B 291 43.77 5.22 -38.16
C ASP B 291 42.66 4.16 -38.19
N THR B 292 43.09 2.91 -38.31
CA THR B 292 42.21 1.76 -38.26
C THR B 292 42.62 0.89 -37.07
N LEU B 293 41.65 0.58 -36.22
CA LEU B 293 41.88 -0.34 -35.12
C LEU B 293 41.25 -1.67 -35.51
N SER B 294 42.09 -2.71 -35.61
CA SER B 294 41.65 -3.98 -36.14
C SER B 294 42.03 -5.11 -35.19
N GLY B 295 41.28 -6.19 -35.28
CA GLY B 295 41.53 -7.36 -34.48
C GLY B 295 40.30 -8.26 -34.50
N THR B 296 40.20 -9.05 -33.43
CA THR B 296 39.20 -10.11 -33.34
C THR B 296 38.63 -10.16 -31.93
N CYS B 297 37.31 -10.27 -31.85
CA CYS B 297 36.62 -10.65 -30.64
C CYS B 297 36.13 -12.08 -30.82
N LEU B 298 36.68 -13.01 -30.05
CA LEU B 298 36.31 -14.42 -30.18
C LEU B 298 35.56 -14.86 -28.92
N LEU B 299 34.33 -15.32 -29.10
CA LEU B 299 33.51 -15.85 -28.02
C LEU B 299 33.46 -17.37 -28.15
N ILE B 300 33.83 -18.05 -27.08
CA ILE B 300 33.93 -19.50 -27.04
C ILE B 300 32.96 -19.98 -25.97
N ALA B 301 31.94 -20.73 -26.39
CA ALA B 301 30.95 -21.24 -25.46
C ALA B 301 31.64 -22.09 -24.40
N ASN B 302 31.21 -21.95 -23.15
CA ASN B 302 31.74 -22.78 -22.07
C ASN B 302 30.60 -23.55 -21.40
N LYS B 303 30.97 -24.31 -20.35
CA LYS B 303 30.09 -25.19 -19.59
C LYS B 303 29.28 -24.46 -18.52
N ARG B 304 29.50 -23.15 -18.33
CA ARG B 304 28.75 -22.38 -17.35
C ARG B 304 27.64 -21.57 -17.99
N GLN B 305 27.03 -22.10 -19.06
CA GLN B 305 25.95 -21.43 -19.78
C GLN B 305 26.37 -20.05 -20.25
N SER B 306 27.61 -19.92 -20.74
CA SER B 306 28.13 -18.61 -21.07
C SER B 306 29.30 -18.77 -22.05
N TYR B 307 30.16 -17.74 -22.12
CA TYR B 307 31.23 -17.63 -23.09
C TYR B 307 32.48 -17.06 -22.44
N ASP B 308 33.63 -17.61 -22.81
CA ASP B 308 34.88 -16.91 -22.59
C ASP B 308 35.10 -15.95 -23.76
N ILE B 309 35.52 -14.73 -23.44
CA ILE B 309 35.65 -13.66 -24.43
C ILE B 309 37.13 -13.39 -24.62
N SER B 310 37.60 -13.55 -25.85
CA SER B 310 38.99 -13.23 -26.20
C SER B 310 38.97 -12.03 -27.14
N ILE B 311 39.64 -10.96 -26.74
CA ILE B 311 39.69 -9.73 -27.54
C ILE B 311 41.16 -9.41 -27.81
N VAL B 312 41.51 -9.27 -29.09
CA VAL B 312 42.83 -8.78 -29.49
C VAL B 312 42.60 -7.61 -30.43
N ALA B 313 43.42 -6.57 -30.28
CA ALA B 313 43.30 -5.43 -31.16
C ALA B 313 44.66 -4.79 -31.36
N GLN B 314 44.79 -4.10 -32.48
CA GLN B 314 45.99 -3.33 -32.79
C GLN B 314 45.57 -2.12 -33.61
N VAL B 315 46.34 -1.05 -33.48
CA VAL B 315 46.26 0.07 -34.41
C VAL B 315 47.25 -0.23 -35.53
N ASP B 316 46.74 -0.30 -36.75
CA ASP B 316 47.59 -0.78 -37.84
C ASP B 316 48.71 0.20 -38.15
N GLN B 317 48.42 1.50 -38.07
CA GLN B 317 49.41 2.50 -38.47
C GLN B 317 50.64 2.48 -37.59
N THR B 318 50.52 1.98 -36.36
CA THR B 318 51.60 2.06 -35.39
C THR B 318 52.04 0.71 -34.84
N GLY B 319 51.32 -0.37 -35.13
CA GLY B 319 51.66 -1.67 -34.59
C GLY B 319 51.37 -1.86 -33.12
N SER B 320 50.79 -0.85 -32.47
CA SER B 320 50.48 -0.95 -31.04
C SER B 320 49.27 -1.86 -30.82
N LYS B 321 49.39 -2.81 -29.92
CA LYS B 321 48.39 -3.84 -29.76
C LYS B 321 48.11 -4.12 -28.28
N SER B 322 46.90 -4.55 -27.99
CA SER B 322 46.56 -5.05 -26.67
C SER B 322 45.53 -6.16 -26.78
N SER B 323 45.33 -6.87 -25.67
CA SER B 323 44.38 -7.96 -25.59
C SER B 323 43.72 -7.99 -24.21
N ASN B 324 42.72 -8.86 -24.08
CA ASN B 324 42.19 -9.25 -22.79
C ASN B 324 41.40 -10.55 -22.99
N LEU B 325 41.23 -11.27 -21.90
CA LEU B 325 40.43 -12.48 -21.87
C LEU B 325 39.44 -12.34 -20.72
N LEU B 326 38.14 -12.40 -21.00
CA LEU B 326 37.14 -12.08 -19.99
C LEU B 326 36.21 -13.26 -19.76
N ASP B 327 35.61 -13.28 -18.58
CA ASP B 327 34.64 -14.30 -18.18
C ASP B 327 33.24 -13.66 -18.15
N LEU B 328 32.44 -13.95 -19.18
CA LEU B 328 31.14 -13.30 -19.31
C LEU B 328 30.16 -13.74 -18.23
N LYS B 329 30.35 -14.93 -17.65
CA LYS B 329 29.46 -15.44 -16.63
C LYS B 329 29.57 -14.67 -15.33
N ASN B 330 30.70 -13.99 -15.11
CA ASN B 330 30.99 -13.33 -13.84
C ASN B 330 31.29 -11.85 -14.08
N PRO B 331 30.29 -11.07 -14.46
CA PRO B 331 30.52 -9.67 -14.81
C PRO B 331 30.39 -8.77 -13.59
N PHE B 332 30.81 -7.53 -13.76
CA PHE B 332 30.62 -6.52 -12.73
C PHE B 332 29.39 -5.71 -13.16
N PHE B 333 28.30 -5.84 -12.40
CA PHE B 333 27.09 -5.06 -12.65
C PHE B 333 27.26 -3.70 -12.01
N ARG B 334 27.99 -2.83 -12.72
CA ARG B 334 28.34 -1.52 -12.20
C ARG B 334 27.12 -0.67 -11.86
N TYR B 335 26.02 -0.85 -12.58
CA TYR B 335 24.82 -0.07 -12.27
C TYR B 335 24.29 -0.46 -10.89
N GLU C 1 -36.75 6.94 -5.06
CA GLU C 1 -37.37 6.29 -3.92
C GLU C 1 -37.77 7.30 -2.85
N GLU C 2 -38.83 6.94 -2.13
CA GLU C 2 -39.50 7.86 -1.22
C GLU C 2 -38.62 8.21 -0.02
N SER C 3 -38.02 7.19 0.58
CA SER C 3 -37.18 7.38 1.77
C SER C 3 -36.01 8.32 1.50
N SER C 4 -35.38 8.18 0.34
CA SER C 4 -34.20 9.00 0.05
C SER C 4 -34.59 10.44 -0.27
N ALA C 5 -35.71 10.62 -0.96
CA ALA C 5 -36.18 11.97 -1.26
C ALA C 5 -36.49 12.77 0.01
N VAL C 6 -37.06 12.11 1.02
CA VAL C 6 -37.36 12.80 2.28
C VAL C 6 -36.09 13.37 2.90
N GLN C 7 -35.05 12.55 3.00
CA GLN C 7 -33.79 13.03 3.54
C GLN C 7 -33.17 14.11 2.66
N TYR C 8 -33.37 14.04 1.34
CA TYR C 8 -32.81 15.05 0.46
C TYR C 8 -33.38 16.41 0.77
N PHE C 9 -34.72 16.51 0.87
CA PHE C 9 -35.32 17.80 1.13
C PHE C 9 -35.12 18.24 2.59
N GLN C 10 -34.94 17.28 3.51
CA GLN C 10 -34.61 17.65 4.88
C GLN C 10 -33.25 18.32 4.97
N PHE C 11 -32.26 17.83 4.20
CA PHE C 11 -30.92 18.42 4.19
C PHE C 11 -31.00 19.91 3.87
N TYR C 12 -31.84 20.29 2.92
CA TYR C 12 -31.99 21.68 2.54
C TYR C 12 -32.92 22.47 3.45
N GLY C 13 -33.39 21.85 4.55
CA GLY C 13 -34.13 22.62 5.53
C GLY C 13 -33.25 23.38 6.50
N TYR C 14 -31.94 23.09 6.52
CA TYR C 14 -31.06 23.65 7.53
C TYR C 14 -30.51 24.98 7.05
N LEU C 15 -30.53 25.96 7.95
CA LEU C 15 -29.96 27.26 7.64
C LEU C 15 -28.45 27.17 7.51
N SER C 16 -27.81 26.26 8.26
CA SER C 16 -26.37 26.12 8.12
C SER C 16 -26.00 25.70 6.71
N GLN C 17 -26.86 24.93 6.04
CA GLN C 17 -26.56 24.50 4.68
C GLN C 17 -26.74 25.64 3.69
N GLN C 18 -27.78 26.48 3.88
CA GLN C 18 -27.91 27.69 3.09
C GLN C 18 -26.68 28.57 3.23
N GLN C 19 -26.20 28.72 4.46
CA GLN C 19 -25.04 29.57 4.70
C GLN C 19 -23.79 29.02 4.01
N ASN C 20 -23.65 27.68 3.96
CA ASN C 20 -22.51 27.09 3.25
C ASN C 20 -22.49 27.49 1.76
N MET C 21 -23.65 27.42 1.09
CA MET C 21 -23.69 27.82 -0.31
C MET C 21 -23.53 29.33 -0.48
N MET C 22 -24.18 30.12 0.40
CA MET C 22 -24.20 31.57 0.25
C MET C 22 -22.82 32.18 0.47
N GLN C 23 -22.09 31.70 1.48
CA GLN C 23 -20.78 32.25 1.77
C GLN C 23 -19.74 31.88 0.74
N ASP C 24 -20.03 30.95 -0.18
CA ASP C 24 -19.17 30.75 -1.35
C ASP C 24 -19.24 32.02 -2.19
N TYR C 25 -18.26 32.92 -2.05
CA TYR C 25 -18.35 34.20 -2.74
C TYR C 25 -18.25 34.03 -4.25
N VAL C 26 -17.49 33.04 -4.72
CA VAL C 26 -17.40 32.79 -6.15
C VAL C 26 -18.76 32.40 -6.71
N ARG C 27 -19.44 31.46 -6.04
CA ARG C 27 -20.80 31.12 -6.43
C ARG C 27 -21.73 32.35 -6.39
N THR C 28 -21.88 32.95 -5.22
CA THR C 28 -22.92 33.96 -5.02
C THR C 28 -22.61 35.24 -5.77
N GLY C 29 -21.35 35.66 -5.81
CA GLY C 29 -21.00 36.87 -6.53
C GLY C 29 -21.09 36.70 -8.04
N THR C 30 -20.76 35.51 -8.55
CA THR C 30 -20.87 35.29 -9.99
C THR C 30 -22.33 35.25 -10.41
N TYR C 31 -23.18 34.58 -9.62
CA TYR C 31 -24.61 34.62 -9.89
C TYR C 31 -25.13 36.06 -9.90
N GLN C 32 -24.69 36.88 -8.93
CA GLN C 32 -25.20 38.24 -8.90
C GLN C 32 -24.68 39.06 -10.08
N ARG C 33 -23.42 38.87 -10.46
CA ARG C 33 -22.85 39.57 -11.61
C ARG C 33 -23.57 39.17 -12.91
N ALA C 34 -23.75 37.86 -13.13
CA ALA C 34 -24.51 37.38 -14.27
C ALA C 34 -25.88 38.01 -14.36
N ILE C 35 -26.57 38.14 -13.23
CA ILE C 35 -27.93 38.67 -13.26
C ILE C 35 -27.92 40.18 -13.45
N LEU C 36 -27.10 40.90 -12.66
CA LEU C 36 -27.12 42.36 -12.73
C LEU C 36 -26.48 42.89 -14.03
N GLN C 37 -25.41 42.25 -14.51
CA GLN C 37 -24.84 42.72 -15.78
C GLN C 37 -25.73 42.41 -16.98
N ASN C 38 -26.74 41.54 -16.82
CA ASN C 38 -27.70 41.24 -17.88
C ASN C 38 -29.08 41.77 -17.50
N HIS C 39 -29.10 43.00 -16.97
CA HIS C 39 -30.28 43.53 -16.33
C HIS C 39 -31.48 43.55 -17.26
N THR C 40 -31.27 43.77 -18.57
CA THR C 40 -32.41 43.85 -19.47
C THR C 40 -33.02 42.48 -19.75
N ASP C 41 -32.31 41.40 -19.47
CA ASP C 41 -32.95 40.10 -19.39
C ASP C 41 -33.87 39.96 -18.17
N PHE C 42 -33.86 40.89 -17.23
CA PHE C 42 -34.73 40.80 -16.07
C PHE C 42 -35.67 41.98 -15.89
N LYS C 43 -35.31 43.16 -16.38
CA LYS C 43 -36.11 44.36 -16.14
C LYS C 43 -37.51 44.18 -16.69
N ASP C 44 -38.49 44.27 -15.78
CA ASP C 44 -39.91 44.19 -16.10
C ASP C 44 -40.34 42.83 -16.61
N LYS C 45 -39.53 41.80 -16.41
CA LYS C 45 -39.82 40.45 -16.88
C LYS C 45 -40.42 39.59 -15.76
N ILE C 46 -40.98 38.45 -16.16
CA ILE C 46 -41.51 37.44 -15.25
C ILE C 46 -40.46 36.34 -15.12
N VAL C 47 -40.13 35.97 -13.87
CA VAL C 47 -38.99 35.10 -13.56
C VAL C 47 -39.47 33.91 -12.72
N LEU C 48 -38.93 32.74 -13.02
CA LEU C 48 -39.12 31.54 -12.23
C LEU C 48 -37.79 31.13 -11.61
N ASP C 49 -37.73 31.06 -10.28
CA ASP C 49 -36.54 30.65 -9.54
C ASP C 49 -36.77 29.24 -9.01
N VAL C 50 -36.01 28.28 -9.52
CA VAL C 50 -36.26 26.86 -9.24
C VAL C 50 -35.38 26.42 -8.07
N GLY C 51 -36.01 26.08 -6.94
CA GLY C 51 -35.25 25.61 -5.79
C GLY C 51 -34.53 26.77 -5.13
N CYS C 52 -35.31 27.79 -4.76
CA CYS C 52 -34.76 29.07 -4.35
C CYS C 52 -34.08 29.04 -3.00
N GLY C 53 -34.36 28.03 -2.17
CA GLY C 53 -33.72 27.99 -0.85
C GLY C 53 -34.09 29.22 -0.05
N SER C 54 -33.08 29.91 0.48
CA SER C 54 -33.33 31.13 1.25
C SER C 54 -33.85 32.27 0.39
N GLY C 55 -33.73 32.18 -0.93
CA GLY C 55 -34.32 33.16 -1.83
C GLY C 55 -33.35 34.12 -2.48
N ILE C 56 -32.04 33.91 -2.35
CA ILE C 56 -31.06 34.94 -2.72
C ILE C 56 -31.10 35.25 -4.22
N LEU C 57 -31.32 34.25 -5.07
CA LEU C 57 -31.34 34.52 -6.52
C LEU C 57 -32.59 35.29 -6.91
N SER C 58 -33.72 35.00 -6.26
CA SER C 58 -34.89 35.83 -6.46
C SER C 58 -34.61 37.29 -6.11
N PHE C 59 -33.88 37.52 -5.00
CA PHE C 59 -33.55 38.90 -4.67
C PHE C 59 -32.70 39.54 -5.76
N PHE C 60 -31.76 38.78 -6.32
CA PHE C 60 -30.93 39.30 -7.40
C PHE C 60 -31.79 39.70 -8.60
N ALA C 61 -32.72 38.82 -9.00
CA ALA C 61 -33.65 39.13 -10.06
C ALA C 61 -34.48 40.38 -9.74
N ALA C 62 -34.80 40.60 -8.46
CA ALA C 62 -35.55 41.80 -8.11
C ALA C 62 -34.67 43.05 -8.11
N GLN C 63 -33.40 42.93 -7.70
CA GLN C 63 -32.50 44.06 -7.85
C GLN C 63 -32.26 44.40 -9.31
N ALA C 64 -32.42 43.42 -10.21
CA ALA C 64 -32.29 43.68 -11.64
C ALA C 64 -33.56 44.25 -12.27
N GLY C 65 -34.61 44.48 -11.49
CA GLY C 65 -35.81 45.14 -11.97
C GLY C 65 -36.95 44.23 -12.37
N ALA C 66 -36.90 42.94 -12.02
CA ALA C 66 -37.93 42.00 -12.47
C ALA C 66 -39.31 42.43 -11.99
N ARG C 67 -40.32 42.14 -12.82
CA ARG C 67 -41.70 42.48 -12.50
C ARG C 67 -42.27 41.54 -11.45
N LYS C 68 -42.17 40.23 -11.68
CA LYS C 68 -42.62 39.24 -10.71
C LYS C 68 -41.66 38.04 -10.76
N ILE C 69 -41.42 37.45 -9.58
CA ILE C 69 -40.53 36.30 -9.44
C ILE C 69 -41.29 35.23 -8.67
N TYR C 70 -41.48 34.07 -9.28
CA TYR C 70 -42.02 32.91 -8.60
C TYR C 70 -40.85 32.11 -8.05
N ALA C 71 -40.72 32.07 -6.74
CA ALA C 71 -39.60 31.38 -6.08
C ALA C 71 -40.12 30.06 -5.56
N VAL C 72 -39.71 28.96 -6.20
CA VAL C 72 -40.25 27.64 -5.93
C VAL C 72 -39.27 26.87 -5.05
N GLU C 73 -39.77 26.33 -3.95
CA GLU C 73 -38.94 25.70 -2.92
C GLU C 73 -39.76 24.63 -2.23
N ALA C 74 -39.27 23.39 -2.26
CA ALA C 74 -40.02 22.26 -1.72
C ALA C 74 -39.64 21.95 -0.27
N SER C 75 -38.49 22.41 0.22
CA SER C 75 -38.12 22.11 1.59
C SER C 75 -38.76 23.12 2.55
N THR C 76 -38.55 22.91 3.86
CA THR C 76 -39.05 23.85 4.85
C THR C 76 -38.34 25.20 4.79
N MET C 77 -37.30 25.32 3.97
CA MET C 77 -36.65 26.61 3.78
C MET C 77 -37.59 27.65 3.18
N ALA C 78 -38.66 27.22 2.49
CA ALA C 78 -39.63 28.16 1.93
C ALA C 78 -40.18 29.12 2.98
N GLN C 79 -40.34 28.65 4.23
CA GLN C 79 -40.87 29.54 5.25
C GLN C 79 -39.85 30.63 5.62
N HIS C 80 -38.56 30.27 5.67
CA HIS C 80 -37.52 31.28 5.90
C HIS C 80 -37.41 32.25 4.73
N ALA C 81 -37.49 31.76 3.49
CA ALA C 81 -37.48 32.67 2.34
C ALA C 81 -38.61 33.69 2.44
N GLU C 82 -39.81 33.22 2.81
CA GLU C 82 -40.94 34.13 2.94
C GLU C 82 -40.67 35.20 3.99
N VAL C 83 -39.99 34.84 5.09
CA VAL C 83 -39.63 35.83 6.10
C VAL C 83 -38.70 36.88 5.51
N LEU C 84 -37.74 36.45 4.67
CA LEU C 84 -36.82 37.42 4.08
C LEU C 84 -37.52 38.31 3.07
N VAL C 85 -38.48 37.77 2.33
CA VAL C 85 -39.21 38.58 1.34
C VAL C 85 -39.96 39.71 2.03
N LYS C 86 -40.62 39.39 3.15
CA LYS C 86 -41.32 40.40 3.92
C LYS C 86 -40.37 41.38 4.58
N SER C 87 -39.27 40.89 5.18
CA SER C 87 -38.41 41.83 5.90
C SER C 87 -37.64 42.71 4.95
N ASN C 88 -37.46 42.30 3.70
CA ASN C 88 -36.89 43.14 2.66
C ASN C 88 -37.94 43.88 1.84
N ASN C 89 -39.21 43.87 2.28
CA ASN C 89 -40.27 44.66 1.65
C ASN C 89 -40.39 44.37 0.16
N LEU C 90 -40.36 43.08 -0.21
CA LEU C 90 -40.42 42.67 -1.61
C LEU C 90 -41.63 41.77 -1.87
N THR C 91 -42.65 41.86 -1.00
CA THR C 91 -43.88 41.08 -1.17
C THR C 91 -44.61 41.42 -2.46
N ASP C 92 -44.40 42.61 -3.01
CA ASP C 92 -45.07 42.94 -4.25
C ASP C 92 -44.40 42.34 -5.48
N ARG C 93 -43.21 41.71 -5.32
CA ARG C 93 -42.50 41.20 -6.50
C ARG C 93 -42.07 39.74 -6.39
N ILE C 94 -41.68 39.27 -5.20
CA ILE C 94 -41.25 37.90 -5.05
C ILE C 94 -42.39 37.11 -4.42
N VAL C 95 -42.83 36.07 -5.10
CA VAL C 95 -43.93 35.22 -4.64
C VAL C 95 -43.32 33.86 -4.35
N VAL C 96 -43.12 33.54 -3.06
CA VAL C 96 -42.67 32.20 -2.69
C VAL C 96 -43.79 31.20 -2.94
N ILE C 97 -43.44 30.07 -3.54
CA ILE C 97 -44.43 29.06 -3.91
C ILE C 97 -43.93 27.71 -3.41
N PRO C 98 -44.51 27.19 -2.35
CA PRO C 98 -43.96 25.98 -1.72
C PRO C 98 -44.34 24.73 -2.49
N GLY C 99 -43.36 23.84 -2.68
CA GLY C 99 -43.58 22.59 -3.37
C GLY C 99 -42.53 22.34 -4.43
N LYS C 100 -42.62 21.16 -5.04
CA LYS C 100 -41.71 20.79 -6.13
C LYS C 100 -42.16 21.45 -7.43
N VAL C 101 -41.18 21.91 -8.22
CA VAL C 101 -41.50 22.56 -9.49
C VAL C 101 -42.33 21.64 -10.39
N GLU C 102 -42.14 20.32 -10.27
CA GLU C 102 -42.97 19.37 -11.00
C GLU C 102 -44.43 19.35 -10.54
N GLU C 103 -44.74 19.85 -9.34
CA GLU C 103 -46.08 19.72 -8.76
C GLU C 103 -46.82 21.04 -8.57
N VAL C 104 -46.15 22.18 -8.58
CA VAL C 104 -46.83 23.45 -8.35
C VAL C 104 -47.56 23.89 -9.61
N SER C 105 -48.45 24.86 -9.43
CA SER C 105 -49.20 25.48 -10.52
C SER C 105 -48.90 26.98 -10.51
N LEU C 106 -48.11 27.42 -11.46
CA LEU C 106 -47.87 28.86 -11.57
C LEU C 106 -48.96 29.50 -12.42
N PRO C 107 -49.22 30.78 -12.22
CA PRO C 107 -50.33 31.45 -12.94
C PRO C 107 -49.99 31.92 -14.35
N GLU C 108 -48.72 31.95 -14.75
CA GLU C 108 -48.35 32.50 -16.06
C GLU C 108 -47.01 31.92 -16.48
N GLN C 109 -46.76 32.02 -17.78
CA GLN C 109 -45.47 31.64 -18.35
C GLN C 109 -44.43 32.70 -18.02
N VAL C 110 -43.17 32.30 -18.04
CA VAL C 110 -42.11 33.19 -17.57
C VAL C 110 -41.16 33.49 -18.71
N ASP C 111 -40.47 34.63 -18.58
CA ASP C 111 -39.48 35.03 -19.57
C ASP C 111 -38.14 34.37 -19.34
N ILE C 112 -37.84 33.96 -18.11
CA ILE C 112 -36.51 33.44 -17.81
C ILE C 112 -36.58 32.62 -16.54
N ILE C 113 -35.89 31.48 -16.56
CA ILE C 113 -35.75 30.58 -15.44
C ILE C 113 -34.34 30.72 -14.89
N ILE C 114 -34.23 30.96 -13.58
CA ILE C 114 -32.93 30.99 -12.92
C ILE C 114 -32.92 29.89 -11.87
N SER C 115 -31.75 29.29 -11.68
CA SER C 115 -31.63 28.28 -10.63
C SER C 115 -30.15 28.05 -10.41
N GLU C 116 -29.84 27.47 -9.25
CA GLU C 116 -28.52 26.92 -8.99
C GLU C 116 -28.75 25.42 -8.78
N PRO C 117 -28.80 24.66 -9.86
CA PRO C 117 -29.16 23.23 -9.77
C PRO C 117 -27.99 22.26 -9.78
N MET C 118 -26.74 22.74 -9.60
CA MET C 118 -25.54 21.91 -9.80
C MET C 118 -25.18 21.18 -8.51
N GLY C 119 -25.10 19.86 -8.56
CA GLY C 119 -24.51 19.12 -7.46
C GLY C 119 -23.01 19.09 -7.60
N TYR C 120 -22.33 18.44 -6.63
CA TYR C 120 -20.92 18.16 -6.90
C TYR C 120 -20.86 17.20 -8.08
N MET C 121 -19.78 17.32 -8.86
CA MET C 121 -19.70 16.66 -10.16
C MET C 121 -20.90 17.03 -11.04
N LEU C 122 -21.46 18.23 -10.82
CA LEU C 122 -22.59 18.76 -11.56
C LEU C 122 -23.87 17.94 -11.38
N PHE C 123 -23.82 16.63 -11.65
CA PHE C 123 -25.03 15.84 -11.83
C PHE C 123 -25.62 15.25 -10.56
N ASN C 124 -24.92 15.31 -9.42
CA ASN C 124 -25.27 14.48 -8.27
C ASN C 124 -26.76 14.55 -7.92
N GLU C 125 -27.29 15.72 -7.65
CA GLU C 125 -28.61 15.68 -7.00
C GLU C 125 -29.79 15.51 -7.95
N ARG C 126 -29.55 15.31 -9.26
CA ARG C 126 -30.59 15.19 -10.28
C ARG C 126 -31.49 16.41 -10.32
N MET C 127 -30.98 17.54 -9.84
CA MET C 127 -31.76 18.77 -9.82
C MET C 127 -31.78 19.44 -11.22
N LEU C 128 -30.85 19.05 -12.11
CA LEU C 128 -30.91 19.51 -13.49
C LEU C 128 -32.18 19.04 -14.18
N GLU C 129 -32.67 17.84 -13.83
CA GLU C 129 -33.94 17.37 -14.34
C GLU C 129 -35.10 18.26 -13.90
N SER C 130 -35.11 18.67 -12.62
CA SER C 130 -36.16 19.60 -12.20
C SER C 130 -36.01 20.93 -12.93
N TYR C 131 -34.78 21.41 -13.07
CA TYR C 131 -34.50 22.63 -13.81
C TYR C 131 -35.05 22.52 -15.24
N LEU C 132 -34.76 21.40 -15.92
CA LEU C 132 -35.26 21.22 -17.27
C LEU C 132 -36.77 21.06 -17.27
N HIS C 133 -37.32 20.30 -16.32
CA HIS C 133 -38.76 20.21 -16.21
C HIS C 133 -39.41 21.58 -16.12
N ALA C 134 -38.74 22.55 -15.50
CA ALA C 134 -39.35 23.86 -15.33
C ALA C 134 -39.60 24.58 -16.66
N LYS C 135 -38.99 24.12 -17.76
CA LYS C 135 -39.18 24.79 -19.05
C LYS C 135 -40.60 24.71 -19.58
N LYS C 136 -41.46 23.83 -19.05
CA LYS C 136 -42.85 23.86 -19.45
C LYS C 136 -43.49 25.22 -19.16
N TYR C 137 -42.93 26.02 -18.26
CA TYR C 137 -43.44 27.35 -17.94
C TYR C 137 -42.73 28.44 -18.72
N LEU C 138 -41.74 28.09 -19.54
CA LEU C 138 -40.92 29.09 -20.21
C LEU C 138 -41.58 29.52 -21.52
N LYS C 139 -41.51 30.82 -21.82
CA LYS C 139 -42.05 31.30 -23.07
C LYS C 139 -41.12 30.91 -24.23
N PRO C 140 -41.66 30.88 -25.46
CA PRO C 140 -40.79 30.82 -26.64
C PRO C 140 -39.78 31.95 -26.60
N SER C 141 -38.54 31.63 -26.91
CA SER C 141 -37.46 32.62 -26.79
C SER C 141 -37.30 33.15 -25.35
N GLY C 142 -37.76 32.39 -24.36
CA GLY C 142 -37.31 32.62 -23.00
C GLY C 142 -35.90 32.08 -22.80
N ASN C 143 -35.26 32.50 -21.71
CA ASN C 143 -33.87 32.17 -21.46
C ASN C 143 -33.75 31.35 -20.18
N MET C 144 -32.57 30.77 -20.00
CA MET C 144 -32.24 29.93 -18.85
C MET C 144 -30.94 30.45 -18.26
N PHE C 145 -30.93 30.69 -16.95
CA PHE C 145 -29.73 31.12 -16.23
C PHE C 145 -29.46 30.12 -15.11
N PRO C 146 -28.50 29.19 -15.27
CA PRO C 146 -27.50 29.04 -16.34
C PRO C 146 -28.02 28.46 -17.66
N THR C 147 -27.38 28.84 -18.76
CA THR C 147 -27.81 28.44 -20.10
C THR C 147 -27.18 27.13 -20.56
N ILE C 148 -25.90 26.91 -20.25
CA ILE C 148 -25.22 25.66 -20.58
C ILE C 148 -24.30 25.26 -19.43
N GLY C 149 -23.88 24.01 -19.43
CA GLY C 149 -22.85 23.54 -18.54
C GLY C 149 -21.83 22.69 -19.28
N ASP C 150 -20.57 22.80 -18.87
CA ASP C 150 -19.47 22.02 -19.42
C ASP C 150 -18.92 21.11 -18.34
N VAL C 151 -19.12 19.80 -18.48
CA VAL C 151 -18.39 18.82 -17.68
C VAL C 151 -17.01 18.60 -18.30
N HIS C 152 -15.97 18.71 -17.47
CA HIS C 152 -14.61 18.42 -17.88
C HIS C 152 -14.11 17.18 -17.16
N LEU C 153 -13.31 16.37 -17.87
CA LEU C 153 -12.65 15.23 -17.26
C LEU C 153 -11.25 15.08 -17.84
N ALA C 154 -10.31 14.79 -16.96
CA ALA C 154 -8.90 14.63 -17.28
C ALA C 154 -8.33 13.48 -16.47
N PRO C 155 -7.38 12.72 -17.02
CA PRO C 155 -6.67 11.71 -16.22
C PRO C 155 -5.72 12.39 -15.25
N PHE C 156 -5.57 11.81 -14.05
CA PHE C 156 -4.67 12.37 -13.05
C PHE C 156 -3.78 11.28 -12.47
N THR C 157 -2.64 11.72 -11.90
CA THR C 157 -1.78 10.85 -11.13
C THR C 157 -1.67 11.36 -9.69
N ASP C 158 -1.90 10.47 -8.74
CA ASP C 158 -1.90 10.83 -7.32
C ASP C 158 -1.73 9.59 -6.44
N GLU C 159 -0.50 9.13 -6.25
CA GLU C 159 -0.28 7.89 -5.51
C GLU C 159 -0.66 8.04 -4.05
N GLN C 160 -0.50 9.23 -3.47
CA GLN C 160 -0.85 9.41 -2.07
C GLN C 160 -2.34 9.25 -1.85
N LEU C 161 -3.17 9.79 -2.76
CA LEU C 161 -4.62 9.58 -2.62
C LEU C 161 -4.97 8.11 -2.81
N TYR C 162 -4.35 7.46 -3.79
CA TYR C 162 -4.63 6.06 -4.02
C TYR C 162 -4.28 5.22 -2.81
N MET C 163 -3.12 5.50 -2.22
CA MET C 163 -2.64 4.69 -1.11
C MET C 163 -3.44 4.97 0.16
N GLU C 164 -3.92 6.21 0.33
CA GLU C 164 -4.75 6.52 1.48
C GLU C 164 -6.05 5.73 1.44
N GLN C 165 -6.68 5.65 0.26
CA GLN C 165 -7.89 4.84 0.12
C GLN C 165 -7.57 3.34 0.20
N PHE C 166 -6.46 2.90 -0.41
CA PHE C 166 -6.11 1.49 -0.35
C PHE C 166 -5.71 1.07 1.07
N THR C 167 -5.10 1.96 1.83
CA THR C 167 -4.75 1.67 3.20
C THR C 167 -5.99 1.34 4.03
N LYS C 168 -7.01 2.19 3.94
CA LYS C 168 -8.24 1.93 4.70
C LYS C 168 -8.85 0.61 4.29
N ALA C 169 -8.91 0.33 2.99
CA ALA C 169 -9.51 -0.92 2.56
C ALA C 169 -8.70 -2.13 3.06
N ASN C 170 -7.38 -1.98 3.23
CA ASN C 170 -6.53 -3.09 3.66
C ASN C 170 -6.72 -3.46 5.13
N PHE C 171 -7.49 -2.68 5.89
CA PHE C 171 -7.92 -3.15 7.21
C PHE C 171 -8.52 -4.55 7.11
N TRP C 172 -9.24 -4.82 6.03
CA TRP C 172 -9.91 -6.07 5.78
C TRP C 172 -8.99 -7.13 5.14
N TYR C 173 -7.69 -6.87 5.10
CA TYR C 173 -6.72 -7.86 4.65
C TYR C 173 -6.09 -8.61 5.83
N GLN C 174 -6.30 -8.12 7.06
CA GLN C 174 -5.73 -8.73 8.26
C GLN C 174 -6.18 -10.19 8.41
N PRO C 175 -5.27 -11.13 8.66
CA PRO C 175 -5.68 -12.51 8.94
C PRO C 175 -5.99 -12.80 10.40
N SER C 176 -5.70 -11.89 11.32
CA SER C 176 -5.89 -12.18 12.74
C SER C 176 -6.27 -10.91 13.52
N PHE C 177 -7.32 -10.22 13.09
CA PHE C 177 -7.83 -9.09 13.87
C PHE C 177 -8.47 -9.63 15.14
N HIS C 178 -7.82 -9.41 16.28
CA HIS C 178 -8.26 -10.01 17.55
C HIS C 178 -8.48 -11.52 17.37
N GLY C 179 -7.61 -12.15 16.58
CA GLY C 179 -7.70 -13.56 16.28
C GLY C 179 -8.72 -13.95 15.23
N VAL C 180 -9.27 -13.01 14.47
CA VAL C 180 -10.27 -13.30 13.45
C VAL C 180 -9.71 -13.00 12.07
N ASP C 181 -9.97 -13.89 11.11
CA ASP C 181 -9.48 -13.71 9.74
C ASP C 181 -10.50 -12.87 8.98
N LEU C 182 -10.16 -11.61 8.74
CA LEU C 182 -11.02 -10.69 8.01
C LEU C 182 -10.84 -10.77 6.51
N SER C 183 -9.85 -11.53 6.02
CA SER C 183 -9.29 -11.32 4.70
C SER C 183 -10.21 -11.77 3.58
N ALA C 184 -11.20 -12.62 3.86
CA ALA C 184 -12.15 -12.98 2.82
C ALA C 184 -12.95 -11.78 2.33
N LEU C 185 -13.00 -10.70 3.11
CA LEU C 185 -13.74 -9.51 2.75
C LEU C 185 -12.87 -8.44 2.09
N ARG C 186 -11.55 -8.66 1.97
CA ARG C 186 -10.69 -7.61 1.42
C ARG C 186 -11.17 -7.16 0.04
N GLY C 187 -11.70 -8.07 -0.77
CA GLY C 187 -12.25 -7.69 -2.05
C GLY C 187 -13.47 -6.79 -1.92
N ALA C 188 -14.44 -7.19 -1.09
CA ALA C 188 -15.58 -6.33 -0.76
C ALA C 188 -15.12 -4.97 -0.28
N ALA C 189 -14.12 -4.94 0.61
CA ALA C 189 -13.67 -3.68 1.17
C ALA C 189 -13.11 -2.75 0.10
N VAL C 190 -12.24 -3.27 -0.79
CA VAL C 190 -11.69 -2.43 -1.85
C VAL C 190 -12.80 -1.92 -2.78
N ASP C 191 -13.73 -2.80 -3.17
CA ASP C 191 -14.89 -2.35 -3.94
C ASP C 191 -15.61 -1.20 -3.26
N GLU C 192 -15.78 -1.29 -1.94
CA GLU C 192 -16.52 -0.25 -1.22
C GLU C 192 -15.78 1.08 -1.26
N TYR C 193 -14.49 1.07 -0.91
CA TYR C 193 -13.78 2.34 -0.79
C TYR C 193 -13.56 2.98 -2.16
N PHE C 194 -13.31 2.17 -3.18
CA PHE C 194 -13.08 2.79 -4.48
C PHE C 194 -14.37 3.10 -5.23
N ARG C 195 -15.54 2.71 -4.70
CA ARG C 195 -16.82 3.17 -5.20
C ARG C 195 -17.12 4.61 -4.85
N GLN C 196 -16.32 5.21 -3.95
CA GLN C 196 -16.57 6.55 -3.45
C GLN C 196 -15.83 7.57 -4.30
N PRO C 197 -16.52 8.50 -4.96
CA PRO C 197 -15.80 9.64 -5.55
C PRO C 197 -15.24 10.54 -4.48
N VAL C 198 -14.09 11.12 -4.79
CA VAL C 198 -13.33 11.92 -3.84
C VAL C 198 -13.59 13.39 -4.17
N VAL C 199 -14.30 14.08 -3.29
CA VAL C 199 -14.55 15.52 -3.47
C VAL C 199 -13.49 16.27 -2.69
N ASP C 200 -12.60 16.95 -3.40
CA ASP C 200 -11.51 17.70 -2.82
C ASP C 200 -10.88 18.50 -3.95
N THR C 201 -10.01 19.42 -3.59
CA THR C 201 -9.26 20.11 -4.62
C THR C 201 -7.86 19.51 -4.69
N PHE C 202 -7.12 19.88 -5.75
CA PHE C 202 -5.82 19.27 -5.99
C PHE C 202 -4.97 20.23 -6.81
N ASP C 203 -3.66 19.99 -6.75
CA ASP C 203 -2.72 20.73 -7.59
C ASP C 203 -2.91 20.31 -9.04
N ILE C 204 -3.01 21.28 -9.95
CA ILE C 204 -3.22 20.92 -11.35
C ILE C 204 -2.05 20.17 -11.95
N ARG C 205 -0.90 20.14 -11.28
CA ARG C 205 0.24 19.39 -11.81
C ARG C 205 -0.01 17.89 -11.78
N ILE C 206 -1.04 17.42 -11.09
CA ILE C 206 -1.38 16.00 -11.12
C ILE C 206 -2.07 15.60 -12.41
N LEU C 207 -2.51 16.58 -13.22
CA LEU C 207 -3.21 16.28 -14.46
C LEU C 207 -2.22 15.90 -15.56
N MET C 208 -2.52 14.83 -16.30
CA MET C 208 -1.59 14.31 -17.28
C MET C 208 -2.05 14.44 -18.71
N ALA C 209 -3.18 15.09 -18.97
CA ALA C 209 -3.62 15.39 -20.33
C ALA C 209 -4.60 16.55 -20.25
N LYS C 210 -4.72 17.25 -21.37
CA LYS C 210 -5.77 18.25 -21.50
C LYS C 210 -7.15 17.57 -21.40
N SER C 211 -8.10 18.28 -20.79
CA SER C 211 -9.38 17.71 -20.43
C SER C 211 -10.26 17.47 -21.66
N VAL C 212 -11.16 16.52 -21.55
CA VAL C 212 -12.25 16.33 -22.50
C VAL C 212 -13.47 17.09 -21.99
N LYS C 213 -14.21 17.71 -22.91
CA LYS C 213 -15.33 18.58 -22.58
C LYS C 213 -16.65 17.96 -23.05
N TYR C 214 -17.62 17.90 -22.15
CA TYR C 214 -18.97 17.46 -22.51
C TYR C 214 -19.93 18.57 -22.14
N THR C 215 -20.72 19.02 -23.11
CA THR C 215 -21.59 20.18 -22.96
C THR C 215 -23.03 19.72 -22.88
N VAL C 216 -23.75 20.21 -21.88
CA VAL C 216 -25.19 20.11 -21.84
C VAL C 216 -25.74 21.51 -22.06
N ASN C 217 -26.59 21.65 -23.06
CA ASN C 217 -27.28 22.92 -23.32
C ASN C 217 -28.64 22.85 -22.65
N PHE C 218 -28.83 23.65 -21.60
CA PHE C 218 -30.08 23.60 -20.82
C PHE C 218 -31.27 24.19 -21.59
N LEU C 219 -31.02 25.12 -22.52
CA LEU C 219 -32.09 25.63 -23.39
C LEU C 219 -32.67 24.52 -24.28
N GLU C 220 -31.87 23.54 -24.68
CA GLU C 220 -32.31 22.55 -25.66
C GLU C 220 -32.57 21.16 -25.07
N ALA C 221 -32.04 20.86 -23.89
CA ALA C 221 -32.12 19.49 -23.41
C ALA C 221 -33.51 19.18 -22.87
N LYS C 222 -33.94 17.93 -23.05
CA LYS C 222 -35.14 17.44 -22.42
C LYS C 222 -34.78 16.77 -21.10
N GLU C 223 -35.71 16.86 -20.14
CA GLU C 223 -35.53 16.22 -18.84
C GLU C 223 -35.07 14.78 -18.97
N GLY C 224 -35.64 14.04 -19.93
CA GLY C 224 -35.34 12.63 -20.11
C GLY C 224 -33.96 12.36 -20.69
N ASP C 225 -33.33 13.36 -21.30
CA ASP C 225 -31.95 13.21 -21.77
C ASP C 225 -30.96 12.97 -20.64
N LEU C 226 -31.32 13.33 -19.41
CA LEU C 226 -30.39 13.22 -18.29
C LEU C 226 -30.46 11.88 -17.59
N HIS C 227 -31.35 10.98 -18.01
CA HIS C 227 -31.45 9.67 -17.38
C HIS C 227 -30.21 8.82 -17.66
N ARG C 228 -29.66 8.91 -18.87
CA ARG C 228 -28.48 8.16 -19.29
C ARG C 228 -27.54 9.16 -19.97
N ILE C 229 -26.35 9.35 -19.39
CA ILE C 229 -25.40 10.35 -19.88
C ILE C 229 -24.12 9.60 -20.25
N GLU C 230 -23.80 9.59 -21.54
CA GLU C 230 -22.68 8.80 -22.05
C GLU C 230 -21.59 9.75 -22.54
N ILE C 231 -20.46 9.78 -21.83
CA ILE C 231 -19.35 10.67 -22.15
C ILE C 231 -18.16 9.86 -22.65
N PRO C 232 -18.01 9.66 -23.96
CA PRO C 232 -16.82 8.98 -24.47
C PRO C 232 -15.64 9.94 -24.40
N PHE C 233 -14.43 9.36 -24.35
CA PHE C 233 -13.26 10.21 -24.28
C PHE C 233 -12.07 9.54 -24.95
N LYS C 234 -11.09 10.38 -25.28
CA LYS C 234 -9.84 9.93 -25.87
C LYS C 234 -8.81 10.97 -25.44
N PHE C 235 -7.93 10.58 -24.54
CA PHE C 235 -6.91 11.48 -24.03
C PHE C 235 -5.60 11.25 -24.78
N HIS C 236 -4.87 12.34 -25.01
CA HIS C 236 -3.53 12.28 -25.55
C HIS C 236 -2.62 12.59 -24.36
N MET C 237 -2.01 11.53 -23.82
CA MET C 237 -1.17 11.67 -22.64
C MET C 237 0.02 12.58 -22.91
N LEU C 238 0.24 13.54 -22.01
CA LEU C 238 1.31 14.50 -22.13
C LEU C 238 2.46 14.21 -21.18
N HIS C 239 2.28 13.30 -20.24
CA HIS C 239 3.31 12.93 -19.28
C HIS C 239 3.22 11.43 -19.09
N SER C 240 4.33 10.81 -18.76
CA SER C 240 4.32 9.40 -18.45
C SER C 240 4.05 9.22 -16.96
N GLY C 241 3.42 8.10 -16.62
CA GLY C 241 3.24 7.75 -15.23
C GLY C 241 2.01 6.88 -15.05
N LEU C 242 1.62 6.73 -13.79
CA LEU C 242 0.46 5.94 -13.42
C LEU C 242 -0.77 6.82 -13.41
N VAL C 243 -1.77 6.46 -14.21
CA VAL C 243 -3.06 7.13 -14.19
C VAL C 243 -3.89 6.49 -13.10
N HIS C 244 -4.15 7.24 -12.02
CA HIS C 244 -4.92 6.69 -10.91
C HIS C 244 -6.43 6.91 -11.04
N GLY C 245 -6.88 7.75 -11.97
CA GLY C 245 -8.30 7.89 -12.23
C GLY C 245 -8.59 9.07 -13.14
N LEU C 246 -9.87 9.45 -13.20
CA LEU C 246 -10.29 10.66 -13.90
C LEU C 246 -10.72 11.73 -12.90
N ALA C 247 -10.27 12.95 -13.13
CA ALA C 247 -10.70 14.11 -12.37
C ALA C 247 -11.82 14.84 -13.11
N PHE C 248 -12.79 15.36 -12.35
CA PHE C 248 -13.98 16.00 -12.91
C PHE C 248 -14.18 17.39 -12.31
N TRP C 249 -14.66 18.30 -13.15
CA TRP C 249 -15.12 19.62 -12.73
C TRP C 249 -16.11 20.12 -13.77
N PHE C 250 -16.68 21.30 -13.53
CA PHE C 250 -17.68 21.81 -14.46
C PHE C 250 -17.64 23.33 -14.48
N ASP C 251 -18.14 23.88 -15.60
CA ASP C 251 -18.37 25.30 -15.78
C ASP C 251 -19.81 25.48 -16.22
N VAL C 252 -20.46 26.54 -15.76
CA VAL C 252 -21.74 26.91 -16.34
C VAL C 252 -21.61 28.32 -16.88
N ALA C 253 -22.34 28.59 -17.96
CA ALA C 253 -22.35 29.90 -18.59
C ALA C 253 -23.74 30.49 -18.50
N PHE C 254 -23.82 31.78 -18.16
CA PHE C 254 -25.06 32.54 -18.19
C PHE C 254 -25.00 33.39 -19.45
N ILE C 255 -25.71 32.96 -20.50
CA ILE C 255 -25.58 33.59 -21.81
C ILE C 255 -26.70 34.63 -21.91
N GLY C 256 -26.36 35.88 -21.56
CA GLY C 256 -27.33 36.94 -21.51
C GLY C 256 -27.33 37.77 -22.79
N SER C 257 -28.32 38.66 -22.87
CA SER C 257 -28.41 39.56 -24.01
C SER C 257 -27.26 40.56 -24.02
N ILE C 258 -26.71 40.91 -22.86
CA ILE C 258 -25.63 41.88 -22.81
C ILE C 258 -24.25 41.22 -22.80
N MET C 259 -24.09 40.11 -22.07
CA MET C 259 -22.80 39.46 -21.99
C MET C 259 -22.96 38.04 -21.44
N THR C 260 -21.95 37.23 -21.69
CA THR C 260 -21.88 35.89 -21.17
C THR C 260 -21.01 35.93 -19.92
N VAL C 261 -21.50 35.36 -18.83
CA VAL C 261 -20.73 35.28 -17.58
C VAL C 261 -20.53 33.82 -17.25
N TRP C 262 -19.31 33.45 -16.88
CA TRP C 262 -18.95 32.07 -16.61
C TRP C 262 -18.75 31.87 -15.11
N LEU C 263 -19.32 30.79 -14.59
CA LEU C 263 -18.99 30.29 -13.26
C LEU C 263 -18.24 28.98 -13.44
N SER C 264 -16.99 28.94 -12.99
CA SER C 264 -16.12 27.78 -13.16
C SER C 264 -15.83 27.13 -11.82
N THR C 265 -15.73 25.79 -11.82
CA THR C 265 -15.16 25.08 -10.67
C THR C 265 -13.88 24.37 -11.05
N ALA C 266 -13.19 24.84 -12.10
CA ALA C 266 -11.94 24.24 -12.54
C ALA C 266 -10.85 24.40 -11.48
N PRO C 267 -9.93 23.43 -11.37
CA PRO C 267 -8.85 23.57 -10.40
C PRO C 267 -7.85 24.66 -10.75
N THR C 268 -7.85 25.16 -11.99
CA THR C 268 -7.09 26.35 -12.37
C THR C 268 -7.78 27.64 -11.95
N GLU C 269 -9.00 27.59 -11.41
CA GLU C 269 -9.77 28.75 -11.02
C GLU C 269 -9.88 28.85 -9.51
N PRO C 270 -10.25 30.02 -8.97
CA PRO C 270 -10.41 30.12 -7.51
C PRO C 270 -11.42 29.12 -6.98
N LEU C 271 -11.12 28.58 -5.80
CA LEU C 271 -11.83 27.43 -5.28
C LEU C 271 -13.26 27.77 -4.84
N THR C 272 -14.21 26.91 -5.19
CA THR C 272 -15.62 27.02 -4.80
C THR C 272 -15.96 25.89 -3.84
N HIS C 273 -17.14 25.99 -3.21
CA HIS C 273 -17.58 24.93 -2.31
C HIS C 273 -17.89 23.64 -3.06
N TRP C 274 -17.91 23.66 -4.39
CA TRP C 274 -17.98 22.41 -5.15
C TRP C 274 -16.65 21.67 -5.18
N TYR C 275 -15.54 22.35 -4.91
CA TYR C 275 -14.22 21.75 -5.08
C TYR C 275 -14.10 21.09 -6.46
N GLN C 276 -13.49 19.91 -6.52
CA GLN C 276 -13.52 19.07 -7.71
C GLN C 276 -13.79 17.64 -7.28
N VAL C 277 -13.94 16.74 -8.25
CA VAL C 277 -14.30 15.36 -7.96
C VAL C 277 -13.36 14.44 -8.70
N ARG C 278 -12.90 13.39 -8.01
CA ARG C 278 -11.98 12.43 -8.60
C ARG C 278 -12.53 11.04 -8.42
N CYS C 279 -12.53 10.26 -9.50
CA CYS C 279 -12.90 8.85 -9.46
C CYS C 279 -11.63 8.03 -9.61
N LEU C 280 -11.34 7.23 -8.58
CA LEU C 280 -10.14 6.41 -8.55
C LEU C 280 -10.36 5.09 -9.26
N PHE C 281 -9.33 4.65 -10.00
CA PHE C 281 -9.28 3.30 -10.51
C PHE C 281 -8.82 2.35 -9.40
N GLN C 282 -9.47 1.20 -9.29
CA GLN C 282 -9.02 0.15 -8.39
C GLN C 282 -7.59 -0.26 -8.68
N SER C 283 -7.19 -0.19 -9.94
CA SER C 283 -5.80 -0.44 -10.28
C SER C 283 -5.34 0.55 -11.34
N PRO C 284 -4.30 1.34 -11.06
CA PRO C 284 -3.88 2.37 -12.01
C PRO C 284 -3.41 1.77 -13.33
N LEU C 285 -3.48 2.59 -14.37
CA LEU C 285 -2.96 2.23 -15.67
C LEU C 285 -1.68 3.03 -15.90
N PHE C 286 -0.64 2.34 -16.34
CA PHE C 286 0.57 3.05 -16.76
C PHE C 286 0.41 3.50 -18.20
N ALA C 287 0.82 4.74 -18.47
CA ALA C 287 0.86 5.24 -19.85
C ALA C 287 2.10 6.07 -20.05
N LYS C 288 2.59 6.09 -21.29
CA LYS C 288 3.72 6.93 -21.66
C LYS C 288 3.21 8.17 -22.36
N ALA C 289 3.98 9.25 -22.28
CA ALA C 289 3.65 10.45 -23.03
C ALA C 289 3.49 10.09 -24.50
N GLY C 290 2.43 10.60 -25.13
CA GLY C 290 2.13 10.32 -26.51
C GLY C 290 1.17 9.17 -26.71
N ASP C 291 1.01 8.28 -25.72
CA ASP C 291 -0.03 7.27 -25.75
C ASP C 291 -1.41 7.93 -25.75
N THR C 292 -2.43 7.12 -26.01
CA THR C 292 -3.83 7.55 -26.00
C THR C 292 -4.61 6.72 -25.01
N LEU C 293 -5.35 7.39 -24.13
CA LEU C 293 -6.17 6.75 -23.12
C LEU C 293 -7.63 7.00 -23.47
N SER C 294 -8.37 5.94 -23.74
CA SER C 294 -9.71 6.13 -24.27
C SER C 294 -10.69 5.19 -23.58
N GLY C 295 -11.96 5.54 -23.68
CA GLY C 295 -13.02 4.80 -23.02
C GLY C 295 -14.24 5.68 -22.88
N THR C 296 -15.12 5.29 -21.95
CA THR C 296 -16.36 6.03 -21.79
C THR C 296 -16.69 6.17 -20.30
N CYS C 297 -17.28 7.30 -19.95
CA CYS C 297 -17.91 7.52 -18.66
C CYS C 297 -19.42 7.49 -18.88
N LEU C 298 -20.10 6.58 -18.19
CA LEU C 298 -21.53 6.41 -18.37
C LEU C 298 -22.22 6.67 -17.04
N LEU C 299 -23.17 7.61 -17.04
CA LEU C 299 -23.95 7.96 -15.86
C LEU C 299 -25.38 7.48 -16.05
N ILE C 300 -25.87 6.67 -15.10
CA ILE C 300 -27.23 6.15 -15.11
C ILE C 300 -27.94 6.66 -13.87
N ALA C 301 -28.98 7.48 -14.07
CA ALA C 301 -29.74 8.04 -12.98
C ALA C 301 -30.43 6.95 -12.16
N ASN C 302 -30.35 7.05 -10.84
CA ASN C 302 -30.94 6.07 -9.95
C ASN C 302 -32.03 6.72 -9.10
N LYS C 303 -32.62 5.92 -8.21
CA LYS C 303 -33.71 6.39 -7.37
C LYS C 303 -33.22 6.95 -6.04
N ARG C 304 -31.94 7.29 -5.93
CA ARG C 304 -31.38 7.94 -4.76
C ARG C 304 -30.92 9.36 -5.09
N GLN C 305 -31.69 9.99 -5.98
CA GLN C 305 -31.45 11.36 -6.44
C GLN C 305 -30.01 11.53 -6.94
N SER C 306 -29.52 10.54 -7.65
CA SER C 306 -28.11 10.56 -8.03
C SER C 306 -27.88 9.63 -9.21
N TYR C 307 -26.64 9.16 -9.37
CA TYR C 307 -26.22 8.43 -10.57
C TYR C 307 -25.30 7.27 -10.23
N ASP C 308 -25.51 6.13 -10.91
CA ASP C 308 -24.50 5.09 -10.96
C ASP C 308 -23.51 5.43 -12.07
N ILE C 309 -22.24 5.59 -11.70
CA ILE C 309 -21.19 6.03 -12.63
C ILE C 309 -20.35 4.83 -13.05
N SER C 310 -20.21 4.63 -14.36
CA SER C 310 -19.43 3.53 -14.92
C SER C 310 -18.29 4.10 -15.75
N ILE C 311 -17.06 3.78 -15.38
CA ILE C 311 -15.87 4.28 -16.06
C ILE C 311 -15.06 3.10 -16.58
N VAL C 312 -14.94 3.00 -17.90
CA VAL C 312 -14.02 2.06 -18.52
C VAL C 312 -12.97 2.87 -19.27
N ALA C 313 -11.70 2.57 -19.03
CA ALA C 313 -10.61 3.28 -19.67
C ALA C 313 -9.53 2.31 -20.09
N GLN C 314 -8.89 2.57 -21.22
CA GLN C 314 -7.84 1.68 -21.69
C GLN C 314 -6.73 2.47 -22.37
N VAL C 315 -5.50 2.07 -22.11
CA VAL C 315 -4.35 2.56 -22.87
C VAL C 315 -4.37 1.82 -24.20
N ASP C 316 -4.63 2.54 -25.29
CA ASP C 316 -4.83 1.87 -26.58
C ASP C 316 -3.56 1.13 -27.02
N GLN C 317 -2.38 1.73 -26.83
CA GLN C 317 -1.15 1.13 -27.33
C GLN C 317 -0.82 -0.19 -26.65
N THR C 318 -1.41 -0.46 -25.50
CA THR C 318 -1.04 -1.61 -24.69
C THR C 318 -2.23 -2.53 -24.37
N GLY C 319 -3.46 -2.05 -24.54
CA GLY C 319 -4.61 -2.84 -24.18
C GLY C 319 -4.85 -2.95 -22.69
N SER C 320 -4.04 -2.29 -21.87
CA SER C 320 -4.29 -2.25 -20.44
C SER C 320 -5.61 -1.52 -20.16
N LYS C 321 -6.55 -2.24 -19.57
CA LYS C 321 -7.92 -1.81 -19.40
C LYS C 321 -8.24 -1.68 -17.92
N SER C 322 -9.09 -0.70 -17.57
CA SER C 322 -9.58 -0.53 -16.22
C SER C 322 -11.07 -0.19 -16.26
N SER C 323 -11.86 -0.90 -15.44
CA SER C 323 -13.29 -0.67 -15.36
C SER C 323 -13.69 -0.48 -13.91
N ASN C 324 -14.65 0.43 -13.67
CA ASN C 324 -15.01 0.93 -12.35
C ASN C 324 -16.46 1.37 -12.32
N LEU C 325 -17.12 1.12 -11.18
CA LEU C 325 -18.49 1.53 -10.92
C LEU C 325 -18.52 2.36 -9.65
N LEU C 326 -18.98 3.60 -9.75
CA LEU C 326 -18.94 4.50 -8.60
C LEU C 326 -20.36 4.89 -8.20
N ASP C 327 -20.53 5.13 -6.91
CA ASP C 327 -21.82 5.51 -6.30
C ASP C 327 -21.73 7.00 -5.99
N LEU C 328 -22.20 7.81 -6.93
CA LEU C 328 -22.06 9.26 -6.79
C LEU C 328 -22.78 9.75 -5.54
N LYS C 329 -23.83 9.05 -5.12
CA LYS C 329 -24.59 9.40 -3.93
C LYS C 329 -23.74 9.37 -2.66
N ASN C 330 -22.65 8.62 -2.63
CA ASN C 330 -21.94 8.34 -1.38
C ASN C 330 -20.45 8.59 -1.51
N PRO C 331 -20.03 9.84 -1.52
CA PRO C 331 -18.63 10.17 -1.76
C PRO C 331 -17.83 10.37 -0.47
N PHE C 332 -16.50 10.44 -0.66
CA PHE C 332 -15.55 10.79 0.40
C PHE C 332 -15.31 12.29 0.35
N PHE C 333 -15.89 13.02 1.31
CA PHE C 333 -15.69 14.48 1.39
C PHE C 333 -14.35 14.72 2.07
N ARG C 334 -13.28 14.56 1.29
CA ARG C 334 -11.92 14.60 1.83
C ARG C 334 -11.54 16.00 2.32
N TYR C 335 -12.13 17.05 1.76
CA TYR C 335 -11.76 18.42 2.15
C TYR C 335 -12.13 18.75 3.59
N THR C 336 -12.96 17.95 4.24
CA THR C 336 -13.33 18.20 5.63
C THR C 336 -12.21 17.84 6.63
N GLU D 1 23.68 -29.87 -0.60
CA GLU D 1 23.54 -29.82 -2.05
C GLU D 1 24.79 -29.19 -2.66
N GLU D 2 25.48 -29.93 -3.52
CA GLU D 2 26.80 -29.50 -3.91
C GLU D 2 26.76 -28.36 -4.92
N SER D 3 25.69 -28.26 -5.71
CA SER D 3 25.55 -27.10 -6.59
C SER D 3 25.63 -25.81 -5.79
N SER D 4 25.01 -25.79 -4.61
CA SER D 4 25.06 -24.63 -3.73
C SER D 4 26.42 -24.52 -3.03
N ALA D 5 27.01 -25.64 -2.62
CA ALA D 5 28.31 -25.59 -1.96
C ALA D 5 29.38 -25.05 -2.88
N VAL D 6 29.31 -25.41 -4.18
CA VAL D 6 30.30 -24.95 -5.14
C VAL D 6 30.25 -23.42 -5.24
N GLN D 7 29.04 -22.87 -5.39
CA GLN D 7 28.86 -21.43 -5.46
C GLN D 7 29.39 -20.74 -4.21
N TYR D 8 29.17 -21.35 -3.05
CA TYR D 8 29.59 -20.75 -1.79
C TYR D 8 31.11 -20.54 -1.75
N PHE D 9 31.88 -21.61 -1.95
CA PHE D 9 33.32 -21.46 -1.84
C PHE D 9 33.89 -20.61 -2.97
N GLN D 10 33.25 -20.62 -4.14
CA GLN D 10 33.68 -19.73 -5.23
C GLN D 10 33.48 -18.26 -4.86
N PHE D 11 32.41 -17.93 -4.14
CA PHE D 11 32.22 -16.58 -3.64
C PHE D 11 33.45 -16.10 -2.85
N TYR D 12 33.98 -16.95 -1.98
CA TYR D 12 35.15 -16.58 -1.18
C TYR D 12 36.47 -16.67 -1.96
N GLY D 13 36.45 -17.12 -3.20
CA GLY D 13 37.67 -17.07 -3.97
C GLY D 13 38.00 -15.72 -4.55
N TYR D 14 37.16 -14.71 -4.35
CA TYR D 14 37.40 -13.40 -4.93
C TYR D 14 38.14 -12.49 -3.96
N LEU D 15 39.20 -11.84 -4.46
CA LEU D 15 39.92 -10.88 -3.63
C LEU D 15 39.01 -9.73 -3.22
N SER D 16 38.13 -9.27 -4.11
CA SER D 16 37.23 -8.18 -3.78
C SER D 16 36.35 -8.51 -2.59
N GLN D 17 35.93 -9.77 -2.48
CA GLN D 17 35.15 -10.20 -1.32
C GLN D 17 35.99 -10.20 -0.05
N GLN D 18 37.27 -10.60 -0.15
CA GLN D 18 38.17 -10.52 0.99
C GLN D 18 38.36 -9.09 1.44
N GLN D 19 38.52 -8.16 0.48
CA GLN D 19 38.71 -6.75 0.80
C GLN D 19 37.49 -6.19 1.51
N ASN D 20 36.30 -6.60 1.08
CA ASN D 20 35.06 -6.14 1.72
C ASN D 20 35.03 -6.47 3.21
N MET D 21 35.40 -7.69 3.58
CA MET D 21 35.43 -8.03 5.00
C MET D 21 36.59 -7.34 5.71
N MET D 22 37.77 -7.32 5.07
CA MET D 22 38.97 -6.76 5.69
C MET D 22 38.82 -5.26 5.99
N GLN D 23 38.24 -4.50 5.04
CA GLN D 23 38.11 -3.07 5.25
C GLN D 23 36.98 -2.72 6.22
N ASP D 24 36.17 -3.68 6.64
CA ASP D 24 35.33 -3.46 7.81
C ASP D 24 36.26 -3.27 9.01
N TYR D 25 36.54 -2.01 9.35
CA TYR D 25 37.52 -1.77 10.41
C TYR D 25 36.99 -2.19 11.78
N VAL D 26 35.69 -2.11 12.01
CA VAL D 26 35.17 -2.60 13.29
C VAL D 26 35.44 -4.09 13.44
N ARG D 27 35.19 -4.88 12.39
CA ARG D 27 35.53 -6.30 12.40
C ARG D 27 37.02 -6.52 12.61
N THR D 28 37.83 -6.03 11.67
CA THR D 28 39.25 -6.37 11.66
C THR D 28 39.98 -5.78 12.87
N GLY D 29 39.62 -4.55 13.26
CA GLY D 29 40.25 -3.95 14.42
C GLY D 29 39.87 -4.62 15.73
N THR D 30 38.63 -5.15 15.81
CA THR D 30 38.19 -5.78 17.04
C THR D 30 38.81 -7.16 17.19
N TYR D 31 38.87 -7.92 16.09
CA TYR D 31 39.60 -9.18 16.13
C TYR D 31 41.05 -8.95 16.54
N GLN D 32 41.72 -7.96 15.94
CA GLN D 32 43.11 -7.73 16.30
C GLN D 32 43.24 -7.33 17.76
N ARG D 33 42.34 -6.49 18.25
CA ARG D 33 42.44 -6.10 19.65
C ARG D 33 42.13 -7.29 20.58
N ALA D 34 41.16 -8.15 20.19
CA ALA D 34 40.88 -9.35 20.98
C ALA D 34 42.09 -10.26 21.06
N ILE D 35 42.80 -10.44 19.95
CA ILE D 35 43.93 -11.35 19.95
C ILE D 35 45.14 -10.70 20.65
N LEU D 36 45.46 -9.46 20.26
CA LEU D 36 46.67 -8.84 20.82
C LEU D 36 46.53 -8.58 22.32
N GLN D 37 45.38 -8.06 22.76
CA GLN D 37 45.21 -7.80 24.18
C GLN D 37 45.19 -9.08 25.00
N ASN D 38 44.91 -10.22 24.38
CA ASN D 38 44.93 -11.49 25.07
C ASN D 38 46.11 -12.31 24.57
N HIS D 39 47.26 -11.64 24.40
CA HIS D 39 48.46 -12.28 23.84
C HIS D 39 48.87 -13.50 24.63
N THR D 40 48.73 -13.45 25.96
CA THR D 40 48.74 -14.62 26.85
C THR D 40 48.25 -15.88 26.14
N ASP D 41 47.03 -15.86 25.63
CA ASP D 41 46.41 -17.05 25.09
C ASP D 41 47.02 -17.52 23.78
N PHE D 42 47.99 -16.81 23.25
CA PHE D 42 48.63 -17.21 22.00
C PHE D 42 50.11 -17.44 22.12
N LYS D 43 50.78 -16.82 23.10
CA LYS D 43 52.23 -16.90 23.21
C LYS D 43 52.70 -18.35 23.31
N ASP D 44 53.45 -18.79 22.30
CA ASP D 44 54.00 -20.15 22.22
C ASP D 44 52.90 -21.21 22.23
N LYS D 45 51.73 -20.89 21.70
CA LYS D 45 50.64 -21.85 21.63
C LYS D 45 50.49 -22.36 20.21
N ILE D 46 49.70 -23.43 20.06
CA ILE D 46 49.31 -23.97 18.77
C ILE D 46 47.90 -23.47 18.48
N VAL D 47 47.69 -22.93 17.27
CA VAL D 47 46.46 -22.24 16.91
C VAL D 47 45.86 -22.87 15.65
N LEU D 48 44.53 -22.96 15.62
CA LEU D 48 43.82 -23.34 14.41
C LEU D 48 42.93 -22.16 13.98
N ASP D 49 43.13 -21.69 12.75
CA ASP D 49 42.31 -20.65 12.15
C ASP D 49 41.38 -21.30 11.12
N VAL D 50 40.08 -21.31 11.41
CA VAL D 50 39.12 -22.01 10.56
C VAL D 50 38.56 -21.03 9.53
N GLY D 51 38.75 -21.34 8.24
CA GLY D 51 38.26 -20.49 7.17
C GLY D 51 39.04 -19.20 7.10
N CYS D 52 40.35 -19.33 6.93
CA CYS D 52 41.23 -18.19 7.14
C CYS D 52 41.20 -17.19 6.00
N GLY D 53 40.59 -17.53 4.86
CA GLY D 53 40.58 -16.60 3.73
C GLY D 53 41.98 -16.12 3.38
N SER D 54 42.16 -14.79 3.31
CA SER D 54 43.46 -14.20 3.01
C SER D 54 44.50 -14.45 4.11
N GLY D 55 44.05 -14.80 5.32
CA GLY D 55 44.94 -15.23 6.37
C GLY D 55 45.13 -14.25 7.49
N ILE D 56 44.38 -13.15 7.50
CA ILE D 56 44.69 -12.02 8.37
C ILE D 56 44.62 -12.41 9.85
N LEU D 57 43.65 -13.25 10.23
CA LEU D 57 43.53 -13.65 11.63
C LEU D 57 44.73 -14.49 12.06
N SER D 58 45.26 -15.31 11.14
CA SER D 58 46.48 -16.04 11.46
C SER D 58 47.65 -15.10 11.68
N PHE D 59 47.69 -13.99 10.93
CA PHE D 59 48.77 -13.04 11.13
C PHE D 59 48.66 -12.39 12.50
N PHE D 60 47.44 -12.09 12.95
CA PHE D 60 47.26 -11.52 14.28
C PHE D 60 47.72 -12.49 15.36
N ALA D 61 47.43 -13.79 15.20
CA ALA D 61 47.93 -14.78 16.16
C ALA D 61 49.45 -14.93 16.06
N ALA D 62 50.02 -14.77 14.86
CA ALA D 62 51.47 -14.69 14.75
C ALA D 62 52.03 -13.47 15.47
N GLN D 63 51.37 -12.31 15.34
CA GLN D 63 51.86 -11.12 16.04
C GLN D 63 51.77 -11.30 17.56
N ALA D 64 50.83 -12.11 18.04
CA ALA D 64 50.61 -12.29 19.47
C ALA D 64 51.52 -13.35 20.10
N GLY D 65 52.37 -14.02 19.32
CA GLY D 65 53.36 -14.91 19.87
C GLY D 65 53.19 -16.40 19.59
N ALA D 66 52.20 -16.79 18.77
CA ALA D 66 51.88 -18.20 18.58
C ALA D 66 53.07 -18.95 18.02
N ARG D 67 53.24 -20.19 18.47
CA ARG D 67 54.32 -21.03 17.95
C ARG D 67 53.99 -21.55 16.56
N LYS D 68 52.75 -21.98 16.35
CA LYS D 68 52.36 -22.55 15.07
C LYS D 68 50.87 -22.27 14.86
N ILE D 69 50.52 -21.86 13.66
CA ILE D 69 49.14 -21.59 13.29
C ILE D 69 48.80 -22.42 12.06
N TYR D 70 47.80 -23.29 12.19
CA TYR D 70 47.24 -24.00 11.05
C TYR D 70 46.08 -23.18 10.52
N ALA D 71 46.19 -22.73 9.26
CA ALA D 71 45.21 -21.86 8.65
C ALA D 71 44.48 -22.67 7.59
N VAL D 72 43.28 -23.14 7.93
CA VAL D 72 42.51 -24.01 7.07
C VAL D 72 41.61 -23.17 6.17
N GLU D 73 41.67 -23.42 4.86
CA GLU D 73 40.87 -22.67 3.90
C GLU D 73 40.56 -23.57 2.71
N ALA D 74 39.26 -23.71 2.41
CA ALA D 74 38.79 -24.57 1.32
C ALA D 74 38.73 -23.87 -0.02
N SER D 75 38.60 -22.55 -0.06
CA SER D 75 38.48 -21.90 -1.35
C SER D 75 39.86 -21.70 -1.98
N THR D 76 39.85 -21.26 -3.24
CA THR D 76 41.10 -20.93 -3.93
C THR D 76 41.85 -19.79 -3.26
N MET D 77 41.22 -19.07 -2.33
CA MET D 77 41.92 -18.08 -1.53
C MET D 77 43.11 -18.66 -0.77
N ALA D 78 43.13 -19.98 -0.55
CA ALA D 78 44.25 -20.59 0.17
C ALA D 78 45.60 -20.27 -0.50
N GLN D 79 45.61 -20.18 -1.84
CA GLN D 79 46.86 -19.91 -2.53
C GLN D 79 47.33 -18.48 -2.28
N HIS D 80 46.40 -17.52 -2.20
CA HIS D 80 46.80 -16.15 -1.91
C HIS D 80 47.25 -16.00 -0.47
N ALA D 81 46.63 -16.74 0.44
CA ALA D 81 47.11 -16.73 1.82
C ALA D 81 48.55 -17.24 1.88
N GLU D 82 48.88 -18.26 1.10
CA GLU D 82 50.24 -18.77 1.13
C GLU D 82 51.22 -17.75 0.57
N VAL D 83 50.83 -17.03 -0.49
CA VAL D 83 51.65 -15.94 -1.00
C VAL D 83 51.90 -14.89 0.09
N LEU D 84 50.87 -14.56 0.86
CA LEU D 84 51.07 -13.59 1.94
C LEU D 84 51.97 -14.12 3.04
N VAL D 85 51.90 -15.42 3.33
CA VAL D 85 52.78 -15.96 4.37
C VAL D 85 54.23 -15.88 3.93
N LYS D 86 54.52 -16.22 2.67
CA LYS D 86 55.89 -16.14 2.19
C LYS D 86 56.39 -14.71 2.15
N SER D 87 55.58 -13.79 1.59
CA SER D 87 56.06 -12.42 1.44
C SER D 87 56.21 -11.71 2.77
N ASN D 88 55.53 -12.19 3.83
CA ASN D 88 55.69 -11.61 5.16
C ASN D 88 56.66 -12.40 6.04
N ASN D 89 57.37 -13.37 5.47
CA ASN D 89 58.43 -14.10 6.15
C ASN D 89 57.94 -14.76 7.45
N LEU D 90 56.77 -15.39 7.37
CA LEU D 90 56.18 -16.11 8.51
C LEU D 90 56.00 -17.59 8.21
N THR D 91 56.74 -18.13 7.24
CA THR D 91 56.67 -19.56 6.92
C THR D 91 57.04 -20.44 8.10
N ASP D 92 57.81 -19.92 9.05
CA ASP D 92 58.17 -20.73 10.21
C ASP D 92 57.05 -20.82 11.24
N ARG D 93 55.91 -20.16 10.99
CA ARG D 93 54.89 -20.10 12.01
C ARG D 93 53.47 -20.28 11.48
N ILE D 94 53.16 -19.88 10.24
CA ILE D 94 51.83 -20.06 9.68
C ILE D 94 51.88 -21.13 8.60
N VAL D 95 51.01 -22.13 8.72
CA VAL D 95 50.92 -23.26 7.81
C VAL D 95 49.52 -23.27 7.16
N VAL D 96 49.46 -22.90 5.88
CA VAL D 96 48.18 -22.98 5.18
C VAL D 96 47.89 -24.45 4.88
N ILE D 97 46.70 -24.90 5.23
CA ILE D 97 46.23 -26.26 4.97
C ILE D 97 44.97 -26.15 4.10
N PRO D 98 45.09 -26.45 2.80
CA PRO D 98 43.93 -26.33 1.90
C PRO D 98 42.92 -27.44 2.14
N GLY D 99 41.65 -27.05 2.23
CA GLY D 99 40.57 -28.00 2.37
C GLY D 99 39.49 -27.54 3.32
N LYS D 100 38.40 -28.31 3.41
CA LYS D 100 37.39 -28.04 4.43
C LYS D 100 37.86 -28.58 5.78
N VAL D 101 37.52 -27.87 6.86
CA VAL D 101 38.01 -28.27 8.17
C VAL D 101 37.52 -29.67 8.57
N GLU D 102 36.41 -30.14 7.98
CA GLU D 102 35.90 -31.46 8.28
C GLU D 102 36.68 -32.57 7.58
N GLU D 103 37.50 -32.23 6.59
CA GLU D 103 38.18 -33.22 5.78
C GLU D 103 39.70 -33.23 5.94
N VAL D 104 40.32 -32.11 6.30
CA VAL D 104 41.77 -32.05 6.38
C VAL D 104 42.28 -32.85 7.58
N SER D 105 43.58 -33.11 7.62
CA SER D 105 44.23 -33.84 8.69
C SER D 105 45.30 -32.95 9.31
N LEU D 106 45.11 -32.60 10.63
CA LEU D 106 46.15 -31.82 11.29
C LEU D 106 47.08 -32.74 12.07
N PRO D 107 48.36 -32.36 12.22
CA PRO D 107 49.30 -33.25 12.91
C PRO D 107 49.21 -33.23 14.43
N GLU D 108 48.54 -32.25 15.04
CA GLU D 108 48.49 -32.17 16.50
C GLU D 108 47.21 -31.47 16.95
N GLN D 109 46.94 -31.57 18.26
CA GLN D 109 45.91 -30.79 18.94
C GLN D 109 46.33 -29.34 19.05
N VAL D 110 45.35 -28.45 19.17
CA VAL D 110 45.65 -27.03 19.29
C VAL D 110 45.14 -26.51 20.63
N ASP D 111 45.74 -25.40 21.07
CA ASP D 111 45.35 -24.75 22.32
C ASP D 111 44.20 -23.78 22.14
N ILE D 112 43.97 -23.29 20.93
CA ILE D 112 42.96 -22.26 20.73
C ILE D 112 42.55 -22.31 19.26
N ILE D 113 41.24 -22.14 19.04
CA ILE D 113 40.69 -22.07 17.69
C ILE D 113 40.20 -20.65 17.47
N ILE D 114 40.58 -20.08 16.34
CA ILE D 114 40.11 -18.76 15.96
C ILE D 114 39.38 -18.88 14.62
N SER D 115 38.40 -18.02 14.42
CA SER D 115 37.63 -18.00 13.19
C SER D 115 36.79 -16.73 13.19
N GLU D 116 36.33 -16.35 12.01
CA GLU D 116 35.26 -15.36 11.85
C GLU D 116 34.15 -16.12 11.14
N PRO D 117 33.32 -16.86 11.89
CA PRO D 117 32.33 -17.75 11.26
C PRO D 117 30.94 -17.15 11.08
N MET D 118 30.76 -15.85 11.32
CA MET D 118 29.44 -15.24 11.40
C MET D 118 28.98 -14.79 10.02
N GLY D 119 27.85 -15.32 9.56
CA GLY D 119 27.16 -14.77 8.41
C GLY D 119 26.30 -13.60 8.85
N TYR D 120 25.53 -13.03 7.90
CA TYR D 120 24.54 -12.06 8.34
C TYR D 120 23.47 -12.80 9.14
N MET D 121 22.90 -12.10 10.11
CA MET D 121 22.01 -12.72 11.10
C MET D 121 22.72 -13.84 11.85
N LEU D 122 24.05 -13.75 11.94
CA LEU D 122 24.91 -14.73 12.61
C LEU D 122 24.92 -16.07 11.87
N PHE D 123 23.74 -16.68 11.67
CA PHE D 123 23.70 -18.10 11.35
C PHE D 123 23.80 -18.41 9.88
N ASN D 124 23.59 -17.43 8.97
CA ASN D 124 23.40 -17.75 7.55
C ASN D 124 24.33 -18.82 6.99
N GLU D 125 25.63 -18.58 6.90
CA GLU D 125 26.41 -19.50 6.04
C GLU D 125 26.65 -20.91 6.63
N ARG D 126 26.15 -21.22 7.83
CA ARG D 126 26.36 -22.49 8.52
C ARG D 126 27.84 -22.75 8.80
N MET D 127 28.65 -21.71 8.79
CA MET D 127 30.06 -21.85 9.14
C MET D 127 30.25 -22.09 10.63
N LEU D 128 29.25 -21.72 11.45
CA LEU D 128 29.31 -22.01 12.88
C LEU D 128 29.46 -23.50 13.14
N GLU D 129 28.89 -24.36 12.27
CA GLU D 129 29.05 -25.80 12.45
C GLU D 129 30.46 -26.25 12.11
N SER D 130 31.04 -25.74 11.01
CA SER D 130 32.46 -26.00 10.74
C SER D 130 33.32 -25.58 11.93
N TYR D 131 33.05 -24.40 12.49
CA TYR D 131 33.80 -23.89 13.64
C TYR D 131 33.67 -24.83 14.85
N LEU D 132 32.47 -25.36 15.11
CA LEU D 132 32.34 -26.26 16.25
C LEU D 132 32.90 -27.65 15.93
N HIS D 133 32.72 -28.11 14.69
CA HIS D 133 33.32 -29.37 14.26
C HIS D 133 34.82 -29.37 14.53
N ALA D 134 35.50 -28.25 14.26
CA ALA D 134 36.93 -28.21 14.47
C ALA D 134 37.33 -28.38 15.93
N LYS D 135 36.37 -28.38 16.85
CA LYS D 135 36.69 -28.65 18.25
C LYS D 135 37.25 -30.06 18.43
N LYS D 136 37.08 -30.94 17.45
CA LYS D 136 37.73 -32.25 17.51
C LYS D 136 39.24 -32.12 17.60
N TYR D 137 39.80 -31.00 17.16
CA TYR D 137 41.23 -30.73 17.25
C TYR D 137 41.61 -29.96 18.51
N LEU D 138 40.66 -29.58 19.35
CA LEU D 138 40.93 -28.69 20.47
C LEU D 138 41.32 -29.51 21.69
N LYS D 139 42.41 -29.13 22.35
CA LYS D 139 42.77 -29.71 23.62
C LYS D 139 41.65 -29.50 24.64
N PRO D 140 41.55 -30.37 25.64
CA PRO D 140 40.67 -30.08 26.78
C PRO D 140 41.03 -28.72 27.35
N SER D 141 40.00 -27.93 27.65
CA SER D 141 40.21 -26.57 28.16
C SER D 141 41.12 -25.72 27.27
N GLY D 142 41.23 -26.04 25.98
CA GLY D 142 41.60 -25.04 25.00
C GLY D 142 40.49 -24.01 24.85
N ASN D 143 40.77 -22.94 24.12
CA ASN D 143 39.83 -21.83 24.06
C ASN D 143 39.31 -21.61 22.64
N MET D 144 38.24 -20.83 22.55
CA MET D 144 37.55 -20.54 21.31
C MET D 144 37.47 -19.03 21.14
N PHE D 145 37.93 -18.52 19.99
CA PHE D 145 37.91 -17.08 19.71
C PHE D 145 37.18 -16.86 18.38
N PRO D 146 35.90 -16.42 18.39
CA PRO D 146 35.09 -16.00 19.55
C PRO D 146 34.59 -17.16 20.41
N THR D 147 34.27 -16.83 21.68
CA THR D 147 33.87 -17.79 22.69
C THR D 147 32.36 -17.98 22.75
N ILE D 148 31.58 -16.90 22.69
CA ILE D 148 30.13 -16.97 22.74
C ILE D 148 29.54 -16.06 21.67
N GLY D 149 28.30 -16.37 21.29
CA GLY D 149 27.52 -15.48 20.45
C GLY D 149 26.18 -15.21 21.10
N ASP D 150 25.78 -13.93 21.09
CA ASP D 150 24.46 -13.50 21.53
C ASP D 150 23.64 -13.07 20.32
N VAL D 151 22.56 -13.79 20.05
CA VAL D 151 21.53 -13.32 19.13
C VAL D 151 20.54 -12.45 19.89
N HIS D 152 20.25 -11.26 19.34
CA HIS D 152 19.27 -10.32 19.88
C HIS D 152 18.14 -10.15 18.88
N LEU D 153 16.90 -10.26 19.35
CA LEU D 153 15.74 -9.94 18.53
C LEU D 153 14.82 -9.01 19.30
N ALA D 154 14.24 -8.04 18.58
CA ALA D 154 13.32 -7.06 19.10
C ALA D 154 12.22 -6.77 18.08
N PRO D 155 10.99 -6.54 18.53
CA PRO D 155 9.95 -6.11 17.59
C PRO D 155 10.21 -4.68 17.14
N PHE D 156 9.85 -4.40 15.89
CA PHE D 156 10.07 -3.06 15.35
C PHE D 156 8.84 -2.60 14.59
N THR D 157 8.78 -1.29 14.40
CA THR D 157 7.73 -0.64 13.61
C THR D 157 8.40 0.15 12.49
N ASP D 158 7.92 -0.03 11.25
CA ASP D 158 8.53 0.62 10.08
C ASP D 158 7.62 0.49 8.88
N GLU D 159 6.65 1.39 8.71
CA GLU D 159 5.71 1.14 7.64
C GLU D 159 6.27 1.51 6.28
N GLN D 160 7.30 2.35 6.21
CA GLN D 160 7.94 2.63 4.94
C GLN D 160 8.58 1.37 4.36
N LEU D 161 9.31 0.61 5.18
CA LEU D 161 9.86 -0.65 4.70
C LEU D 161 8.75 -1.64 4.35
N TYR D 162 7.73 -1.73 5.20
CA TYR D 162 6.61 -2.61 4.91
C TYR D 162 5.99 -2.26 3.56
N MET D 163 5.76 -0.98 3.34
CA MET D 163 5.10 -0.54 2.10
C MET D 163 6.02 -0.75 0.91
N GLU D 164 7.31 -0.46 1.06
CA GLU D 164 8.25 -0.68 -0.03
C GLU D 164 8.22 -2.13 -0.52
N GLN D 165 8.21 -3.09 0.42
CA GLN D 165 8.19 -4.49 0.02
C GLN D 165 6.83 -4.87 -0.53
N PHE D 166 5.76 -4.33 0.04
CA PHE D 166 4.42 -4.66 -0.42
C PHE D 166 4.12 -4.03 -1.78
N THR D 167 4.62 -2.81 -2.01
CA THR D 167 4.47 -2.17 -3.32
C THR D 167 5.08 -3.02 -4.42
N LYS D 168 6.32 -3.48 -4.21
CA LYS D 168 6.95 -4.47 -5.08
C LYS D 168 6.01 -5.63 -5.40
N ALA D 169 5.48 -6.26 -4.34
CA ALA D 169 4.64 -7.45 -4.51
C ALA D 169 3.36 -7.13 -5.27
N ASN D 170 2.83 -5.91 -5.11
CA ASN D 170 1.54 -5.61 -5.70
C ASN D 170 1.60 -5.42 -7.21
N PHE D 171 2.78 -5.42 -7.82
CA PHE D 171 2.85 -5.56 -9.26
C PHE D 171 1.98 -6.73 -9.73
N TRP D 172 2.00 -7.83 -8.98
CA TRP D 172 1.23 -9.02 -9.35
C TRP D 172 -0.21 -8.95 -8.91
N TYR D 173 -0.65 -7.81 -8.35
CA TYR D 173 -2.07 -7.54 -8.20
C TYR D 173 -2.70 -7.02 -9.50
N GLN D 174 -1.89 -6.51 -10.43
CA GLN D 174 -2.40 -5.88 -11.66
C GLN D 174 -3.36 -6.81 -12.39
N PRO D 175 -4.59 -6.38 -12.67
CA PRO D 175 -5.50 -7.17 -13.51
C PRO D 175 -5.35 -6.95 -15.01
N SER D 176 -4.56 -6.00 -15.48
CA SER D 176 -4.48 -5.75 -16.91
C SER D 176 -3.07 -5.28 -17.30
N PHE D 177 -2.06 -6.05 -16.92
CA PHE D 177 -0.70 -5.77 -17.36
C PHE D 177 -0.59 -6.10 -18.84
N HIS D 178 -0.53 -5.07 -19.68
CA HIS D 178 -0.55 -5.22 -21.14
C HIS D 178 -1.71 -6.11 -21.58
N GLY D 179 -2.85 -5.97 -20.89
CA GLY D 179 -4.04 -6.75 -21.14
C GLY D 179 -4.11 -8.08 -20.42
N VAL D 180 -3.13 -8.43 -19.58
CA VAL D 180 -3.12 -9.72 -18.93
C VAL D 180 -3.39 -9.57 -17.43
N ASP D 181 -4.25 -10.42 -16.91
CA ASP D 181 -4.58 -10.46 -15.50
C ASP D 181 -3.53 -11.28 -14.78
N LEU D 182 -2.76 -10.63 -13.90
CA LEU D 182 -1.74 -11.28 -13.09
C LEU D 182 -2.20 -11.60 -11.68
N SER D 183 -3.39 -11.11 -11.29
CA SER D 183 -3.79 -11.04 -9.89
C SER D 183 -3.89 -12.40 -9.22
N ALA D 184 -4.05 -13.48 -10.00
CA ALA D 184 -4.06 -14.82 -9.41
C ALA D 184 -2.72 -15.19 -8.77
N LEU D 185 -1.63 -14.51 -9.15
CA LEU D 185 -0.31 -14.78 -8.58
C LEU D 185 0.03 -13.85 -7.42
N ARG D 186 -0.93 -13.04 -6.95
CA ARG D 186 -0.64 -12.02 -5.94
C ARG D 186 -0.18 -12.66 -4.63
N GLY D 187 -0.79 -13.79 -4.26
CA GLY D 187 -0.40 -14.46 -3.03
C GLY D 187 1.00 -15.01 -3.11
N ALA D 188 1.33 -15.66 -4.23
CA ALA D 188 2.67 -16.20 -4.40
C ALA D 188 3.71 -15.07 -4.40
N ALA D 189 3.41 -13.95 -5.07
CA ALA D 189 4.35 -12.83 -5.07
C ALA D 189 4.53 -12.24 -3.67
N VAL D 190 3.44 -12.08 -2.91
CA VAL D 190 3.58 -11.59 -1.54
C VAL D 190 4.39 -12.58 -0.71
N ASP D 191 4.14 -13.87 -0.90
CA ASP D 191 4.95 -14.90 -0.22
C ASP D 191 6.43 -14.76 -0.57
N GLU D 192 6.74 -14.59 -1.85
CA GLU D 192 8.14 -14.54 -2.25
C GLU D 192 8.84 -13.35 -1.63
N TYR D 193 8.23 -12.17 -1.72
CA TYR D 193 8.91 -10.96 -1.27
C TYR D 193 9.08 -10.95 0.25
N PHE D 194 8.07 -11.41 1.00
CA PHE D 194 8.16 -11.36 2.45
C PHE D 194 8.93 -12.53 3.04
N ARG D 195 9.31 -13.50 2.22
CA ARG D 195 10.25 -14.52 2.66
C ARG D 195 11.70 -14.02 2.64
N GLN D 196 11.94 -12.80 2.15
CA GLN D 196 13.31 -12.23 2.10
C GLN D 196 13.61 -11.44 3.37
N PRO D 197 14.60 -11.83 4.16
CA PRO D 197 15.02 -10.95 5.26
C PRO D 197 15.69 -9.72 4.68
N VAL D 198 15.53 -8.59 5.36
CA VAL D 198 16.05 -7.32 4.89
C VAL D 198 17.33 -7.00 5.65
N VAL D 199 18.45 -6.94 4.95
CA VAL D 199 19.74 -6.63 5.55
C VAL D 199 20.03 -5.15 5.30
N ASP D 200 20.03 -4.36 6.37
CA ASP D 200 20.41 -2.95 6.33
C ASP D 200 20.31 -2.42 7.74
N THR D 201 20.77 -1.19 7.94
CA THR D 201 20.72 -0.62 9.27
C THR D 201 19.45 0.24 9.41
N PHE D 202 19.24 0.73 10.62
CA PHE D 202 18.00 1.46 10.90
C PHE D 202 18.16 2.28 12.18
N ASP D 203 17.36 3.34 12.27
CA ASP D 203 17.28 4.13 13.49
C ASP D 203 16.69 3.29 14.61
N ILE D 204 17.31 3.33 15.80
CA ILE D 204 16.86 2.47 16.88
C ILE D 204 15.52 2.88 17.46
N ARG D 205 15.03 4.07 17.14
CA ARG D 205 13.72 4.46 17.63
C ARG D 205 12.59 3.66 16.97
N ILE D 206 12.91 2.77 16.03
CA ILE D 206 11.86 1.92 15.45
C ILE D 206 11.60 0.70 16.30
N LEU D 207 12.47 0.41 17.26
CA LEU D 207 12.29 -0.72 18.16
C LEU D 207 11.21 -0.40 19.19
N MET D 208 10.37 -1.38 19.50
CA MET D 208 9.19 -1.20 20.32
C MET D 208 9.25 -1.95 21.65
N ALA D 209 10.33 -2.66 21.93
CA ALA D 209 10.55 -3.30 23.22
C ALA D 209 12.04 -3.56 23.32
N LYS D 210 12.47 -3.90 24.54
CA LYS D 210 13.84 -4.33 24.73
C LYS D 210 14.07 -5.68 24.06
N SER D 211 15.29 -5.87 23.53
CA SER D 211 15.60 -7.10 22.83
C SER D 211 15.57 -8.29 23.79
N VAL D 212 15.28 -9.47 23.23
CA VAL D 212 15.50 -10.74 23.90
C VAL D 212 16.84 -11.30 23.42
N LYS D 213 17.62 -11.86 24.34
CA LYS D 213 18.95 -12.39 24.05
C LYS D 213 18.92 -13.90 24.05
N TYR D 214 19.51 -14.50 23.02
CA TYR D 214 19.71 -15.95 22.95
C TYR D 214 21.20 -16.21 22.74
N THR D 215 21.79 -16.97 23.64
CA THR D 215 23.24 -17.14 23.66
C THR D 215 23.62 -18.54 23.24
N VAL D 216 24.57 -18.64 22.30
CA VAL D 216 25.20 -19.90 21.96
C VAL D 216 26.64 -19.84 22.46
N ASN D 217 26.98 -20.75 23.36
CA ASN D 217 28.32 -20.85 23.92
C ASN D 217 29.12 -21.81 23.04
N PHE D 218 30.12 -21.29 22.32
CA PHE D 218 30.89 -22.14 21.41
C PHE D 218 31.81 -23.11 22.14
N LEU D 219 32.15 -22.84 23.41
CA LEU D 219 32.87 -23.84 24.20
C LEU D 219 32.05 -25.11 24.40
N GLU D 220 30.75 -24.96 24.67
CA GLU D 220 29.90 -26.09 25.06
C GLU D 220 29.11 -26.71 23.92
N ALA D 221 28.69 -25.91 22.93
CA ALA D 221 27.79 -26.42 21.91
C ALA D 221 28.46 -27.47 21.04
N LYS D 222 27.64 -28.40 20.54
CA LYS D 222 28.06 -29.38 19.55
C LYS D 222 27.58 -28.96 18.18
N GLU D 223 28.29 -29.43 17.15
CA GLU D 223 27.88 -29.19 15.77
C GLU D 223 26.41 -29.51 15.57
N GLY D 224 25.93 -30.59 16.19
CA GLY D 224 24.55 -31.00 16.00
C GLY D 224 23.54 -30.01 16.54
N ASP D 225 23.92 -29.26 17.58
CA ASP D 225 23.03 -28.30 18.22
C ASP D 225 22.52 -27.22 17.27
N LEU D 226 23.23 -26.96 16.17
CA LEU D 226 22.84 -25.89 15.27
C LEU D 226 21.96 -26.37 14.12
N HIS D 227 21.62 -27.66 14.06
CA HIS D 227 20.69 -28.10 13.02
C HIS D 227 19.31 -27.49 13.22
N ARG D 228 18.90 -27.31 14.49
CA ARG D 228 17.58 -26.80 14.82
C ARG D 228 17.73 -25.83 15.99
N ILE D 229 17.43 -24.56 15.78
CA ILE D 229 17.59 -23.52 16.80
C ILE D 229 16.21 -22.92 17.11
N GLU D 230 15.71 -23.16 18.31
CA GLU D 230 14.42 -22.63 18.75
C GLU D 230 14.67 -21.47 19.70
N ILE D 231 14.20 -20.29 19.32
CA ILE D 231 14.32 -19.10 20.13
C ILE D 231 12.91 -18.64 20.51
N PRO D 232 12.42 -19.02 21.69
CA PRO D 232 11.16 -18.46 22.18
C PRO D 232 11.38 -17.07 22.74
N PHE D 233 10.31 -16.27 22.72
CA PHE D 233 10.42 -14.90 23.19
C PHE D 233 9.11 -14.43 23.80
N LYS D 234 9.24 -13.48 24.72
CA LYS D 234 8.12 -12.71 25.24
C LYS D 234 8.59 -11.27 25.35
N PHE D 235 8.04 -10.38 24.53
CA PHE D 235 8.39 -8.97 24.60
C PHE D 235 7.36 -8.23 25.46
N HIS D 236 7.86 -7.30 26.28
CA HIS D 236 6.99 -6.39 27.02
C HIS D 236 6.97 -5.08 26.26
N MET D 237 5.87 -4.80 25.55
CA MET D 237 5.81 -3.67 24.64
C MET D 237 5.94 -2.34 25.39
N LEU D 238 6.87 -1.51 24.92
CA LEU D 238 7.20 -0.22 25.52
C LEU D 238 6.55 0.96 24.81
N HIS D 239 6.21 0.81 23.54
CA HIS D 239 5.48 1.82 22.81
C HIS D 239 4.25 1.18 22.19
N SER D 240 3.33 2.03 21.78
CA SER D 240 2.08 1.59 21.19
C SER D 240 2.18 1.72 19.68
N GLY D 241 1.62 0.76 18.96
CA GLY D 241 1.56 0.88 17.51
C GLY D 241 1.63 -0.48 16.84
N LEU D 242 2.06 -0.45 15.58
CA LEU D 242 2.03 -1.62 14.71
C LEU D 242 3.41 -2.26 14.66
N VAL D 243 3.45 -3.57 14.86
CA VAL D 243 4.69 -4.33 14.81
C VAL D 243 4.79 -4.94 13.42
N HIS D 244 5.77 -4.47 12.64
CA HIS D 244 5.97 -4.95 11.28
C HIS D 244 6.90 -6.15 11.17
N GLY D 245 7.55 -6.55 12.26
CA GLY D 245 8.37 -7.74 12.24
C GLY D 245 9.37 -7.71 13.37
N LEU D 246 10.36 -8.61 13.28
CA LEU D 246 11.42 -8.74 14.26
C LEU D 246 12.75 -8.32 13.65
N ALA D 247 13.50 -7.49 14.37
CA ALA D 247 14.84 -7.10 13.99
C ALA D 247 15.86 -7.98 14.72
N PHE D 248 16.95 -8.33 14.02
CA PHE D 248 17.97 -9.24 14.50
C PHE D 248 19.35 -8.60 14.41
N TRP D 249 20.16 -8.80 15.44
CA TRP D 249 21.59 -8.54 15.38
C TRP D 249 22.28 -9.50 16.34
N PHE D 250 23.59 -9.43 16.38
CA PHE D 250 24.37 -10.34 17.23
C PHE D 250 25.61 -9.63 17.73
N ASP D 251 26.07 -10.09 18.89
CA ASP D 251 27.37 -9.77 19.46
C ASP D 251 28.14 -11.06 19.63
N VAL D 252 29.45 -10.99 19.49
CA VAL D 252 30.29 -12.10 19.93
C VAL D 252 31.29 -11.54 20.92
N ALA D 253 31.69 -12.39 21.86
CA ALA D 253 32.67 -12.06 22.88
C ALA D 253 33.87 -12.98 22.70
N PHE D 254 35.06 -12.38 22.81
CA PHE D 254 36.30 -13.15 22.88
C PHE D 254 36.70 -13.11 24.35
N ILE D 255 36.50 -14.22 25.05
CA ILE D 255 36.76 -14.30 26.48
C ILE D 255 38.17 -14.85 26.65
N GLY D 256 39.14 -13.96 26.82
CA GLY D 256 40.52 -14.33 27.00
C GLY D 256 40.95 -14.26 28.46
N SER D 257 42.21 -14.64 28.69
CA SER D 257 42.76 -14.62 30.05
C SER D 257 42.98 -13.21 30.57
N ILE D 258 43.24 -12.24 29.68
CA ILE D 258 43.44 -10.86 30.11
C ILE D 258 42.13 -10.10 30.16
N MET D 259 41.33 -10.22 29.11
CA MET D 259 40.10 -9.43 29.06
C MET D 259 39.13 -10.06 28.07
N THR D 260 37.86 -9.70 28.23
CA THR D 260 36.83 -10.06 27.28
C THR D 260 36.65 -8.89 26.33
N VAL D 261 36.74 -9.17 25.04
CA VAL D 261 36.55 -8.17 24.00
C VAL D 261 35.27 -8.53 23.26
N TRP D 262 34.43 -7.53 23.04
CA TRP D 262 33.14 -7.70 22.38
C TRP D 262 33.18 -7.10 20.98
N LEU D 263 32.58 -7.81 20.03
CA LEU D 263 32.33 -7.35 18.67
C LEU D 263 30.82 -7.31 18.48
N SER D 264 30.24 -6.12 18.34
CA SER D 264 28.80 -5.97 18.28
C SER D 264 28.35 -5.52 16.89
N THR D 265 27.26 -6.11 16.41
CA THR D 265 26.56 -5.56 15.25
C THR D 265 25.22 -4.92 15.64
N ALA D 266 25.12 -4.46 16.89
CA ALA D 266 23.90 -3.84 17.36
C ALA D 266 23.66 -2.49 16.67
N PRO D 267 22.39 -2.12 16.45
CA PRO D 267 22.11 -0.83 15.82
C PRO D 267 22.50 0.38 16.68
N THR D 268 22.82 0.18 17.96
CA THR D 268 23.34 1.24 18.81
C THR D 268 24.84 1.39 18.70
N GLU D 269 25.51 0.47 18.01
CA GLU D 269 26.95 0.43 17.92
C GLU D 269 27.37 0.84 16.52
N PRO D 270 28.64 1.19 16.31
CA PRO D 270 29.07 1.59 14.97
C PRO D 270 28.81 0.49 13.95
N LEU D 271 28.40 0.91 12.76
CA LEU D 271 27.99 -0.01 11.72
C LEU D 271 29.15 -0.88 11.26
N THR D 272 28.87 -2.18 11.13
CA THR D 272 29.75 -3.17 10.52
C THR D 272 29.18 -3.57 9.17
N HIS D 273 29.98 -4.31 8.40
CA HIS D 273 29.48 -4.79 7.10
C HIS D 273 28.40 -5.85 7.27
N TRP D 274 28.11 -6.28 8.50
CA TRP D 274 26.97 -7.16 8.75
C TRP D 274 25.66 -6.41 8.81
N TYR D 275 25.71 -5.09 8.98
CA TYR D 275 24.51 -4.28 9.23
C TYR D 275 23.65 -4.91 10.31
N GLN D 276 22.33 -4.96 10.06
CA GLN D 276 21.38 -5.70 10.88
C GLN D 276 20.40 -6.37 9.94
N VAL D 277 19.51 -7.18 10.49
CA VAL D 277 18.60 -7.95 9.67
C VAL D 277 17.19 -7.85 10.24
N ARG D 278 16.21 -7.71 9.36
CA ARG D 278 14.83 -7.61 9.78
C ARG D 278 14.00 -8.62 9.01
N CYS D 279 13.14 -9.35 9.73
CA CYS D 279 12.17 -10.24 9.12
C CYS D 279 10.78 -9.59 9.21
N LEU D 280 10.13 -9.45 8.06
CA LEU D 280 8.84 -8.76 7.95
C LEU D 280 7.67 -9.73 8.08
N PHE D 281 6.65 -9.30 8.81
CA PHE D 281 5.36 -9.98 8.78
C PHE D 281 4.60 -9.55 7.53
N GLN D 282 3.94 -10.51 6.87
CA GLN D 282 3.06 -10.17 5.76
C GLN D 282 1.91 -9.27 6.21
N SER D 283 1.51 -9.38 7.48
CA SER D 283 0.51 -8.46 7.99
C SER D 283 0.87 -8.06 9.42
N PRO D 284 1.02 -6.77 9.69
CA PRO D 284 1.51 -6.34 11.00
C PRO D 284 0.48 -6.58 12.09
N LEU D 285 1.00 -6.71 13.31
CA LEU D 285 0.18 -6.86 14.51
C LEU D 285 0.15 -5.54 15.25
N PHE D 286 -1.05 -5.17 15.72
CA PHE D 286 -1.17 -4.02 16.59
C PHE D 286 -0.98 -4.45 18.03
N ALA D 287 -0.33 -3.60 18.81
CA ALA D 287 -0.14 -3.79 20.23
C ALA D 287 -0.08 -2.42 20.89
N LYS D 288 -0.42 -2.39 22.17
CA LYS D 288 -0.28 -1.20 22.98
C LYS D 288 0.87 -1.35 23.96
N ALA D 289 1.34 -0.20 24.46
CA ALA D 289 2.26 -0.19 25.57
C ALA D 289 1.68 -1.00 26.73
N GLY D 290 2.51 -1.88 27.30
CA GLY D 290 2.09 -2.78 28.37
C GLY D 290 1.66 -4.15 27.91
N ASP D 291 1.41 -4.33 26.62
CA ASP D 291 1.07 -5.65 26.11
C ASP D 291 2.31 -6.54 26.04
N THR D 292 2.06 -7.84 25.91
CA THR D 292 3.11 -8.83 25.71
C THR D 292 2.95 -9.45 24.33
N LEU D 293 4.06 -9.56 23.60
CA LEU D 293 4.11 -10.19 22.29
C LEU D 293 4.98 -11.42 22.42
N SER D 294 4.43 -12.59 22.14
CA SER D 294 5.12 -13.82 22.47
C SER D 294 5.04 -14.80 21.30
N GLY D 295 6.04 -15.69 21.23
CA GLY D 295 6.08 -16.67 20.15
C GLY D 295 7.41 -17.36 20.09
N THR D 296 7.74 -17.86 18.90
CA THR D 296 8.95 -18.66 18.69
C THR D 296 9.56 -18.28 17.36
N CYS D 297 10.87 -18.08 17.35
CA CYS D 297 11.65 -18.00 16.13
C CYS D 297 12.40 -19.32 15.98
N LEU D 298 12.14 -20.04 14.89
CA LEU D 298 12.66 -21.39 14.69
C LEU D 298 13.52 -21.45 13.45
N LEU D 299 14.81 -21.77 13.63
CA LEU D 299 15.76 -21.90 12.53
C LEU D 299 16.03 -23.37 12.25
N ILE D 300 15.74 -23.80 11.02
CA ILE D 300 15.99 -25.15 10.54
C ILE D 300 17.09 -25.08 9.49
N ALA D 301 18.23 -25.70 9.78
CA ALA D 301 19.35 -25.71 8.84
C ALA D 301 18.95 -26.42 7.56
N ASN D 302 19.40 -25.89 6.41
CA ASN D 302 19.02 -26.45 5.13
C ASN D 302 20.27 -26.79 4.30
N LYS D 303 20.04 -27.44 3.15
CA LYS D 303 21.09 -27.96 2.29
C LYS D 303 21.65 -26.90 1.36
N ARG D 304 21.34 -25.63 1.62
CA ARG D 304 21.88 -24.51 0.87
C ARG D 304 22.78 -23.65 1.76
N GLN D 305 23.46 -24.26 2.72
CA GLN D 305 24.39 -23.56 3.62
C GLN D 305 23.67 -22.43 4.36
N SER D 306 22.42 -22.66 4.73
CA SER D 306 21.65 -21.61 5.41
C SER D 306 20.54 -22.23 6.24
N TYR D 307 19.55 -21.42 6.57
CA TYR D 307 18.47 -21.77 7.47
C TYR D 307 17.13 -21.33 6.87
N ASP D 308 16.12 -22.17 7.07
CA ASP D 308 14.75 -21.75 6.93
C ASP D 308 14.29 -21.26 8.29
N ILE D 309 13.70 -20.08 8.31
CA ILE D 309 13.32 -19.37 9.53
C ILE D 309 11.81 -19.38 9.65
N SER D 310 11.31 -19.83 10.78
CA SER D 310 9.88 -19.82 11.06
C SER D 310 9.64 -18.90 12.25
N ILE D 311 8.81 -17.88 12.05
CA ILE D 311 8.49 -16.92 13.12
C ILE D 311 6.98 -16.92 13.32
N VAL D 312 6.53 -17.39 14.48
CA VAL D 312 5.16 -17.19 14.91
C VAL D 312 5.20 -16.26 16.12
N ALA D 313 4.33 -15.25 16.11
CA ALA D 313 4.22 -14.28 17.18
C ALA D 313 2.75 -13.90 17.37
N GLN D 314 2.38 -13.62 18.62
CA GLN D 314 1.03 -13.17 18.88
C GLN D 314 1.02 -12.14 20.00
N VAL D 315 0.04 -11.24 19.92
CA VAL D 315 -0.29 -10.34 21.02
C VAL D 315 -1.12 -11.17 22.01
N ASP D 316 -0.58 -11.40 23.20
CA ASP D 316 -1.27 -12.26 24.15
C ASP D 316 -2.63 -11.69 24.55
N GLN D 317 -2.73 -10.37 24.68
CA GLN D 317 -3.97 -9.77 25.17
C GLN D 317 -5.13 -9.96 24.19
N THR D 318 -4.87 -9.89 22.88
CA THR D 318 -5.92 -9.95 21.88
C THR D 318 -5.97 -11.26 21.10
N GLY D 319 -4.93 -12.10 21.21
CA GLY D 319 -4.83 -13.30 20.39
C GLY D 319 -4.54 -13.03 18.92
N SER D 320 -4.20 -11.80 18.55
CA SER D 320 -3.79 -11.52 17.17
C SER D 320 -2.44 -12.17 16.87
N LYS D 321 -2.38 -12.99 15.82
CA LYS D 321 -1.25 -13.85 15.53
C LYS D 321 -0.70 -13.61 14.14
N SER D 322 0.64 -13.64 14.02
CA SER D 322 1.33 -13.54 12.74
C SER D 322 2.38 -14.65 12.63
N SER D 323 2.45 -15.27 11.46
CA SER D 323 3.43 -16.33 11.25
C SER D 323 4.02 -16.19 9.85
N ASN D 324 5.36 -16.15 9.77
CA ASN D 324 6.08 -16.04 8.51
C ASN D 324 7.13 -17.14 8.40
N LEU D 325 7.52 -17.43 7.17
CA LEU D 325 8.61 -18.36 6.86
C LEU D 325 9.62 -17.63 5.98
N LEU D 326 10.85 -17.54 6.45
CA LEU D 326 11.88 -16.72 5.82
C LEU D 326 12.94 -17.63 5.21
N ASP D 327 13.45 -17.22 4.05
CA ASP D 327 14.54 -17.91 3.36
C ASP D 327 15.81 -17.09 3.59
N LEU D 328 16.56 -17.46 4.64
CA LEU D 328 17.73 -16.69 5.01
C LEU D 328 18.74 -16.64 3.87
N LYS D 329 18.76 -17.66 3.01
CA LYS D 329 19.75 -17.69 1.94
C LYS D 329 19.52 -16.62 0.88
N ASN D 330 18.31 -16.07 0.76
CA ASN D 330 18.02 -15.11 -0.31
C ASN D 330 17.44 -13.83 0.28
N PRO D 331 18.27 -12.96 0.84
CA PRO D 331 17.78 -11.73 1.46
C PRO D 331 17.74 -10.54 0.52
N PHE D 332 17.01 -9.50 0.94
CA PHE D 332 17.05 -8.19 0.31
C PHE D 332 18.23 -7.43 0.91
N PHE D 333 19.32 -7.28 0.16
CA PHE D 333 20.47 -6.47 0.57
C PHE D 333 20.14 -4.99 0.32
N ARG D 334 19.25 -4.47 1.18
CA ARG D 334 18.69 -3.13 0.98
C ARG D 334 19.75 -2.03 1.04
N TYR D 335 20.84 -2.24 1.77
CA TYR D 335 21.83 -1.19 1.96
C TYR D 335 22.57 -0.80 0.69
N THR D 336 22.40 -1.54 -0.39
CA THR D 336 23.06 -1.23 -1.66
C THR D 336 22.31 -0.14 -2.42
#